data_4RJY
#
_entry.id   4RJY
#
_cell.length_a   77.160
_cell.length_b   104.880
_cell.length_c   84.910
_cell.angle_alpha   90.00
_cell.angle_beta   92.49
_cell.angle_gamma   90.00
#
_symmetry.space_group_name_H-M   'P 1 21 1'
#
loop_
_entity.id
_entity.type
_entity.pdbx_description
1 polymer 'Low specificity L-threonine aldolase'
2 non-polymer 'SODIUM ION'
3 non-polymer SERINE
4 water water
#
_entity_poly.entity_id   1
_entity_poly.type   'polypeptide(L)'
_entity_poly.pdbx_seq_one_letter_code
;MIDLRSDTVTRPSRAMLEAMMAAPVGDDVYGDDPTVNALQDYAAELSGKEAAIFLPTGTQANLVALLSHCERGEEYIVGQ
AAHNYLFEAGGAAVLGSIQPQPIDAAADGTLPLDKVAMKIKPDDIHFARTKLLSLENTHNGKVLPREYLKEAWEFTRKRN
LALHVDGARIFNAVVAYGCELKEITQYCDSFTICLS(LLP)GLGTPVGSLLVGNRDYIKRAIRWRKMTGGGMRQSGILAA
AGMYALKNNVARLQEDHDNTAWMAEQLREAGADVMRQDTNMLFVRVGEENAAALGEYMKARNVLINASPIVRLVTHLDVS
RAQLAEVAAHWRAFLAR
;
_entity_poly.pdbx_strand_id   A,B,C,D
#
# COMPACT_ATOMS: atom_id res chain seq x y z
N MET A 1 37.27 21.21 -14.63
CA MET A 1 35.82 20.88 -14.51
C MET A 1 35.21 21.67 -13.34
N ILE A 2 34.28 22.55 -13.64
CA ILE A 2 33.64 23.33 -12.60
C ILE A 2 32.22 22.81 -12.55
N ASP A 3 31.79 22.38 -11.37
CA ASP A 3 30.46 21.81 -11.24
C ASP A 3 29.55 22.56 -10.31
N LEU A 4 28.58 23.27 -10.90
CA LEU A 4 27.66 24.05 -10.12
C LEU A 4 26.25 23.49 -10.17
N ARG A 5 26.13 22.21 -10.51
CA ARG A 5 24.81 21.56 -10.60
C ARG A 5 24.18 21.40 -9.23
N SER A 6 24.98 20.93 -8.26
CA SER A 6 24.50 20.71 -6.89
C SER A 6 25.69 20.57 -5.97
N ASP A 7 25.45 20.46 -4.65
CA ASP A 7 26.53 20.22 -3.71
C ASP A 7 26.58 18.71 -3.46
N THR A 8 25.81 17.95 -4.24
CA THR A 8 25.82 16.50 -4.09
C THR A 8 27.02 15.96 -4.84
N VAL A 9 27.60 16.81 -5.69
CA VAL A 9 28.77 16.43 -6.49
C VAL A 9 30.08 16.52 -5.72
N THR A 10 30.03 16.83 -4.42
CA THR A 10 31.29 16.88 -3.67
C THR A 10 31.92 15.48 -3.75
N ARG A 11 33.24 15.41 -3.65
CA ARG A 11 33.95 14.13 -3.70
C ARG A 11 34.87 14.09 -2.50
N PRO A 12 35.26 12.89 -2.08
CA PRO A 12 36.14 12.73 -0.93
C PRO A 12 37.51 13.42 -1.05
N SER A 13 37.94 14.09 0.02
CA SER A 13 39.26 14.71 0.02
C SER A 13 40.19 13.56 0.43
N ARG A 14 41.48 13.71 0.19
CA ARG A 14 42.47 12.69 0.55
C ARG A 14 42.33 12.30 2.04
N ALA A 15 42.22 13.29 2.92
CA ALA A 15 42.07 13.01 4.36
C ALA A 15 40.85 12.13 4.65
N MET A 16 39.75 12.40 3.97
CA MET A 16 38.51 11.65 4.14
C MET A 16 38.68 10.22 3.62
N LEU A 17 39.45 10.05 2.55
CA LEU A 17 39.67 8.74 1.99
C LEU A 17 40.55 7.91 2.93
N GLU A 18 41.47 8.57 3.63
CA GLU A 18 42.33 7.84 4.56
C GLU A 18 41.51 7.39 5.76
N ALA A 19 40.59 8.22 6.22
CA ALA A 19 39.76 7.87 7.35
C ALA A 19 38.98 6.59 7.00
N MET A 20 38.29 6.64 5.88
CA MET A 20 37.51 5.52 5.43
C MET A 20 38.30 4.21 5.39
N MET A 21 39.48 4.24 4.77
CA MET A 21 40.29 3.03 4.64
C MET A 21 40.80 2.47 5.95
N ALA A 22 41.08 3.33 6.92
CA ALA A 22 41.59 2.91 8.21
C ALA A 22 40.51 2.44 9.20
N ALA A 23 39.26 2.80 8.92
CA ALA A 23 38.10 2.49 9.76
C ALA A 23 37.79 1.03 10.06
N PRO A 24 37.74 0.66 11.35
CA PRO A 24 37.42 -0.74 11.65
C PRO A 24 35.93 -0.91 11.31
N VAL A 25 35.57 -2.06 10.75
CA VAL A 25 34.19 -2.34 10.35
C VAL A 25 33.71 -3.69 10.84
N GLY A 26 32.41 -3.92 10.73
CA GLY A 26 31.82 -5.17 11.15
C GLY A 26 30.53 -5.31 10.37
N ASP A 27 29.65 -6.22 10.79
CA ASP A 27 28.38 -6.41 10.09
C ASP A 27 27.30 -5.58 10.78
N ASP A 28 26.77 -4.59 10.06
CA ASP A 28 25.75 -3.69 10.59
C ASP A 28 24.36 -4.29 10.87
N VAL A 29 24.00 -5.35 10.15
CA VAL A 29 22.70 -5.98 10.35
C VAL A 29 22.70 -6.67 11.71
N TYR A 30 23.87 -7.13 12.12
CA TYR A 30 24.04 -7.78 13.41
C TYR A 30 24.36 -6.70 14.43
N GLY A 31 24.78 -5.52 13.93
CA GLY A 31 25.12 -4.42 14.81
C GLY A 31 26.57 -4.43 15.25
N ASP A 32 27.43 -5.14 14.51
CA ASP A 32 28.85 -5.27 14.83
C ASP A 32 29.79 -4.21 14.23
N ASP A 33 29.27 -3.24 13.50
CA ASP A 33 30.18 -2.26 12.92
C ASP A 33 30.42 -1.10 13.89
N PRO A 34 31.64 -1.04 14.47
CA PRO A 34 32.07 -0.01 15.43
C PRO A 34 32.05 1.40 14.87
N THR A 35 32.36 1.54 13.59
CA THR A 35 32.37 2.89 13.03
C THR A 35 30.94 3.40 12.83
N VAL A 36 30.03 2.54 12.38
CA VAL A 36 28.64 2.96 12.21
C VAL A 36 28.08 3.37 13.59
N ASN A 37 28.33 2.53 14.59
CA ASN A 37 27.88 2.76 15.95
C ASN A 37 28.37 4.09 16.49
N ALA A 38 29.63 4.41 16.20
CA ALA A 38 30.19 5.64 16.68
C ALA A 38 29.55 6.83 15.94
N LEU A 39 29.38 6.69 14.62
CA LEU A 39 28.80 7.78 13.85
C LEU A 39 27.46 8.11 14.45
N GLN A 40 26.65 7.08 14.64
CA GLN A 40 25.33 7.26 15.21
C GLN A 40 25.33 7.80 16.63
N ASP A 41 26.22 7.31 17.48
CA ASP A 41 26.25 7.82 18.87
C ASP A 41 26.61 9.30 18.82
N TYR A 42 27.62 9.63 18.02
CA TYR A 42 28.07 11.01 17.89
C TYR A 42 26.95 11.99 17.54
N ALA A 43 26.20 11.68 16.48
CA ALA A 43 25.12 12.56 16.04
C ALA A 43 24.06 12.69 17.13
N ALA A 44 23.77 11.60 17.81
CA ALA A 44 22.78 11.61 18.88
C ALA A 44 23.12 12.65 19.95
N GLU A 45 24.31 12.56 20.52
CA GLU A 45 24.70 13.51 21.56
C GLU A 45 24.81 14.95 21.07
N LEU A 46 25.45 15.15 19.94
CA LEU A 46 25.59 16.49 19.38
C LEU A 46 24.24 17.20 19.26
N SER A 47 23.18 16.42 19.03
CA SER A 47 21.85 17.02 18.83
C SER A 47 20.89 16.97 20.01
N GLY A 48 21.27 16.23 21.05
CA GLY A 48 20.42 16.12 22.22
C GLY A 48 19.42 14.98 22.17
N LYS A 49 19.49 14.16 21.14
CA LYS A 49 18.57 13.03 20.97
C LYS A 49 19.12 11.70 21.48
N GLU A 50 18.23 10.78 21.83
CA GLU A 50 18.64 9.47 22.35
C GLU A 50 19.29 8.50 21.34
N ALA A 51 18.81 8.49 20.09
CA ALA A 51 19.39 7.56 19.11
C ALA A 51 19.56 8.14 17.69
N ALA A 52 20.31 7.40 16.88
CA ALA A 52 20.55 7.79 15.50
C ALA A 52 20.77 6.54 14.65
N ILE A 53 20.44 6.62 13.37
CA ILE A 53 20.59 5.52 12.44
C ILE A 53 21.07 6.00 11.08
N PHE A 54 22.11 5.34 10.56
CA PHE A 54 22.71 5.65 9.26
C PHE A 54 21.99 4.99 8.09
N LEU A 55 21.61 5.78 7.09
CA LEU A 55 20.93 5.25 5.91
C LEU A 55 21.73 5.55 4.66
N PRO A 56 21.43 4.86 3.54
CA PRO A 56 22.16 5.08 2.29
C PRO A 56 21.88 6.38 1.57
N THR A 57 20.70 6.96 1.76
CA THR A 57 20.38 8.21 1.10
C THR A 57 19.44 9.05 1.95
N GLY A 58 19.43 10.35 1.68
CA GLY A 58 18.54 11.25 2.39
C GLY A 58 17.07 10.92 2.09
N THR A 59 16.78 10.37 0.91
CA THR A 59 15.43 9.97 0.58
C THR A 59 15.01 8.80 1.50
N GLN A 60 15.80 7.74 1.55
CA GLN A 60 15.41 6.63 2.41
C GLN A 60 15.30 7.12 3.85
N ALA A 61 16.14 8.10 4.21
CA ALA A 61 16.09 8.69 5.54
C ALA A 61 14.68 9.25 5.81
N ASN A 62 14.13 9.99 4.85
CA ASN A 62 12.79 10.57 5.01
C ASN A 62 11.67 9.56 4.86
N LEU A 63 11.81 8.59 3.96
CA LEU A 63 10.76 7.56 3.82
C LEU A 63 10.65 6.84 5.15
N VAL A 64 11.79 6.41 5.69
CA VAL A 64 11.80 5.70 6.97
C VAL A 64 11.30 6.58 8.12
N ALA A 65 11.59 7.88 8.05
CA ALA A 65 11.18 8.84 9.08
C ALA A 65 9.66 8.89 9.07
N LEU A 66 9.11 9.06 7.87
CA LEU A 66 7.67 9.14 7.67
C LEU A 66 6.97 7.87 8.14
N LEU A 67 7.44 6.72 7.65
CA LEU A 67 6.89 5.42 8.05
C LEU A 67 6.94 5.26 9.57
N SER A 68 8.06 5.68 10.19
CA SER A 68 8.21 5.56 11.64
C SER A 68 7.29 6.46 12.45
N HIS A 69 6.76 7.53 11.85
CA HIS A 69 5.86 8.45 12.55
C HIS A 69 4.41 8.20 12.27
N CYS A 70 4.08 7.88 11.02
CA CYS A 70 2.69 7.67 10.65
C CYS A 70 2.33 6.25 10.26
N GLU A 71 1.32 5.73 10.95
CA GLU A 71 0.82 4.39 10.67
C GLU A 71 -0.07 4.55 9.45
N ARG A 72 -0.61 3.43 8.98
CA ARG A 72 -1.48 3.40 7.82
C ARG A 72 -2.72 4.25 8.11
N GLY A 73 -3.07 5.14 7.19
CA GLY A 73 -4.22 5.99 7.38
C GLY A 73 -3.92 7.31 8.08
N GLU A 74 -2.69 7.50 8.54
CA GLU A 74 -2.41 8.76 9.19
C GLU A 74 -1.88 9.76 8.17
N GLU A 75 -1.61 10.99 8.59
CA GLU A 75 -1.15 11.95 7.61
C GLU A 75 -0.18 12.98 8.14
N TYR A 76 0.67 13.47 7.24
CA TYR A 76 1.61 14.50 7.63
C TYR A 76 1.27 15.76 6.84
N ILE A 77 1.42 16.93 7.47
CA ILE A 77 1.20 18.20 6.80
C ILE A 77 2.60 18.58 6.36
N VAL A 78 2.74 18.98 5.10
CA VAL A 78 4.04 19.27 4.57
C VAL A 78 4.04 20.33 3.48
N GLY A 79 5.23 20.75 3.07
CA GLY A 79 5.35 21.77 2.04
C GLY A 79 5.07 21.25 0.65
N GLN A 80 4.32 22.04 -0.13
CA GLN A 80 3.99 21.65 -1.50
C GLN A 80 5.27 21.42 -2.31
N ALA A 81 6.30 22.18 -1.95
CA ALA A 81 7.61 22.10 -2.62
C ALA A 81 8.63 21.32 -1.79
N ALA A 82 8.20 20.71 -0.69
CA ALA A 82 9.12 19.94 0.16
C ALA A 82 9.65 18.69 -0.52
N HIS A 83 10.86 18.30 -0.15
CA HIS A 83 11.48 17.13 -0.73
C HIS A 83 10.75 15.83 -0.37
N ASN A 84 10.41 15.63 0.91
CA ASN A 84 9.74 14.38 1.27
C ASN A 84 8.29 14.33 0.77
N TYR A 85 7.85 15.37 0.06
CA TYR A 85 6.52 15.33 -0.54
C TYR A 85 6.62 15.31 -2.08
N LEU A 86 7.35 16.28 -2.62
CA LEU A 86 7.50 16.42 -4.07
C LEU A 86 8.63 15.64 -4.73
N PHE A 87 9.82 15.70 -4.16
CA PHE A 87 10.98 15.04 -4.76
C PHE A 87 11.29 13.60 -4.39
N GLU A 88 10.33 12.88 -3.84
CA GLU A 88 10.60 11.50 -3.49
C GLU A 88 9.60 10.54 -4.10
N ALA A 89 9.05 10.95 -5.26
CA ALA A 89 8.08 10.19 -6.04
C ALA A 89 6.83 9.75 -5.29
N GLY A 90 6.59 10.35 -4.14
CA GLY A 90 5.40 10.01 -3.37
C GLY A 90 5.49 8.70 -2.65
N GLY A 91 6.69 8.29 -2.27
CA GLY A 91 6.86 7.03 -1.57
C GLY A 91 6.04 6.89 -0.31
N ALA A 92 5.81 8.00 0.37
CA ALA A 92 5.03 8.00 1.59
C ALA A 92 3.60 7.51 1.35
N ALA A 93 3.03 7.88 0.22
CA ALA A 93 1.67 7.46 -0.11
C ALA A 93 1.74 6.11 -0.82
N VAL A 94 2.71 5.99 -1.73
CA VAL A 94 2.87 4.79 -2.53
C VAL A 94 3.23 3.54 -1.76
N LEU A 95 4.32 3.62 -0.99
CA LEU A 95 4.79 2.48 -0.22
C LEU A 95 4.23 2.44 1.20
N GLY A 96 4.29 3.57 1.89
CA GLY A 96 3.82 3.64 3.26
C GLY A 96 2.35 3.80 3.58
N SER A 97 1.51 4.00 2.57
CA SER A 97 0.06 4.17 2.77
C SER A 97 -0.26 5.34 3.69
N ILE A 98 0.53 6.40 3.57
CA ILE A 98 0.35 7.60 4.38
C ILE A 98 -0.20 8.73 3.49
N GLN A 99 -1.23 9.41 3.99
CA GLN A 99 -1.83 10.53 3.25
C GLN A 99 -1.06 11.84 3.47
N PRO A 100 -0.61 12.50 2.37
CA PRO A 100 0.13 13.77 2.49
C PRO A 100 -0.80 14.97 2.42
N GLN A 101 -0.54 15.99 3.23
CA GLN A 101 -1.39 17.18 3.17
C GLN A 101 -0.43 18.32 2.94
N PRO A 102 -0.16 18.61 1.66
CA PRO A 102 0.76 19.71 1.39
C PRO A 102 0.09 21.07 1.41
N ILE A 103 0.91 22.10 1.55
CA ILE A 103 0.45 23.49 1.52
C ILE A 103 1.60 24.38 1.08
N ASP A 104 1.29 25.56 0.60
CA ASP A 104 2.37 26.41 0.14
C ASP A 104 3.15 26.97 1.30
N ALA A 105 4.45 27.00 1.14
CA ALA A 105 5.34 27.55 2.14
C ALA A 105 5.41 29.06 1.93
N ALA A 106 5.60 29.80 3.01
CA ALA A 106 5.71 31.26 2.94
C ALA A 106 6.99 31.58 2.16
N ALA A 107 7.21 32.85 1.86
CA ALA A 107 8.40 33.26 1.10
C ALA A 107 9.71 32.95 1.83
N ASP A 108 9.70 33.06 3.15
CA ASP A 108 10.87 32.82 3.96
C ASP A 108 11.16 31.35 4.14
N GLY A 109 10.35 30.49 3.53
CA GLY A 109 10.60 29.06 3.65
C GLY A 109 9.78 28.30 4.67
N THR A 110 9.12 29.01 5.58
CA THR A 110 8.32 28.38 6.62
C THR A 110 6.90 28.00 6.18
N LEU A 111 6.29 27.05 6.90
CA LEU A 111 4.91 26.66 6.64
C LEU A 111 4.11 27.49 7.66
N PRO A 112 3.36 28.50 7.19
CA PRO A 112 2.57 29.35 8.09
C PRO A 112 1.82 28.48 9.11
N LEU A 113 2.17 28.61 10.39
CA LEU A 113 1.52 27.81 11.41
C LEU A 113 0.01 27.94 11.39
N ASP A 114 -0.49 29.13 11.08
CA ASP A 114 -1.93 29.33 11.05
C ASP A 114 -2.59 28.56 9.90
N LYS A 115 -1.79 28.31 8.86
CA LYS A 115 -2.25 27.57 7.68
C LYS A 115 -2.31 26.08 8.04
N VAL A 116 -1.31 25.65 8.80
CA VAL A 116 -1.19 24.28 9.25
C VAL A 116 -2.39 23.92 10.12
N ALA A 117 -2.84 24.86 10.93
CA ALA A 117 -3.96 24.59 11.81
C ALA A 117 -5.24 24.23 11.08
N MET A 118 -5.49 24.87 9.95
CA MET A 118 -6.71 24.62 9.18
C MET A 118 -6.66 23.26 8.49
N LYS A 119 -5.50 22.64 8.46
CA LYS A 119 -5.37 21.37 7.80
C LYS A 119 -5.39 20.19 8.74
N ILE A 120 -5.42 20.47 10.04
CA ILE A 120 -5.45 19.36 10.98
C ILE A 120 -6.89 18.86 10.99
N LYS A 121 -7.04 17.62 10.56
CA LYS A 121 -8.35 17.02 10.43
C LYS A 121 -9.02 16.67 11.74
N PRO A 122 -10.31 16.98 11.85
CA PRO A 122 -11.13 16.71 13.03
C PRO A 122 -11.08 15.21 13.21
N ASP A 123 -11.42 14.70 14.39
CA ASP A 123 -11.43 13.25 14.54
C ASP A 123 -12.79 12.78 14.05
N ASP A 124 -12.89 12.54 12.76
CA ASP A 124 -14.14 12.11 12.13
C ASP A 124 -13.81 11.06 11.07
N ILE A 125 -14.68 10.07 10.88
CA ILE A 125 -14.33 9.03 9.90
C ILE A 125 -14.11 9.42 8.43
N HIS A 126 -14.63 10.56 7.99
CA HIS A 126 -14.40 10.97 6.61
C HIS A 126 -12.96 11.43 6.34
N PHE A 127 -12.21 11.76 7.40
CA PHE A 127 -10.85 12.31 7.26
C PHE A 127 -9.68 11.44 7.70
N ALA A 128 -8.53 11.60 7.03
CA ALA A 128 -7.32 10.89 7.41
C ALA A 128 -6.89 11.50 8.75
N ARG A 129 -6.09 10.76 9.53
CA ARG A 129 -5.63 11.17 10.86
C ARG A 129 -4.33 11.98 10.91
N THR A 130 -4.44 13.30 10.97
CA THR A 130 -3.23 14.15 11.00
C THR A 130 -2.31 13.71 12.12
N LYS A 131 -1.06 13.38 11.79
CA LYS A 131 -0.14 12.92 12.84
C LYS A 131 1.18 13.66 12.96
N LEU A 132 1.70 14.13 11.82
CA LEU A 132 3.00 14.76 11.80
C LEU A 132 3.07 16.05 11.02
N LEU A 133 3.93 16.95 11.48
CA LEU A 133 4.18 18.20 10.79
C LEU A 133 5.63 18.04 10.30
N SER A 134 5.87 18.22 9.02
CA SER A 134 7.22 18.08 8.50
C SER A 134 7.76 19.39 7.97
N LEU A 135 8.93 19.78 8.46
CA LEU A 135 9.56 21.01 7.98
C LEU A 135 10.84 20.63 7.26
N GLU A 136 11.43 21.59 6.57
CA GLU A 136 12.67 21.37 5.84
C GLU A 136 13.57 22.59 6.10
N ASN A 137 14.60 22.44 6.94
CA ASN A 137 15.42 23.62 7.20
C ASN A 137 16.64 23.73 6.35
N THR A 138 16.54 24.84 5.63
CA THR A 138 17.38 25.35 4.57
C THR A 138 16.58 24.61 3.53
N HIS A 139 15.57 25.33 3.06
CA HIS A 139 14.63 24.89 2.05
C HIS A 139 15.06 25.74 0.87
N ASN A 140 15.77 25.14 -0.07
CA ASN A 140 16.28 25.86 -1.24
C ASN A 140 17.25 26.96 -0.83
N GLY A 141 18.03 26.68 0.22
CA GLY A 141 18.99 27.64 0.70
C GLY A 141 18.40 28.54 1.76
N LYS A 142 17.08 28.68 1.75
CA LYS A 142 16.39 29.52 2.72
C LYS A 142 16.61 29.01 4.13
N VAL A 143 17.04 29.91 5.00
CA VAL A 143 17.27 29.59 6.40
C VAL A 143 16.01 29.99 7.14
N LEU A 144 15.35 29.03 7.76
CA LEU A 144 14.13 29.35 8.47
C LEU A 144 14.44 30.16 9.72
N PRO A 145 13.59 31.15 10.01
CA PRO A 145 13.81 31.98 11.19
C PRO A 145 13.78 31.11 12.44
N ARG A 146 14.75 31.30 13.34
CA ARG A 146 14.77 30.49 14.56
C ARG A 146 13.51 30.64 15.40
N GLU A 147 12.91 31.83 15.41
CA GLU A 147 11.71 32.06 16.21
C GLU A 147 10.65 31.11 15.70
N TYR A 148 10.66 30.91 14.40
CA TYR A 148 9.71 30.01 13.77
C TYR A 148 9.96 28.61 14.28
N LEU A 149 11.23 28.20 14.32
CA LEU A 149 11.54 26.86 14.79
C LEU A 149 10.95 26.58 16.18
N LYS A 150 11.01 27.57 17.06
CA LYS A 150 10.46 27.41 18.41
C LYS A 150 8.94 27.40 18.34
N GLU A 151 8.38 28.35 17.61
CA GLU A 151 6.93 28.43 17.47
C GLU A 151 6.30 27.14 16.97
N ALA A 152 6.86 26.55 15.92
CA ALA A 152 6.32 25.31 15.38
C ALA A 152 6.37 24.21 16.42
N TRP A 153 7.46 24.19 17.18
CA TRP A 153 7.61 23.18 18.23
C TRP A 153 6.51 23.29 19.29
N GLU A 154 6.27 24.52 19.79
CA GLU A 154 5.24 24.75 20.80
C GLU A 154 3.87 24.43 20.21
N PHE A 155 3.62 24.95 19.02
CA PHE A 155 2.37 24.72 18.32
C PHE A 155 2.10 23.24 18.25
N THR A 156 3.10 22.46 17.83
CA THR A 156 2.87 21.03 17.75
C THR A 156 2.72 20.38 19.11
N ARG A 157 3.33 20.95 20.14
CA ARG A 157 3.21 20.40 21.50
C ARG A 157 1.75 20.60 21.94
N LYS A 158 1.25 21.81 21.72
CA LYS A 158 -0.13 22.12 22.07
C LYS A 158 -1.08 21.18 21.32
N ARG A 159 -0.87 21.05 20.01
CA ARG A 159 -1.74 20.22 19.18
C ARG A 159 -1.38 18.74 19.17
N ASN A 160 -0.43 18.36 20.00
CA ASN A 160 -0.02 16.97 20.07
C ASN A 160 0.24 16.43 18.65
N LEU A 161 1.20 17.04 17.97
CA LEU A 161 1.57 16.60 16.64
C LEU A 161 3.06 16.34 16.69
N ALA A 162 3.54 15.37 15.91
CA ALA A 162 4.97 15.12 15.86
C ALA A 162 5.54 16.17 14.94
N LEU A 163 6.79 16.54 15.16
CA LEU A 163 7.43 17.54 14.34
C LEU A 163 8.72 16.96 13.81
N HIS A 164 8.83 16.88 12.49
CA HIS A 164 10.02 16.33 11.88
C HIS A 164 10.64 17.36 10.98
N VAL A 165 11.96 17.46 11.04
CA VAL A 165 12.65 18.39 10.20
C VAL A 165 13.60 17.66 9.26
N ASP A 166 13.43 17.93 7.97
CA ASP A 166 14.27 17.32 6.95
C ASP A 166 15.50 18.22 6.96
N GLY A 167 16.60 17.70 7.48
CA GLY A 167 17.81 18.49 7.55
C GLY A 167 18.91 18.17 6.58
N ALA A 168 18.58 17.84 5.33
CA ALA A 168 19.63 17.53 4.37
C ALA A 168 20.68 18.63 4.36
N ARG A 169 20.26 19.87 4.64
CA ARG A 169 21.22 20.99 4.69
C ARG A 169 21.07 21.76 6.00
N ILE A 170 20.96 21.02 7.10
CA ILE A 170 20.80 21.64 8.40
C ILE A 170 22.04 22.38 8.92
N PHE A 171 23.23 21.99 8.46
CA PHE A 171 24.45 22.68 8.89
C PHE A 171 24.63 24.00 8.19
N ASN A 172 24.10 24.10 6.99
CA ASN A 172 24.19 25.35 6.28
C ASN A 172 23.41 26.34 7.15
N ALA A 173 22.32 25.86 7.74
CA ALA A 173 21.51 26.73 8.61
C ALA A 173 22.26 27.03 9.90
N VAL A 174 22.78 26.00 10.56
CA VAL A 174 23.52 26.13 11.81
C VAL A 174 24.59 27.22 11.67
N VAL A 175 25.41 27.11 10.63
CA VAL A 175 26.47 28.08 10.38
C VAL A 175 25.89 29.48 10.13
N ALA A 176 24.70 29.55 9.52
CA ALA A 176 24.09 30.85 9.29
C ALA A 176 23.54 31.40 10.61
N TYR A 177 23.14 30.50 11.51
CA TYR A 177 22.60 30.91 12.81
C TYR A 177 23.69 31.30 13.77
N GLY A 178 24.83 30.60 13.69
CA GLY A 178 25.93 30.89 14.57
C GLY A 178 25.70 30.27 15.94
N CYS A 179 24.73 29.36 16.00
CA CYS A 179 24.39 28.63 17.22
C CYS A 179 24.90 27.21 17.08
N GLU A 180 24.72 26.41 18.13
CA GLU A 180 25.13 25.01 18.13
C GLU A 180 23.94 24.21 17.61
N LEU A 181 24.20 23.07 16.97
CA LEU A 181 23.13 22.22 16.44
C LEU A 181 22.03 22.01 17.48
N LYS A 182 22.43 21.60 18.68
CA LYS A 182 21.51 21.34 19.78
C LYS A 182 20.49 22.45 19.99
N GLU A 183 20.89 23.70 19.78
CA GLU A 183 19.98 24.82 19.97
C GLU A 183 18.79 24.84 19.01
N ILE A 184 18.86 24.04 17.93
CA ILE A 184 17.73 23.99 16.99
C ILE A 184 17.05 22.60 16.96
N THR A 185 17.81 21.52 17.15
CA THR A 185 17.17 20.20 17.15
C THR A 185 16.36 19.99 18.44
N GLN A 186 16.50 20.90 19.40
CA GLN A 186 15.74 20.78 20.64
C GLN A 186 14.28 21.07 20.29
N TYR A 187 14.07 21.66 19.12
CA TYR A 187 12.73 21.99 18.67
C TYR A 187 12.09 21.04 17.68
N CYS A 188 12.39 19.76 17.81
CA CYS A 188 11.78 18.77 16.93
C CYS A 188 11.89 17.41 17.57
N ASP A 189 11.05 16.47 17.14
CA ASP A 189 11.08 15.13 17.66
C ASP A 189 12.08 14.29 16.87
N SER A 190 12.32 14.67 15.63
CA SER A 190 13.27 13.92 14.81
C SER A 190 13.80 14.78 13.69
N PHE A 191 14.97 14.41 13.17
CA PHE A 191 15.54 15.15 12.06
C PHE A 191 16.59 14.30 11.39
N THR A 192 16.88 14.67 10.15
CA THR A 192 17.86 13.96 9.36
C THR A 192 19.05 14.87 9.07
N ILE A 193 20.18 14.27 8.75
CA ILE A 193 21.39 15.00 8.40
C ILE A 193 21.88 14.38 7.09
N CYS A 194 22.23 15.20 6.09
CA CYS A 194 22.76 14.64 4.85
C CYS A 194 24.27 14.82 4.88
N LEU A 195 25.01 13.75 4.62
CA LEU A 195 26.46 13.80 4.67
C LEU A 195 27.11 13.98 3.31
N SER A 196 26.43 13.52 2.27
CA SER A 196 26.96 13.57 0.92
C SER A 196 26.72 14.84 0.13
N GLY A 198 26.83 19.20 1.03
CA GLY A 198 27.85 20.16 1.45
C GLY A 198 28.92 19.63 2.39
N LEU A 199 28.60 18.58 3.14
CA LEU A 199 29.56 18.03 4.08
C LEU A 199 30.66 17.23 3.38
N GLY A 200 30.47 16.96 2.10
CA GLY A 200 31.50 16.28 1.34
C GLY A 200 31.65 14.75 1.32
N THR A 201 30.69 14.04 1.88
CA THR A 201 30.75 12.59 1.93
C THR A 201 30.26 11.92 0.62
N PRO A 202 30.77 10.71 0.32
CA PRO A 202 30.40 9.94 -0.88
C PRO A 202 28.94 9.51 -0.89
N VAL A 203 28.51 8.93 0.23
CA VAL A 203 27.15 8.46 0.39
C VAL A 203 26.70 8.59 1.86
N GLY A 204 25.39 8.57 2.11
CA GLY A 204 24.93 8.62 3.48
C GLY A 204 24.12 9.77 4.01
N SER A 205 23.25 9.42 4.96
CA SER A 205 22.38 10.36 5.67
C SER A 205 22.14 9.75 7.04
N LEU A 206 21.61 10.55 7.95
CA LEU A 206 21.31 10.06 9.29
C LEU A 206 19.88 10.46 9.62
N LEU A 207 19.21 9.67 10.46
CA LEU A 207 17.87 9.97 10.95
C LEU A 207 18.06 9.90 12.45
N VAL A 208 17.76 10.99 13.14
CA VAL A 208 17.93 11.06 14.57
C VAL A 208 16.58 11.22 15.31
N GLY A 209 16.47 10.64 16.51
CA GLY A 209 15.26 10.76 17.30
C GLY A 209 15.29 9.96 18.58
N ASN A 210 14.12 9.57 19.08
CA ASN A 210 14.03 8.77 20.32
C ASN A 210 14.48 7.36 20.04
N ARG A 211 14.77 6.61 21.11
CA ARG A 211 15.21 5.24 20.96
C ARG A 211 14.10 4.33 20.42
N ASP A 212 12.87 4.55 20.83
CA ASP A 212 11.75 3.72 20.36
C ASP A 212 11.46 4.06 18.92
N TYR A 213 11.48 5.35 18.65
CA TYR A 213 11.21 5.84 17.33
C TYR A 213 12.24 5.22 16.39
N ILE A 214 13.52 5.27 16.77
CA ILE A 214 14.57 4.72 15.91
C ILE A 214 14.55 3.20 15.84
N LYS A 215 14.04 2.54 16.87
CA LYS A 215 13.99 1.08 16.83
C LYS A 215 13.05 0.67 15.71
N ARG A 216 11.95 1.38 15.54
CA ARG A 216 11.01 1.07 14.48
C ARG A 216 11.66 1.48 13.15
N ALA A 217 12.53 2.49 13.24
CA ALA A 217 13.20 2.98 12.05
C ALA A 217 14.15 1.91 11.50
N ILE A 218 14.68 1.08 12.38
CA ILE A 218 15.59 0.03 11.96
C ILE A 218 14.80 -1.06 11.22
N ARG A 219 13.55 -1.26 11.63
CA ARG A 219 12.71 -2.26 10.97
C ARG A 219 12.43 -1.77 9.56
N TRP A 220 11.93 -0.54 9.44
CA TRP A 220 11.63 0.00 8.13
C TRP A 220 12.89 0.11 7.26
N ARG A 221 14.02 0.46 7.84
CA ARG A 221 15.26 0.55 7.05
C ARG A 221 15.58 -0.79 6.40
N LYS A 222 15.25 -1.88 7.09
CA LYS A 222 15.52 -3.20 6.57
C LYS A 222 14.56 -3.53 5.41
N MET A 223 13.27 -3.32 5.62
CA MET A 223 12.29 -3.61 4.59
C MET A 223 12.57 -2.81 3.32
N THR A 224 12.85 -1.51 3.49
CA THR A 224 13.11 -0.66 2.34
C THR A 224 14.45 -1.00 1.69
N GLY A 225 15.28 -1.80 2.35
CA GLY A 225 16.56 -2.21 1.76
C GLY A 225 17.83 -1.43 2.06
N GLY A 226 17.88 -0.77 3.22
CA GLY A 226 19.03 0.04 3.59
C GLY A 226 19.87 -0.58 4.68
N GLY A 227 19.60 -1.84 5.01
CA GLY A 227 20.37 -2.51 6.04
C GLY A 227 21.64 -3.10 5.44
N MET A 228 22.64 -2.25 5.21
CA MET A 228 23.90 -2.72 4.63
C MET A 228 24.73 -3.51 5.64
N ARG A 229 25.83 -4.08 5.15
CA ARG A 229 26.74 -4.90 5.97
C ARG A 229 27.89 -4.13 6.63
N GLN A 230 29.05 -4.03 5.96
CA GLN A 230 30.19 -3.32 6.52
C GLN A 230 30.18 -1.85 6.10
N SER A 231 29.12 -1.13 6.46
CA SER A 231 29.01 0.27 6.10
C SER A 231 29.87 1.21 6.93
N GLY A 232 30.71 0.65 7.81
CA GLY A 232 31.58 1.47 8.64
C GLY A 232 32.49 2.33 7.79
N ILE A 233 32.91 1.74 6.68
CA ILE A 233 33.77 2.40 5.73
C ILE A 233 33.07 3.69 5.24
N LEU A 234 31.79 3.60 4.93
CA LEU A 234 31.03 4.77 4.47
C LEU A 234 30.87 5.76 5.61
N ALA A 235 30.47 5.26 6.77
CA ALA A 235 30.26 6.08 7.95
C ALA A 235 31.49 6.81 8.49
N ALA A 236 32.68 6.33 8.14
CA ALA A 236 33.93 6.94 8.58
C ALA A 236 34.07 8.34 7.99
N ALA A 237 33.62 8.48 6.74
CA ALA A 237 33.65 9.76 6.05
C ALA A 237 32.72 10.67 6.81
N GLY A 238 31.62 10.08 7.28
CA GLY A 238 30.61 10.81 8.03
C GLY A 238 31.17 11.50 9.26
N MET A 239 32.00 10.79 10.03
CA MET A 239 32.59 11.36 11.24
C MET A 239 33.59 12.40 10.83
N TYR A 240 34.41 12.06 9.84
CA TYR A 240 35.41 13.00 9.37
C TYR A 240 34.74 14.31 9.00
N ALA A 241 33.75 14.24 8.11
CA ALA A 241 33.05 15.43 7.66
C ALA A 241 32.39 16.22 8.80
N LEU A 242 31.81 15.53 9.77
CA LEU A 242 31.16 16.22 10.88
C LEU A 242 32.16 16.95 11.78
N LYS A 243 33.38 16.43 11.82
CA LYS A 243 34.42 17.04 12.63
C LYS A 243 35.34 18.00 11.87
N ASN A 244 35.19 18.07 10.55
CA ASN A 244 36.07 18.92 9.75
C ASN A 244 35.47 19.78 8.65
N ASN A 245 34.33 19.37 8.09
CA ASN A 245 33.76 20.11 6.99
C ASN A 245 32.56 20.98 7.37
N VAL A 246 32.29 21.11 8.66
CA VAL A 246 31.14 21.93 9.08
C VAL A 246 31.38 23.45 9.02
N ALA A 247 32.40 23.93 9.73
CA ALA A 247 32.70 25.36 9.77
C ALA A 247 33.09 25.96 8.44
N ARG A 248 33.72 25.16 7.57
CA ARG A 248 34.11 25.69 6.27
C ARG A 248 32.91 26.01 5.40
N LEU A 249 31.73 25.61 5.85
CA LEU A 249 30.50 25.88 5.10
C LEU A 249 30.31 27.39 4.84
N GLN A 250 30.87 28.21 5.72
CA GLN A 250 30.76 29.68 5.62
C GLN A 250 31.38 30.19 4.35
N GLU A 251 32.44 29.52 3.93
CA GLU A 251 33.19 29.86 2.74
C GLU A 251 32.25 29.75 1.52
N ASP A 252 31.47 28.67 1.46
CA ASP A 252 30.53 28.50 0.36
C ASP A 252 29.47 29.62 0.35
N HIS A 253 29.05 30.06 1.54
CA HIS A 253 28.06 31.15 1.64
C HIS A 253 28.67 32.45 1.09
N ASP A 254 29.86 32.78 1.58
CA ASP A 254 30.60 33.95 1.12
C ASP A 254 30.85 33.89 -0.38
N ASN A 255 31.20 32.71 -0.88
CA ASN A 255 31.45 32.55 -2.30
C ASN A 255 30.18 32.76 -3.06
N THR A 256 29.09 32.21 -2.54
CA THR A 256 27.80 32.34 -3.16
C THR A 256 27.35 33.80 -3.21
N ALA A 257 27.49 34.52 -2.10
CA ALA A 257 27.10 35.92 -2.11
C ALA A 257 27.98 36.63 -3.16
N TRP A 258 29.29 36.47 -3.03
CA TRP A 258 30.25 37.06 -3.94
C TRP A 258 29.92 36.82 -5.41
N MET A 259 29.65 35.56 -5.77
CA MET A 259 29.31 35.19 -7.14
C MET A 259 28.07 35.94 -7.63
N ALA A 260 27.07 36.05 -6.74
CA ALA A 260 25.86 36.76 -7.12
C ALA A 260 26.15 38.21 -7.48
N GLU A 261 27.14 38.83 -6.82
CA GLU A 261 27.47 40.22 -7.15
C GLU A 261 28.25 40.26 -8.47
N GLN A 262 29.05 39.24 -8.71
CA GLN A 262 29.81 39.14 -9.95
C GLN A 262 28.84 39.04 -11.14
N LEU A 263 27.89 38.11 -11.05
CA LEU A 263 26.91 37.91 -12.10
C LEU A 263 26.06 39.14 -12.36
N ARG A 264 25.82 39.95 -11.33
CA ARG A 264 25.02 41.15 -11.51
C ARG A 264 25.82 42.14 -12.32
N GLU A 265 27.02 42.43 -11.85
CA GLU A 265 27.89 43.35 -12.57
C GLU A 265 28.10 42.80 -14.00
N ALA A 266 28.06 41.48 -14.15
CA ALA A 266 28.23 40.84 -15.47
C ALA A 266 26.97 40.97 -16.33
N GLY A 267 25.92 41.58 -15.77
CA GLY A 267 24.69 41.76 -16.51
C GLY A 267 23.60 40.73 -16.29
N ALA A 268 23.84 39.75 -15.43
CA ALA A 268 22.81 38.75 -15.18
C ALA A 268 21.77 39.26 -14.19
N ASP A 269 20.56 38.74 -14.28
CA ASP A 269 19.49 39.14 -13.38
C ASP A 269 19.42 38.11 -12.25
N VAL A 270 20.12 38.40 -11.16
CA VAL A 270 20.14 37.48 -10.03
C VAL A 270 18.89 37.70 -9.16
N MET A 271 18.04 36.68 -9.13
CA MET A 271 16.78 36.74 -8.39
C MET A 271 16.89 36.63 -6.88
N ARG A 272 17.72 35.71 -6.40
CA ARG A 272 17.84 35.48 -4.97
C ARG A 272 19.10 34.69 -4.62
N GLN A 273 19.65 34.98 -3.44
CA GLN A 273 20.84 34.28 -2.95
C GLN A 273 20.60 33.91 -1.49
N ASP A 274 20.77 32.63 -1.15
CA ASP A 274 20.59 32.15 0.21
C ASP A 274 21.61 31.03 0.48
N THR A 275 22.35 31.17 1.59
CA THR A 275 23.41 30.24 2.00
C THR A 275 24.31 29.88 0.81
N ASN A 276 24.28 28.64 0.33
CA ASN A 276 25.14 28.25 -0.80
C ASN A 276 24.42 28.16 -2.14
N MET A 277 23.35 28.93 -2.29
CA MET A 277 22.57 28.91 -3.51
C MET A 277 22.25 30.29 -4.00
N LEU A 278 22.03 30.41 -5.30
CA LEU A 278 21.63 31.67 -5.88
C LEU A 278 20.92 31.29 -7.16
N PHE A 279 19.99 32.14 -7.58
CA PHE A 279 19.23 31.85 -8.77
C PHE A 279 19.33 32.97 -9.77
N VAL A 280 19.38 32.58 -11.03
CA VAL A 280 19.52 33.51 -12.14
C VAL A 280 18.37 33.37 -13.10
N ARG A 281 17.77 34.51 -13.47
CA ARG A 281 16.67 34.49 -14.42
C ARG A 281 17.30 34.50 -15.82
N VAL A 282 17.58 33.32 -16.36
CA VAL A 282 18.22 33.22 -17.66
C VAL A 282 17.23 33.36 -18.80
N GLY A 283 16.04 32.79 -18.63
CA GLY A 283 15.02 32.89 -19.66
C GLY A 283 14.91 31.63 -20.50
N GLU A 284 13.71 31.29 -20.92
CA GLU A 284 13.52 30.09 -21.72
C GLU A 284 14.29 30.14 -23.04
N GLU A 285 14.61 31.36 -23.49
CA GLU A 285 15.33 31.57 -24.73
C GLU A 285 16.81 31.21 -24.72
N ASN A 286 17.50 31.55 -23.63
CA ASN A 286 18.93 31.31 -23.47
C ASN A 286 19.31 30.12 -22.61
N ALA A 287 18.34 29.46 -22.00
CA ALA A 287 18.60 28.32 -21.15
C ALA A 287 19.46 27.24 -21.81
N ALA A 288 18.94 26.65 -22.88
CA ALA A 288 19.66 25.60 -23.60
C ALA A 288 21.01 26.10 -24.13
N ALA A 289 21.00 27.29 -24.72
CA ALA A 289 22.22 27.86 -25.27
C ALA A 289 23.25 28.03 -24.17
N LEU A 290 22.79 28.48 -23.00
CA LEU A 290 23.67 28.72 -21.86
C LEU A 290 24.30 27.43 -21.36
N GLY A 291 23.48 26.43 -21.11
CA GLY A 291 24.01 25.17 -20.60
C GLY A 291 25.13 24.60 -21.45
N GLU A 292 24.95 24.72 -22.75
CA GLU A 292 25.88 24.22 -23.76
C GLU A 292 27.15 25.06 -23.76
N TYR A 293 26.97 26.37 -23.81
CA TYR A 293 28.09 27.31 -23.85
C TYR A 293 29.06 27.03 -22.70
N MET A 294 28.50 26.80 -21.50
CA MET A 294 29.32 26.52 -20.33
C MET A 294 29.94 25.13 -20.44
N LYS A 295 29.13 24.18 -20.89
CA LYS A 295 29.58 22.81 -21.06
C LYS A 295 30.82 22.79 -21.92
N ALA A 296 30.82 23.58 -22.99
CA ALA A 296 31.96 23.64 -23.89
C ALA A 296 33.19 24.18 -23.18
N ARG A 297 32.97 24.90 -22.09
CA ARG A 297 34.07 25.48 -21.34
C ARG A 297 34.30 24.72 -20.04
N ASN A 298 33.77 23.51 -19.98
CA ASN A 298 33.94 22.65 -18.82
C ASN A 298 33.31 23.25 -17.58
N VAL A 299 32.12 23.80 -17.75
CA VAL A 299 31.35 24.35 -16.63
C VAL A 299 30.01 23.64 -16.68
N LEU A 300 29.72 22.81 -15.69
CA LEU A 300 28.45 22.10 -15.68
C LEU A 300 27.41 22.80 -14.83
N ILE A 301 26.27 23.10 -15.45
CA ILE A 301 25.16 23.75 -14.76
C ILE A 301 23.89 23.09 -15.23
N ASN A 302 22.84 23.18 -14.44
CA ASN A 302 21.54 22.62 -14.82
C ASN A 302 20.81 23.78 -15.51
N ALA A 303 20.80 23.76 -16.84
CA ALA A 303 20.15 24.81 -17.61
C ALA A 303 18.63 24.77 -17.41
N SER A 304 18.01 25.94 -17.50
CA SER A 304 16.57 26.10 -17.31
C SER A 304 16.32 27.60 -17.38
N PRO A 305 15.05 28.05 -17.43
CA PRO A 305 14.85 29.50 -17.50
C PRO A 305 15.33 30.15 -16.21
N ILE A 306 15.44 29.33 -15.17
CA ILE A 306 15.92 29.81 -13.90
C ILE A 306 16.98 28.84 -13.45
N VAL A 307 18.22 29.27 -13.52
CA VAL A 307 19.33 28.42 -13.16
C VAL A 307 19.71 28.49 -11.69
N ARG A 308 19.71 27.33 -11.03
CA ARG A 308 20.15 27.32 -9.66
C ARG A 308 21.62 26.91 -9.68
N LEU A 309 22.49 27.75 -9.14
CA LEU A 309 23.92 27.44 -9.06
C LEU A 309 24.19 27.11 -7.59
N VAL A 310 24.91 26.02 -7.33
CA VAL A 310 25.19 25.60 -5.97
C VAL A 310 26.69 25.58 -5.74
N THR A 311 27.13 26.14 -4.61
CA THR A 311 28.55 26.16 -4.29
C THR A 311 28.82 25.10 -3.24
N HIS A 312 30.02 24.54 -3.28
CA HIS A 312 30.43 23.52 -2.33
C HIS A 312 31.94 23.53 -2.21
N LEU A 313 32.49 22.59 -1.44
CA LEU A 313 33.92 22.54 -1.25
C LEU A 313 34.73 22.19 -2.52
N ASP A 314 34.07 21.85 -3.63
CA ASP A 314 34.77 21.55 -4.88
C ASP A 314 34.73 22.69 -5.90
N VAL A 315 34.35 23.88 -5.46
CA VAL A 315 34.36 25.04 -6.34
C VAL A 315 34.89 26.25 -5.56
N SER A 316 36.07 26.72 -5.93
CA SER A 316 36.73 27.85 -5.28
C SER A 316 36.30 29.16 -5.91
N ARG A 317 36.71 30.28 -5.30
CA ARG A 317 36.32 31.57 -5.85
C ARG A 317 37.06 31.88 -7.15
N ALA A 318 38.25 31.29 -7.32
CA ALA A 318 39.02 31.51 -8.54
C ALA A 318 38.20 30.94 -9.69
N GLN A 319 37.63 29.75 -9.47
CA GLN A 319 36.82 29.10 -10.49
C GLN A 319 35.53 29.87 -10.72
N LEU A 320 34.93 30.36 -9.64
CA LEU A 320 33.70 31.14 -9.73
C LEU A 320 33.95 32.39 -10.56
N ALA A 321 35.18 32.91 -10.46
CA ALA A 321 35.60 34.09 -11.21
C ALA A 321 35.63 33.72 -12.70
N GLU A 322 36.16 32.55 -13.02
CA GLU A 322 36.21 32.06 -14.38
C GLU A 322 34.79 32.03 -14.91
N VAL A 323 33.92 31.37 -14.16
CA VAL A 323 32.52 31.19 -14.54
C VAL A 323 31.79 32.52 -14.82
N ALA A 324 31.90 33.48 -13.92
CA ALA A 324 31.24 34.77 -14.15
C ALA A 324 31.76 35.41 -15.44
N ALA A 325 33.05 35.20 -15.69
CA ALA A 325 33.71 35.71 -16.89
C ALA A 325 33.07 35.13 -18.15
N HIS A 326 32.76 33.83 -18.14
CA HIS A 326 32.15 33.21 -19.31
C HIS A 326 30.74 33.74 -19.45
N TRP A 327 30.11 33.99 -18.32
CA TRP A 327 28.74 34.47 -18.30
C TRP A 327 28.66 35.87 -18.83
N ARG A 328 29.60 36.71 -18.42
CA ARG A 328 29.58 38.09 -18.91
C ARG A 328 29.71 38.03 -20.43
N ALA A 329 30.55 37.12 -20.92
CA ALA A 329 30.78 36.94 -22.37
C ALA A 329 29.58 36.31 -23.07
N PHE A 330 28.91 35.39 -22.41
CA PHE A 330 27.74 34.76 -22.99
C PHE A 330 26.76 35.89 -23.25
N LEU A 331 26.39 36.57 -22.17
CA LEU A 331 25.43 37.66 -22.25
C LEU A 331 25.77 38.62 -23.38
N ALA A 332 27.03 38.66 -23.79
CA ALA A 332 27.44 39.54 -24.88
C ALA A 332 27.88 38.73 -26.11
N MET B 1 39.01 -13.69 15.73
CA MET B 1 37.62 -14.20 15.81
C MET B 1 37.33 -15.16 14.67
N ILE B 2 36.53 -16.19 14.94
CA ILE B 2 36.17 -17.15 13.91
C ILE B 2 34.67 -17.00 13.69
N ASP B 3 34.30 -16.30 12.62
CA ASP B 3 32.89 -16.04 12.32
C ASP B 3 32.26 -17.03 11.34
N LEU B 4 31.42 -17.92 11.86
CA LEU B 4 30.77 -18.92 11.02
C LEU B 4 29.26 -18.67 10.93
N ARG B 5 28.80 -17.53 11.41
CA ARG B 5 27.37 -17.25 11.37
C ARG B 5 26.87 -17.12 9.94
N SER B 6 27.60 -16.39 9.09
CA SER B 6 27.19 -16.20 7.70
C SER B 6 28.35 -15.69 6.85
N ASP B 7 28.21 -15.76 5.52
CA ASP B 7 29.26 -15.25 4.64
C ASP B 7 29.14 -13.74 4.47
N THR B 8 28.11 -13.16 5.06
CA THR B 8 27.91 -11.72 4.97
C THR B 8 28.98 -10.99 5.78
N VAL B 9 29.58 -11.70 6.73
CA VAL B 9 30.61 -11.11 7.58
C VAL B 9 31.99 -10.85 6.95
N THR B 10 32.16 -11.16 5.66
CA THR B 10 33.45 -10.97 4.98
C THR B 10 33.94 -9.51 4.92
N ARG B 11 35.21 -9.25 5.25
CA ARG B 11 35.74 -7.89 5.20
C ARG B 11 36.64 -7.67 3.99
N PRO B 12 36.70 -6.43 3.47
CA PRO B 12 37.51 -6.05 2.31
C PRO B 12 38.96 -6.51 2.40
N SER B 13 39.54 -6.93 1.28
CA SER B 13 40.94 -7.33 1.28
C SER B 13 41.76 -6.07 0.97
N ARG B 14 43.08 -6.15 1.12
CA ARG B 14 43.97 -5.02 0.86
C ARG B 14 43.87 -4.57 -0.59
N ALA B 15 43.84 -5.56 -1.48
CA ALA B 15 43.72 -5.30 -2.91
C ALA B 15 42.35 -4.67 -3.22
N MET B 16 41.32 -5.17 -2.55
CA MET B 16 39.98 -4.64 -2.78
C MET B 16 39.92 -3.19 -2.29
N LEU B 17 40.51 -2.92 -1.14
CA LEU B 17 40.51 -1.57 -0.60
C LEU B 17 41.28 -0.60 -1.45
N GLU B 18 42.35 -1.07 -2.07
CA GLU B 18 43.16 -0.21 -2.93
C GLU B 18 42.38 0.15 -4.17
N ALA B 19 41.55 -0.78 -4.63
CA ALA B 19 40.74 -0.54 -5.82
C ALA B 19 39.67 0.51 -5.52
N MET B 20 39.21 0.55 -4.28
CA MET B 20 38.19 1.50 -3.89
C MET B 20 38.71 2.95 -3.74
N MET B 21 39.86 3.09 -3.09
CA MET B 21 40.44 4.43 -2.88
C MET B 21 40.92 5.04 -4.18
N ALA B 22 41.04 4.22 -5.22
CA ALA B 22 41.52 4.71 -6.51
C ALA B 22 40.41 4.98 -7.50
N ALA B 23 39.41 4.11 -7.55
CA ALA B 23 38.32 4.26 -8.48
C ALA B 23 37.81 5.69 -8.66
N PRO B 24 37.55 6.08 -9.90
CA PRO B 24 37.04 7.42 -10.20
C PRO B 24 35.53 7.44 -9.93
N VAL B 25 34.93 8.60 -9.65
CA VAL B 25 33.50 8.64 -9.37
C VAL B 25 32.78 9.89 -9.84
N GLY B 26 31.46 9.86 -9.67
CA GLY B 26 30.62 10.98 -10.06
C GLY B 26 29.34 10.88 -9.28
N ASP B 27 28.29 11.53 -9.77
CA ASP B 27 27.00 11.48 -9.07
C ASP B 27 26.12 10.45 -9.80
N ASP B 28 25.90 9.31 -9.16
CA ASP B 28 25.11 8.24 -9.75
C ASP B 28 23.69 8.66 -10.06
N VAL B 29 23.11 9.52 -9.23
CA VAL B 29 21.74 9.96 -9.52
C VAL B 29 21.79 10.67 -10.89
N TYR B 30 22.86 11.43 -11.13
CA TYR B 30 23.03 12.14 -12.39
C TYR B 30 23.45 11.17 -13.49
N GLY B 31 23.97 10.01 -13.08
CA GLY B 31 24.43 9.00 -14.03
C GLY B 31 25.90 9.17 -14.40
N ASP B 32 26.62 9.95 -13.59
CA ASP B 32 28.03 10.26 -13.80
C ASP B 32 29.05 9.28 -13.28
N ASP B 33 28.69 8.37 -12.38
CA ASP B 33 29.72 7.48 -11.89
C ASP B 33 30.21 6.50 -12.94
N PRO B 34 31.47 6.64 -13.34
CA PRO B 34 32.07 5.77 -14.35
C PRO B 34 32.21 4.36 -13.82
N THR B 35 32.67 4.28 -12.58
CA THR B 35 32.87 3.00 -11.93
C THR B 35 31.53 2.29 -11.72
N VAL B 36 30.49 3.03 -11.34
CA VAL B 36 29.20 2.41 -11.16
C VAL B 36 28.73 1.93 -12.54
N ASN B 37 28.87 2.78 -13.56
CA ASN B 37 28.43 2.38 -14.89
C ASN B 37 29.21 1.18 -15.46
N ALA B 38 30.47 1.04 -15.08
CA ALA B 38 31.30 -0.05 -15.58
C ALA B 38 30.95 -1.37 -14.92
N LEU B 39 30.47 -1.30 -13.68
CA LEU B 39 30.09 -2.49 -12.95
C LEU B 39 28.75 -2.98 -13.52
N GLN B 40 27.88 -2.05 -13.85
CA GLN B 40 26.60 -2.43 -14.43
C GLN B 40 26.84 -3.07 -15.79
N ASP B 41 27.48 -2.35 -16.71
CA ASP B 41 27.76 -2.88 -18.03
C ASP B 41 28.47 -4.24 -17.97
N TYR B 42 29.47 -4.34 -17.09
CA TYR B 42 30.20 -5.59 -16.98
C TYR B 42 29.29 -6.77 -16.72
N ALA B 43 28.56 -6.69 -15.60
CA ALA B 43 27.64 -7.72 -15.18
C ALA B 43 26.62 -8.09 -16.25
N ALA B 44 25.97 -7.10 -16.84
CA ALA B 44 24.98 -7.37 -17.89
C ALA B 44 25.67 -8.17 -18.99
N GLU B 45 26.84 -7.68 -19.40
CA GLU B 45 27.64 -8.31 -20.42
C GLU B 45 27.92 -9.78 -20.11
N LEU B 46 28.36 -10.03 -18.88
CA LEU B 46 28.72 -11.36 -18.39
C LEU B 46 27.59 -12.36 -18.35
N SER B 47 26.37 -11.88 -18.21
CA SER B 47 25.23 -12.77 -18.11
C SER B 47 24.38 -12.80 -19.37
N GLY B 48 24.77 -12.02 -20.37
CA GLY B 48 24.03 -11.98 -21.60
C GLY B 48 22.74 -11.18 -21.50
N LYS B 49 22.73 -10.11 -20.71
CA LYS B 49 21.54 -9.28 -20.57
C LYS B 49 21.80 -7.86 -21.05
N GLU B 50 20.74 -7.08 -21.17
CA GLU B 50 20.86 -5.73 -21.66
C GLU B 50 21.40 -4.72 -20.65
N ALA B 51 20.85 -4.72 -19.44
CA ALA B 51 21.28 -3.74 -18.46
C ALA B 51 21.41 -4.29 -17.08
N ALA B 52 21.98 -3.46 -16.22
CA ALA B 52 22.23 -3.76 -14.81
C ALA B 52 22.12 -2.50 -13.96
N ILE B 53 21.61 -2.66 -12.74
CA ILE B 53 21.47 -1.57 -11.79
C ILE B 53 22.07 -2.00 -10.43
N PHE B 54 22.95 -1.17 -9.89
CA PHE B 54 23.63 -1.40 -8.61
C PHE B 54 22.70 -1.02 -7.46
N LEU B 55 22.75 -1.79 -6.39
CA LEU B 55 21.88 -1.55 -5.24
C LEU B 55 22.60 -1.68 -3.90
N PRO B 56 22.09 -0.98 -2.85
CA PRO B 56 22.62 -0.96 -1.48
C PRO B 56 22.67 -2.34 -0.84
N THR B 57 21.61 -3.12 -1.06
CA THR B 57 21.55 -4.47 -0.52
C THR B 57 20.79 -5.44 -1.42
N GLY B 58 20.90 -6.73 -1.14
CA GLY B 58 20.21 -7.72 -1.93
C GLY B 58 18.73 -7.67 -1.62
N THR B 59 18.41 -7.16 -0.44
CA THR B 59 17.01 -7.04 -0.06
C THR B 59 16.34 -6.03 -0.99
N GLN B 60 17.00 -4.90 -1.22
CA GLN B 60 16.40 -3.89 -2.08
C GLN B 60 16.40 -4.37 -3.52
N ALA B 61 17.42 -5.16 -3.85
CA ALA B 61 17.56 -5.71 -5.18
C ALA B 61 16.30 -6.49 -5.46
N ASN B 62 15.86 -7.24 -4.46
CA ASN B 62 14.65 -8.05 -4.60
C ASN B 62 13.40 -7.21 -4.50
N LEU B 63 13.37 -6.26 -3.58
CA LEU B 63 12.18 -5.42 -3.46
C LEU B 63 11.92 -4.73 -4.81
N VAL B 64 12.96 -4.13 -5.38
CA VAL B 64 12.85 -3.45 -6.67
C VAL B 64 12.51 -4.41 -7.82
N ALA B 65 13.10 -5.60 -7.81
CA ALA B 65 12.81 -6.58 -8.86
C ALA B 65 11.33 -6.92 -8.88
N LEU B 66 10.78 -7.21 -7.71
CA LEU B 66 9.38 -7.56 -7.61
C LEU B 66 8.46 -6.39 -8.00
N LEU B 67 8.81 -5.18 -7.55
CA LEU B 67 8.02 -4.00 -7.86
C LEU B 67 8.01 -3.79 -9.36
N SER B 68 9.13 -4.13 -9.99
CA SER B 68 9.28 -3.98 -11.43
C SER B 68 8.55 -5.07 -12.23
N HIS B 69 8.35 -6.23 -11.63
CA HIS B 69 7.63 -7.28 -12.35
C HIS B 69 6.14 -7.22 -12.12
N CYS B 70 5.76 -6.92 -10.89
CA CYS B 70 4.35 -6.93 -10.51
C CYS B 70 3.66 -5.63 -10.16
N GLU B 71 2.47 -5.46 -10.72
CA GLU B 71 1.71 -4.27 -10.42
C GLU B 71 0.81 -4.50 -9.20
N ARG B 72 0.33 -3.40 -8.64
CA ARG B 72 -0.58 -3.44 -7.50
C ARG B 72 -1.69 -4.42 -7.87
N GLY B 73 -1.80 -5.53 -7.13
CA GLY B 73 -2.84 -6.50 -7.40
C GLY B 73 -2.36 -7.80 -8.05
N GLU B 74 -1.11 -7.81 -8.47
CA GLU B 74 -0.56 -9.01 -9.08
C GLU B 74 0.09 -9.86 -8.01
N GLU B 75 0.43 -11.10 -8.39
CA GLU B 75 0.98 -12.08 -7.47
C GLU B 75 2.29 -12.76 -7.93
N TYR B 76 3.11 -13.20 -7.00
CA TYR B 76 4.33 -13.90 -7.39
C TYR B 76 4.40 -15.21 -6.62
N ILE B 77 4.57 -16.31 -7.34
CA ILE B 77 4.66 -17.62 -6.71
C ILE B 77 6.11 -17.72 -6.27
N VAL B 78 6.30 -18.04 -4.99
CA VAL B 78 7.61 -18.06 -4.39
C VAL B 78 7.72 -19.11 -3.30
N GLY B 79 8.96 -19.41 -2.90
CA GLY B 79 9.18 -20.41 -1.86
C GLY B 79 8.69 -19.98 -0.50
N GLN B 80 8.20 -20.95 0.27
CA GLN B 80 7.69 -20.72 1.63
C GLN B 80 8.86 -20.33 2.52
N ALA B 81 10.06 -20.66 2.05
CA ALA B 81 11.31 -20.39 2.74
C ALA B 81 12.26 -19.50 1.93
N ALA B 82 11.73 -18.80 0.93
CA ALA B 82 12.57 -17.94 0.12
C ALA B 82 12.84 -16.58 0.77
N HIS B 83 14.00 -16.04 0.46
CA HIS B 83 14.38 -14.78 1.05
C HIS B 83 13.44 -13.64 0.70
N ASN B 84 13.11 -13.51 -0.59
CA ASN B 84 12.25 -12.41 -0.96
C ASN B 84 10.79 -12.61 -0.56
N TYR B 85 10.51 -13.71 0.13
CA TYR B 85 9.16 -13.92 0.63
C TYR B 85 9.15 -13.79 2.15
N LEU B 86 10.05 -14.54 2.77
CA LEU B 86 10.15 -14.62 4.22
C LEU B 86 11.14 -13.69 4.90
N PHE B 87 12.36 -13.58 4.36
CA PHE B 87 13.40 -12.76 5.00
C PHE B 87 13.49 -11.31 4.64
N GLU B 88 12.41 -10.75 4.09
CA GLU B 88 12.41 -9.34 3.72
C GLU B 88 11.21 -8.57 4.30
N ALA B 89 10.68 -9.14 5.38
CA ALA B 89 9.59 -8.55 6.16
C ALA B 89 8.28 -8.30 5.42
N GLY B 90 8.08 -8.97 4.29
CA GLY B 90 6.85 -8.83 3.54
C GLY B 90 6.81 -7.51 2.81
N GLY B 91 7.98 -6.99 2.47
CA GLY B 91 8.06 -5.72 1.75
C GLY B 91 7.27 -5.72 0.44
N ALA B 92 7.21 -6.87 -0.21
CA ALA B 92 6.49 -6.96 -1.48
C ALA B 92 5.01 -6.63 -1.26
N ALA B 93 4.43 -7.18 -0.19
CA ALA B 93 3.03 -6.93 0.16
C ALA B 93 2.87 -5.59 0.88
N VAL B 94 3.54 -5.48 2.02
CA VAL B 94 3.48 -4.29 2.83
C VAL B 94 3.68 -3.02 2.01
N LEU B 95 4.79 -2.96 1.29
CA LEU B 95 5.16 -1.78 0.50
C LEU B 95 4.75 -1.82 -0.95
N GLY B 96 4.91 -3.00 -1.58
CA GLY B 96 4.62 -3.16 -2.99
C GLY B 96 3.20 -3.44 -3.44
N SER B 97 2.31 -3.77 -2.52
CA SER B 97 0.91 -4.09 -2.83
C SER B 97 0.81 -5.31 -3.75
N ILE B 98 1.80 -6.19 -3.66
CA ILE B 98 1.85 -7.42 -4.44
C ILE B 98 1.43 -8.61 -3.57
N GLN B 99 0.60 -9.50 -4.09
CA GLN B 99 0.13 -10.68 -3.35
C GLN B 99 1.15 -11.81 -3.44
N PRO B 100 1.70 -12.26 -2.29
CA PRO B 100 2.68 -13.34 -2.33
C PRO B 100 1.95 -14.69 -2.22
N GLN B 101 2.38 -15.68 -3.02
CA GLN B 101 1.77 -17.00 -3.00
C GLN B 101 2.88 -18.01 -2.74
N PRO B 102 3.15 -18.31 -1.46
CA PRO B 102 4.21 -19.27 -1.13
C PRO B 102 3.79 -20.74 -1.24
N ILE B 103 4.76 -21.59 -1.53
CA ILE B 103 4.55 -23.03 -1.64
C ILE B 103 5.84 -23.66 -1.18
N ASP B 104 5.77 -24.88 -0.68
CA ASP B 104 7.00 -25.52 -0.25
C ASP B 104 7.88 -25.95 -1.39
N ALA B 105 9.18 -25.91 -1.13
CA ALA B 105 10.16 -26.33 -2.10
C ALA B 105 10.34 -27.83 -1.95
N ALA B 106 10.88 -28.45 -2.99
CA ALA B 106 11.17 -29.87 -2.97
C ALA B 106 12.51 -29.95 -2.28
N ALA B 107 12.89 -31.16 -1.86
CA ALA B 107 14.15 -31.40 -1.18
C ALA B 107 15.36 -30.78 -1.86
N ASP B 108 15.47 -30.88 -3.18
CA ASP B 108 16.62 -30.31 -3.89
C ASP B 108 16.57 -28.78 -3.95
N GLY B 109 15.59 -28.19 -3.26
CA GLY B 109 15.46 -26.75 -3.24
C GLY B 109 14.67 -26.15 -4.39
N THR B 110 14.15 -26.98 -5.29
CA THR B 110 13.39 -26.44 -6.42
C THR B 110 11.89 -26.38 -6.08
N LEU B 111 11.16 -25.54 -6.82
CA LEU B 111 9.71 -25.38 -6.67
C LEU B 111 9.03 -26.23 -7.73
N PRO B 112 8.48 -27.37 -7.33
CA PRO B 112 7.79 -28.28 -8.25
C PRO B 112 6.80 -27.59 -9.22
N LEU B 113 7.14 -27.63 -10.51
CA LEU B 113 6.34 -27.01 -11.56
C LEU B 113 4.89 -27.47 -11.51
N ASP B 114 4.71 -28.68 -11.00
CA ASP B 114 3.39 -29.27 -10.87
C ASP B 114 2.61 -28.50 -9.81
N LYS B 115 3.30 -28.17 -8.72
CA LYS B 115 2.67 -27.43 -7.64
C LYS B 115 2.52 -25.99 -8.07
N VAL B 116 3.49 -25.49 -8.84
CA VAL B 116 3.43 -24.11 -9.29
C VAL B 116 2.21 -23.95 -10.16
N ALA B 117 2.02 -24.91 -11.08
CA ALA B 117 0.89 -24.87 -12.00
C ALA B 117 -0.44 -24.77 -11.24
N MET B 118 -0.57 -25.54 -10.18
CA MET B 118 -1.80 -25.53 -9.39
C MET B 118 -2.05 -24.20 -8.69
N LYS B 119 -1.05 -23.33 -8.67
CA LYS B 119 -1.21 -22.07 -7.97
C LYS B 119 -1.47 -20.88 -8.87
N ILE B 120 -1.25 -21.06 -10.18
CA ILE B 120 -1.49 -20.02 -11.16
C ILE B 120 -2.99 -19.76 -11.14
N LYS B 121 -3.38 -18.52 -10.87
CA LYS B 121 -4.80 -18.17 -10.77
C LYS B 121 -5.61 -17.98 -12.04
N PRO B 122 -6.87 -18.43 -12.02
CA PRO B 122 -7.73 -18.29 -13.20
C PRO B 122 -7.94 -16.78 -13.36
N ASP B 123 -8.36 -16.35 -14.54
CA ASP B 123 -8.62 -14.93 -14.74
C ASP B 123 -10.02 -14.73 -14.20
N ASP B 124 -10.11 -14.65 -12.89
CA ASP B 124 -11.38 -14.48 -12.16
C ASP B 124 -11.19 -13.38 -11.10
N ILE B 125 -12.16 -12.49 -10.99
CA ILE B 125 -12.06 -11.38 -10.04
C ILE B 125 -11.91 -11.78 -8.58
N HIS B 126 -12.03 -13.06 -8.27
CA HIS B 126 -11.86 -13.52 -6.90
C HIS B 126 -10.37 -13.70 -6.59
N PHE B 127 -9.55 -13.75 -7.64
CA PHE B 127 -8.13 -14.00 -7.43
C PHE B 127 -7.15 -12.91 -7.78
N ALA B 128 -5.97 -13.00 -7.18
CA ALA B 128 -4.91 -12.06 -7.46
C ALA B 128 -4.42 -12.51 -8.84
N ARG B 129 -3.82 -11.58 -9.59
CA ARG B 129 -3.34 -11.93 -10.93
C ARG B 129 -1.92 -12.47 -10.89
N THR B 130 -1.77 -13.77 -11.13
CA THR B 130 -0.46 -14.41 -11.09
C THR B 130 0.42 -13.90 -12.24
N LYS B 131 1.53 -13.27 -11.88
CA LYS B 131 2.42 -12.70 -12.89
C LYS B 131 3.83 -13.25 -12.90
N LEU B 132 4.39 -13.51 -11.72
CA LEU B 132 5.78 -13.92 -11.65
C LEU B 132 6.10 -15.20 -10.89
N LEU B 133 7.20 -15.84 -11.31
CA LEU B 133 7.73 -17.04 -10.66
C LEU B 133 9.10 -16.60 -10.16
N SER B 134 9.29 -16.68 -8.84
CA SER B 134 10.57 -16.30 -8.24
C SER B 134 11.32 -17.52 -7.68
N LEU B 135 12.54 -17.76 -8.19
CA LEU B 135 13.37 -18.88 -7.74
C LEU B 135 14.58 -18.32 -6.98
N GLU B 136 15.28 -19.19 -6.25
CA GLU B 136 16.46 -18.77 -5.48
C GLU B 136 17.54 -19.82 -5.73
N ASN B 137 18.60 -19.44 -6.45
CA ASN B 137 19.61 -20.43 -6.72
C ASN B 137 20.79 -20.40 -5.76
N THR B 138 20.85 -21.53 -5.07
CA THR B 138 21.76 -21.88 -4.00
C THR B 138 20.82 -21.43 -2.90
N HIS B 139 19.69 -22.15 -2.85
CA HIS B 139 18.68 -21.90 -1.86
C HIS B 139 19.19 -22.62 -0.63
N ASN B 140 19.66 -21.86 0.36
CA ASN B 140 20.21 -22.43 1.57
C ASN B 140 21.39 -23.35 1.22
N GLY B 141 22.16 -22.92 0.24
CA GLY B 141 23.34 -23.66 -0.19
C GLY B 141 23.03 -24.71 -1.23
N LYS B 142 21.77 -25.10 -1.34
CA LYS B 142 21.32 -26.09 -2.30
C LYS B 142 21.46 -25.59 -3.73
N VAL B 143 22.02 -26.42 -4.60
CA VAL B 143 22.19 -26.03 -5.99
C VAL B 143 21.03 -26.63 -6.82
N LEU B 144 20.21 -25.76 -7.41
CA LEU B 144 19.09 -26.23 -8.20
C LEU B 144 19.59 -27.05 -9.39
N PRO B 145 18.91 -28.17 -9.70
CA PRO B 145 19.34 -29.00 -10.84
C PRO B 145 19.32 -28.17 -12.10
N ARG B 146 20.50 -28.00 -12.72
CA ARG B 146 20.65 -27.22 -13.94
C ARG B 146 19.47 -27.42 -14.90
N GLU B 147 19.14 -28.67 -15.19
CA GLU B 147 18.03 -28.99 -16.09
C GLU B 147 16.71 -28.43 -15.58
N TYR B 148 16.58 -28.33 -14.26
CA TYR B 148 15.36 -27.77 -13.70
C TYR B 148 15.27 -26.33 -14.20
N LEU B 149 16.36 -25.59 -14.02
CA LEU B 149 16.42 -24.20 -14.45
C LEU B 149 15.84 -24.03 -15.85
N LYS B 150 16.17 -24.95 -16.75
CA LYS B 150 15.68 -24.88 -18.13
C LYS B 150 14.19 -25.16 -18.24
N GLU B 151 13.69 -26.11 -17.45
CA GLU B 151 12.26 -26.43 -17.49
C GLU B 151 11.42 -25.26 -16.99
N ALA B 152 11.85 -24.67 -15.87
CA ALA B 152 11.16 -23.55 -15.26
C ALA B 152 11.06 -22.38 -16.23
N TRP B 153 12.06 -22.24 -17.08
CA TRP B 153 12.07 -21.19 -18.10
C TRP B 153 11.02 -21.50 -19.17
N GLU B 154 11.05 -22.72 -19.68
CA GLU B 154 10.11 -23.14 -20.69
C GLU B 154 8.68 -23.13 -20.16
N PHE B 155 8.51 -23.59 -18.92
CA PHE B 155 7.20 -23.61 -18.29
C PHE B 155 6.59 -22.20 -18.17
N THR B 156 7.40 -21.22 -17.79
CA THR B 156 6.91 -19.84 -17.65
C THR B 156 6.65 -19.15 -18.99
N ARG B 157 7.36 -19.55 -20.03
CA ARG B 157 7.12 -18.93 -21.31
C ARG B 157 5.76 -19.43 -21.82
N LYS B 158 5.47 -20.72 -21.58
CA LYS B 158 4.20 -21.34 -22.01
C LYS B 158 3.01 -20.72 -21.30
N ARG B 159 3.23 -20.27 -20.08
CA ARG B 159 2.15 -19.70 -19.29
C ARG B 159 2.23 -18.19 -19.14
N ASN B 160 3.13 -17.59 -19.91
CA ASN B 160 3.34 -16.14 -19.91
C ASN B 160 3.55 -15.57 -18.53
N LEU B 161 4.47 -16.16 -17.78
CA LEU B 161 4.80 -15.67 -16.45
C LEU B 161 6.25 -15.29 -16.52
N ALA B 162 6.63 -14.27 -15.76
CA ALA B 162 8.01 -13.84 -15.73
C ALA B 162 8.76 -14.81 -14.83
N LEU B 163 10.07 -14.90 -15.02
CA LEU B 163 10.86 -15.80 -14.20
C LEU B 163 11.99 -14.97 -13.65
N HIS B 164 12.09 -14.93 -12.33
CA HIS B 164 13.15 -14.17 -11.67
C HIS B 164 13.90 -15.06 -10.71
N VAL B 165 15.22 -14.95 -10.72
CA VAL B 165 16.04 -15.74 -9.83
C VAL B 165 16.81 -14.87 -8.85
N ASP B 166 16.60 -15.12 -7.57
CA ASP B 166 17.31 -14.40 -6.53
C ASP B 166 18.64 -15.11 -6.48
N GLY B 167 19.68 -14.48 -7.02
CA GLY B 167 20.99 -15.08 -7.03
C GLY B 167 21.93 -14.48 -6.01
N ALA B 168 21.50 -14.39 -4.76
CA ALA B 168 22.39 -13.81 -3.74
C ALA B 168 23.66 -14.62 -3.71
N ARG B 169 23.55 -15.92 -4.04
CA ARG B 169 24.70 -16.82 -4.05
C ARG B 169 24.71 -17.62 -5.37
N ILE B 170 24.43 -16.93 -6.47
CA ILE B 170 24.38 -17.59 -7.77
C ILE B 170 25.77 -18.04 -8.24
N PHE B 171 26.82 -17.36 -7.78
CA PHE B 171 28.15 -17.75 -8.19
C PHE B 171 28.62 -19.01 -7.52
N ASN B 172 28.13 -19.27 -6.32
CA ASN B 172 28.51 -20.51 -5.65
C ASN B 172 27.91 -21.58 -6.53
N ALA B 173 26.81 -21.21 -7.19
CA ALA B 173 26.13 -22.16 -8.06
C ALA B 173 26.85 -22.34 -9.37
N VAL B 174 27.39 -21.25 -9.92
CA VAL B 174 28.11 -21.38 -11.17
C VAL B 174 29.36 -22.25 -10.97
N VAL B 175 30.13 -21.97 -9.92
CA VAL B 175 31.33 -22.72 -9.62
C VAL B 175 31.00 -24.22 -9.48
N ALA B 176 29.92 -24.54 -8.80
CA ALA B 176 29.51 -25.94 -8.63
C ALA B 176 29.11 -26.54 -9.98
N TYR B 177 28.42 -25.78 -10.83
CA TYR B 177 28.01 -26.28 -12.14
C TYR B 177 29.25 -26.40 -13.01
N GLY B 178 30.23 -25.58 -12.71
CA GLY B 178 31.44 -25.59 -13.51
C GLY B 178 31.10 -25.13 -14.91
N CYS B 179 30.28 -24.08 -15.02
CA CYS B 179 29.92 -23.57 -16.33
C CYS B 179 30.00 -22.05 -16.38
N GLU B 180 29.51 -21.46 -17.47
CA GLU B 180 29.52 -20.01 -17.63
C GLU B 180 28.25 -19.50 -16.97
N LEU B 181 28.29 -18.29 -16.41
CA LEU B 181 27.12 -17.70 -15.77
C LEU B 181 26.03 -17.55 -16.82
N LYS B 182 26.44 -17.14 -18.02
CA LYS B 182 25.53 -16.95 -19.13
C LYS B 182 24.71 -18.22 -19.38
N GLU B 183 25.36 -19.37 -19.34
CA GLU B 183 24.67 -20.63 -19.58
C GLU B 183 23.41 -20.82 -18.72
N ILE B 184 23.37 -20.22 -17.54
CA ILE B 184 22.21 -20.37 -16.66
C ILE B 184 21.34 -19.11 -16.63
N THR B 185 21.99 -17.95 -16.67
CA THR B 185 21.28 -16.68 -16.65
C THR B 185 20.36 -16.58 -17.86
N GLN B 186 20.63 -17.40 -18.87
CA GLN B 186 19.82 -17.36 -20.09
C GLN B 186 18.42 -17.92 -19.85
N TYR B 187 18.21 -18.58 -18.72
CA TYR B 187 16.89 -19.15 -18.46
C TYR B 187 16.07 -18.41 -17.40
N CYS B 188 16.21 -17.08 -17.35
CA CYS B 188 15.47 -16.25 -16.41
C CYS B 188 15.28 -14.86 -17.03
N ASP B 189 14.19 -14.19 -16.68
CA ASP B 189 13.96 -12.86 -17.21
C ASP B 189 14.81 -11.84 -16.49
N SER B 190 15.02 -12.07 -15.19
CA SER B 190 15.82 -11.16 -14.39
C SER B 190 16.43 -11.94 -13.25
N PHE B 191 17.48 -11.38 -12.67
CA PHE B 191 18.12 -12.04 -11.53
C PHE B 191 18.99 -11.07 -10.76
N THR B 192 19.37 -11.48 -9.56
CA THR B 192 20.20 -10.63 -8.72
C THR B 192 21.54 -11.29 -8.45
N ILE B 193 22.44 -10.52 -7.87
CA ILE B 193 23.77 -10.98 -7.51
C ILE B 193 24.18 -10.17 -6.29
N CYS B 194 24.53 -10.84 -5.20
CA CYS B 194 25.01 -10.14 -4.02
C CYS B 194 26.53 -10.14 -4.10
N LEU B 195 27.12 -8.99 -3.80
CA LEU B 195 28.56 -8.83 -3.87
C LEU B 195 29.17 -8.83 -2.48
N SER B 196 28.36 -8.58 -1.47
CA SER B 196 28.82 -8.50 -0.09
C SER B 196 28.93 -9.80 0.69
N GLY B 198 29.79 -14.08 -0.24
CA GLY B 198 30.95 -14.84 -0.65
C GLY B 198 31.95 -14.04 -1.48
N LEU B 199 31.43 -13.21 -2.40
CA LEU B 199 32.30 -12.41 -3.27
C LEU B 199 33.14 -11.37 -2.52
N GLY B 200 32.82 -11.16 -1.23
CA GLY B 200 33.58 -10.29 -0.35
C GLY B 200 33.57 -8.78 -0.38
N THR B 201 32.49 -8.19 -0.87
CA THR B 201 32.42 -6.74 -0.92
C THR B 201 31.82 -6.22 0.39
N PRO B 202 32.15 -4.98 0.77
CA PRO B 202 31.63 -4.38 2.00
C PRO B 202 30.12 -4.18 1.90
N VAL B 203 29.65 -3.80 0.72
CA VAL B 203 28.21 -3.60 0.50
C VAL B 203 27.88 -3.75 -0.96
N GLY B 204 26.61 -4.03 -1.24
CA GLY B 204 26.21 -4.12 -2.63
C GLY B 204 25.61 -5.38 -3.21
N SER B 205 24.75 -5.15 -4.19
CA SER B 205 24.06 -6.20 -4.93
C SER B 205 23.73 -5.63 -6.31
N LEU B 206 23.45 -6.51 -7.27
CA LEU B 206 23.11 -6.07 -8.62
C LEU B 206 21.80 -6.67 -9.10
N LEU B 207 21.10 -5.93 -9.93
CA LEU B 207 19.84 -6.38 -10.51
C LEU B 207 20.07 -6.33 -12.01
N VAL B 208 19.91 -7.49 -12.64
CA VAL B 208 20.15 -7.62 -14.06
C VAL B 208 18.90 -8.07 -14.80
N GLY B 209 18.71 -7.52 -16.00
CA GLY B 209 17.56 -7.85 -16.84
C GLY B 209 17.58 -7.03 -18.13
N ASN B 210 16.45 -6.97 -18.83
CA ASN B 210 16.41 -6.19 -20.06
C ASN B 210 16.43 -4.71 -19.70
N ARG B 211 16.68 -3.88 -20.69
CA ARG B 211 16.77 -2.43 -20.49
C ARG B 211 15.49 -1.78 -19.99
N ASP B 212 14.39 -2.03 -20.68
CA ASP B 212 13.10 -1.44 -20.31
C ASP B 212 12.75 -1.79 -18.87
N TYR B 213 12.89 -3.08 -18.56
CA TYR B 213 12.63 -3.59 -17.22
C TYR B 213 13.52 -2.84 -16.23
N ILE B 214 14.81 -2.80 -16.52
CA ILE B 214 15.74 -2.12 -15.63
C ILE B 214 15.44 -0.62 -15.61
N LYS B 215 14.75 -0.11 -16.62
CA LYS B 215 14.42 1.33 -16.58
C LYS B 215 13.37 1.60 -15.47
N ARG B 216 12.43 0.67 -15.27
CA ARG B 216 11.44 0.85 -14.21
C ARG B 216 12.15 0.65 -12.86
N ALA B 217 13.05 -0.32 -12.83
CA ALA B 217 13.80 -0.61 -11.61
C ALA B 217 14.56 0.62 -11.10
N ILE B 218 14.98 1.50 -12.00
CA ILE B 218 15.69 2.70 -11.55
C ILE B 218 14.71 3.57 -10.75
N ARG B 219 13.50 3.73 -11.29
CA ARG B 219 12.47 4.52 -10.62
C ARG B 219 12.17 3.91 -9.25
N TRP B 220 11.90 2.60 -9.21
CA TRP B 220 11.61 1.95 -7.95
C TRP B 220 12.77 2.08 -6.94
N ARG B 221 14.02 1.98 -7.42
CA ARG B 221 15.20 2.13 -6.55
C ARG B 221 15.27 3.55 -6.00
N LYS B 222 14.85 4.52 -6.79
CA LYS B 222 14.90 5.90 -6.33
C LYS B 222 13.90 6.08 -5.19
N MET B 223 12.68 5.63 -5.40
CA MET B 223 11.62 5.75 -4.39
C MET B 223 11.97 5.02 -3.10
N THR B 224 12.55 3.83 -3.22
CA THR B 224 12.88 3.05 -2.03
C THR B 224 14.13 3.54 -1.32
N GLY B 225 14.72 4.59 -1.87
CA GLY B 225 15.92 5.18 -1.28
C GLY B 225 17.28 4.57 -1.58
N GLY B 226 17.40 3.85 -2.70
CA GLY B 226 18.66 3.21 -3.03
C GLY B 226 19.57 3.96 -4.00
N GLY B 227 19.13 5.11 -4.48
CA GLY B 227 19.95 5.87 -5.41
C GLY B 227 20.97 6.75 -4.71
N MET B 228 22.19 6.24 -4.57
CA MET B 228 23.26 6.98 -3.92
C MET B 228 23.99 7.97 -4.84
N ARG B 229 24.95 8.71 -4.29
CA ARG B 229 25.71 9.68 -5.09
C ARG B 229 27.04 9.15 -5.62
N GLN B 230 28.14 9.40 -4.92
CA GLN B 230 29.44 8.90 -5.37
C GLN B 230 29.59 7.44 -4.96
N SER B 231 28.68 6.60 -5.44
CA SER B 231 28.71 5.17 -5.10
C SER B 231 29.78 4.34 -5.84
N GLY B 232 30.50 4.99 -6.76
CA GLY B 232 31.55 4.31 -7.51
C GLY B 232 32.61 3.65 -6.65
N ILE B 233 32.90 4.28 -5.51
CA ILE B 233 33.90 3.76 -4.57
C ILE B 233 33.45 2.42 -4.02
N LEU B 234 32.13 2.21 -4.03
CA LEU B 234 31.57 0.95 -3.57
C LEU B 234 31.53 -0.06 -4.72
N ALA B 235 31.11 0.41 -5.90
CA ALA B 235 31.05 -0.43 -7.09
C ALA B 235 32.46 -0.91 -7.49
N ALA B 236 33.47 -0.17 -7.09
CA ALA B 236 34.85 -0.56 -7.40
C ALA B 236 35.14 -1.93 -6.74
N ALA B 237 34.80 -2.08 -5.47
CA ALA B 237 35.01 -3.37 -4.82
C ALA B 237 34.24 -4.44 -5.62
N GLY B 238 33.04 -4.07 -6.09
CA GLY B 238 32.21 -4.99 -6.85
C GLY B 238 32.83 -5.60 -8.10
N MET B 239 33.57 -4.79 -8.85
CA MET B 239 34.22 -5.31 -10.06
C MET B 239 35.42 -6.15 -9.63
N TYR B 240 36.19 -5.62 -8.68
CA TYR B 240 37.34 -6.35 -8.19
C TYR B 240 36.85 -7.75 -7.83
N ALA B 241 35.76 -7.81 -7.08
CA ALA B 241 35.20 -9.06 -6.63
C ALA B 241 34.92 -10.03 -7.78
N LEU B 242 34.14 -9.55 -8.75
CA LEU B 242 33.75 -10.33 -9.90
C LEU B 242 34.94 -10.87 -10.69
N LYS B 243 35.98 -10.06 -10.78
CA LYS B 243 37.15 -10.46 -11.56
C LYS B 243 38.18 -11.31 -10.82
N ASN B 244 38.13 -11.35 -9.49
CA ASN B 244 39.13 -12.12 -8.73
C ASN B 244 38.63 -13.04 -7.62
N ASN B 245 37.42 -12.81 -7.12
CA ASN B 245 36.90 -13.62 -6.02
C ASN B 245 35.91 -14.73 -6.35
N VAL B 246 35.66 -14.96 -7.63
CA VAL B 246 34.72 -16.01 -8.03
C VAL B 246 35.25 -17.46 -7.93
N ALA B 247 36.33 -17.76 -8.65
CA ALA B 247 36.89 -19.12 -8.65
C ALA B 247 37.15 -19.69 -7.27
N ARG B 248 37.64 -18.82 -6.39
CA ARG B 248 38.00 -19.16 -5.02
C ARG B 248 36.85 -19.69 -4.15
N LEU B 249 35.60 -19.52 -4.61
CA LEU B 249 34.45 -20.02 -3.85
C LEU B 249 34.57 -21.54 -3.77
N GLN B 250 35.39 -22.08 -4.66
CA GLN B 250 35.64 -23.51 -4.72
C GLN B 250 36.39 -23.90 -3.43
N GLU B 251 37.18 -22.96 -2.90
CA GLU B 251 37.94 -23.16 -1.67
C GLU B 251 36.94 -23.24 -0.53
N ASP B 252 35.93 -22.38 -0.57
CA ASP B 252 34.89 -22.38 0.46
C ASP B 252 34.10 -23.68 0.36
N HIS B 253 33.84 -24.13 -0.86
CA HIS B 253 33.11 -25.37 -1.01
C HIS B 253 33.93 -26.48 -0.37
N ASP B 254 35.20 -26.60 -0.78
CA ASP B 254 36.09 -27.63 -0.24
C ASP B 254 36.16 -27.58 1.28
N ASN B 255 36.27 -26.38 1.83
CA ASN B 255 36.34 -26.26 3.27
C ASN B 255 35.12 -26.77 4.03
N THR B 256 33.91 -26.55 3.52
CA THR B 256 32.72 -27.01 4.25
C THR B 256 32.54 -28.51 4.02
N ALA B 257 33.12 -29.01 2.93
CA ALA B 257 33.04 -30.44 2.67
C ALA B 257 33.96 -31.10 3.72
N TRP B 258 35.14 -30.49 3.91
CA TRP B 258 36.12 -30.97 4.89
C TRP B 258 35.51 -30.92 6.28
N MET B 259 34.94 -29.78 6.63
CA MET B 259 34.33 -29.60 7.95
C MET B 259 33.28 -30.68 8.25
N ALA B 260 32.40 -30.94 7.29
CA ALA B 260 31.37 -31.96 7.48
C ALA B 260 32.03 -33.28 7.87
N GLU B 261 33.14 -33.59 7.19
CA GLU B 261 33.90 -34.80 7.45
C GLU B 261 34.35 -34.85 8.93
N GLN B 262 35.06 -33.82 9.37
CA GLN B 262 35.53 -33.76 10.75
C GLN B 262 34.40 -33.99 11.75
N LEU B 263 33.32 -33.22 11.62
CA LEU B 263 32.17 -33.32 12.52
C LEU B 263 31.46 -34.67 12.48
N ARG B 264 31.26 -35.24 11.29
CA ARG B 264 30.60 -36.53 11.21
C ARG B 264 31.40 -37.48 12.08
N GLU B 265 32.69 -37.51 11.82
CA GLU B 265 33.61 -38.37 12.53
C GLU B 265 33.84 -37.92 13.98
N ALA B 266 33.22 -36.82 14.38
CA ALA B 266 33.37 -36.34 15.75
C ALA B 266 32.05 -36.44 16.50
N GLY B 267 31.23 -37.41 16.11
CA GLY B 267 29.95 -37.61 16.77
C GLY B 267 28.83 -36.75 16.23
N ALA B 268 29.11 -35.49 15.92
CA ALA B 268 28.11 -34.55 15.41
C ALA B 268 27.14 -35.13 14.38
N ASP B 269 25.88 -34.70 14.46
CA ASP B 269 24.85 -35.17 13.53
C ASP B 269 24.72 -34.23 12.32
N VAL B 270 25.56 -34.49 11.32
CA VAL B 270 25.59 -33.71 10.10
C VAL B 270 24.41 -34.05 9.19
N MET B 271 23.46 -33.11 9.09
CA MET B 271 22.26 -33.27 8.27
C MET B 271 22.51 -33.14 6.76
N ARG B 272 23.38 -32.21 6.36
CA ARG B 272 23.71 -32.05 4.95
C ARG B 272 24.74 -30.98 4.71
N GLN B 273 25.32 -31.01 3.52
CA GLN B 273 26.35 -30.07 3.15
C GLN B 273 26.13 -29.72 1.69
N ASP B 274 26.00 -28.44 1.40
CA ASP B 274 25.82 -27.98 0.03
C ASP B 274 26.67 -26.75 -0.12
N THR B 275 27.46 -26.71 -1.20
CA THR B 275 28.38 -25.64 -1.50
C THR B 275 29.13 -25.18 -0.24
N ASN B 276 28.83 -23.98 0.24
CA ASN B 276 29.52 -23.45 1.41
C ASN B 276 28.72 -23.42 2.69
N MET B 277 27.86 -24.41 2.89
CA MET B 277 27.06 -24.50 4.10
C MET B 277 26.90 -25.95 4.53
N LEU B 278 26.76 -26.16 5.82
CA LEU B 278 26.54 -27.50 6.32
C LEU B 278 25.70 -27.33 7.55
N PHE B 279 24.80 -28.27 7.79
CA PHE B 279 23.90 -28.20 8.92
C PHE B 279 24.12 -29.34 9.88
N VAL B 280 24.01 -29.03 11.17
CA VAL B 280 24.18 -30.00 12.22
C VAL B 280 22.98 -29.95 13.15
N ARG B 281 22.46 -31.13 13.51
CA ARG B 281 21.32 -31.23 14.41
C ARG B 281 21.87 -31.24 15.84
N VAL B 282 22.02 -30.05 16.43
CA VAL B 282 22.58 -29.90 17.77
C VAL B 282 21.62 -30.29 18.89
N GLY B 283 20.33 -30.03 18.69
CA GLY B 283 19.35 -30.35 19.71
C GLY B 283 18.96 -29.08 20.45
N GLU B 284 17.83 -29.12 21.15
CA GLU B 284 17.38 -27.95 21.90
C GLU B 284 18.16 -27.75 23.22
N GLU B 285 18.41 -28.82 23.96
CA GLU B 285 19.10 -28.71 25.23
C GLU B 285 20.54 -28.23 25.13
N ASN B 286 21.06 -28.10 23.92
CA ASN B 286 22.44 -27.64 23.75
C ASN B 286 22.56 -26.46 22.81
N ALA B 287 21.48 -26.15 22.10
CA ALA B 287 21.49 -25.02 21.18
C ALA B 287 22.23 -23.84 21.80
N ALA B 288 21.70 -23.31 22.90
CA ALA B 288 22.31 -22.18 23.59
C ALA B 288 23.64 -22.55 24.25
N ALA B 289 23.74 -23.76 24.78
CA ALA B 289 24.97 -24.20 25.45
C ALA B 289 26.15 -24.19 24.48
N LEU B 290 25.96 -24.81 23.31
CA LEU B 290 27.00 -24.87 22.31
C LEU B 290 27.38 -23.47 21.84
N GLY B 291 26.38 -22.59 21.74
CA GLY B 291 26.64 -21.23 21.32
C GLY B 291 27.57 -20.53 22.32
N GLU B 292 27.24 -20.65 23.61
CA GLU B 292 28.05 -20.05 24.65
C GLU B 292 29.46 -20.58 24.54
N TYR B 293 29.59 -21.90 24.63
CA TYR B 293 30.88 -22.55 24.53
C TYR B 293 31.68 -21.84 23.44
N MET B 294 31.32 -22.12 22.19
CA MET B 294 31.98 -21.54 21.03
C MET B 294 32.26 -20.03 21.14
N LYS B 295 31.34 -19.27 21.72
CA LYS B 295 31.57 -17.84 21.83
C LYS B 295 32.69 -17.54 22.81
N ALA B 296 32.71 -18.25 23.93
CA ALA B 296 33.75 -18.02 24.92
C ALA B 296 35.10 -18.30 24.28
N ARG B 297 35.12 -19.16 23.28
CA ARG B 297 36.35 -19.53 22.61
C ARG B 297 36.62 -18.80 21.29
N ASN B 298 35.96 -17.66 21.12
CA ASN B 298 36.12 -16.82 19.92
C ASN B 298 35.64 -17.47 18.66
N VAL B 299 34.54 -18.20 18.76
CA VAL B 299 33.94 -18.86 17.63
C VAL B 299 32.49 -18.41 17.64
N LEU B 300 32.10 -17.68 16.60
CA LEU B 300 30.74 -17.19 16.51
C LEU B 300 29.87 -18.08 15.63
N ILE B 301 28.70 -18.45 16.13
CA ILE B 301 27.75 -19.26 15.40
C ILE B 301 26.40 -18.83 15.91
N ASN B 302 25.36 -19.10 15.14
CA ASN B 302 24.01 -18.74 15.58
C ASN B 302 23.43 -20.01 16.20
N ALA B 303 23.41 -20.04 17.52
CA ALA B 303 22.91 -21.20 18.27
C ALA B 303 21.45 -21.53 17.98
N SER B 304 21.16 -22.82 17.82
CA SER B 304 19.81 -23.30 17.55
C SER B 304 19.83 -24.83 17.45
N PRO B 305 18.64 -25.47 17.52
CA PRO B 305 18.58 -26.95 17.43
C PRO B 305 19.29 -27.48 16.18
N ILE B 306 19.18 -26.72 15.09
CA ILE B 306 19.85 -27.07 13.85
C ILE B 306 20.74 -25.87 13.51
N VAL B 307 22.04 -26.06 13.63
CA VAL B 307 22.99 -25.00 13.37
C VAL B 307 23.51 -24.99 11.93
N ARG B 308 23.56 -23.80 11.35
CA ARG B 308 24.06 -23.59 9.99
C ARG B 308 25.43 -22.95 10.08
N LEU B 309 26.45 -23.65 9.63
CA LEU B 309 27.79 -23.10 9.64
C LEU B 309 28.03 -22.63 8.20
N VAL B 310 28.58 -21.44 8.03
CA VAL B 310 28.84 -20.94 6.67
C VAL B 310 30.32 -20.54 6.47
N THR B 311 30.90 -20.94 5.35
CA THR B 311 32.29 -20.63 5.04
C THR B 311 32.41 -19.49 4.04
N HIS B 312 33.55 -18.80 4.08
CA HIS B 312 33.81 -17.65 3.22
C HIS B 312 35.30 -17.35 3.28
N LEU B 313 35.74 -16.29 2.60
CA LEU B 313 37.16 -15.95 2.57
C LEU B 313 37.82 -15.54 3.89
N ASP B 314 37.03 -15.31 4.93
CA ASP B 314 37.63 -14.94 6.21
C ASP B 314 37.78 -16.10 7.21
N VAL B 315 37.72 -17.33 6.73
CA VAL B 315 37.89 -18.48 7.59
C VAL B 315 38.67 -19.58 6.86
N SER B 316 39.80 -19.98 7.44
CA SER B 316 40.69 -20.99 6.86
C SER B 316 40.37 -22.43 7.29
N ARG B 317 41.15 -23.39 6.80
CA ARG B 317 40.96 -24.78 7.18
C ARG B 317 41.58 -24.94 8.56
N ALA B 318 42.59 -24.14 8.84
CA ALA B 318 43.25 -24.20 10.15
C ALA B 318 42.19 -23.78 11.17
N GLN B 319 41.53 -22.66 10.92
CA GLN B 319 40.49 -22.18 11.83
C GLN B 319 39.35 -23.21 11.99
N LEU B 320 39.05 -23.92 10.91
CA LEU B 320 38.00 -24.92 10.94
C LEU B 320 38.44 -26.08 11.83
N ALA B 321 39.72 -26.44 11.72
CA ALA B 321 40.27 -27.52 12.52
C ALA B 321 40.04 -27.22 13.99
N GLU B 322 40.17 -25.95 14.36
CA GLU B 322 39.96 -25.53 15.74
C GLU B 322 38.50 -25.68 16.14
N VAL B 323 37.59 -25.22 15.29
CA VAL B 323 36.17 -25.33 15.59
C VAL B 323 35.80 -26.80 15.74
N ALA B 324 36.40 -27.63 14.89
CA ALA B 324 36.15 -29.06 14.94
C ALA B 324 36.54 -29.54 16.34
N ALA B 325 37.78 -29.24 16.75
CA ALA B 325 38.29 -29.62 18.06
C ALA B 325 37.29 -29.26 19.16
N HIS B 326 37.05 -27.96 19.31
CA HIS B 326 36.11 -27.47 20.30
C HIS B 326 34.79 -28.22 20.25
N TRP B 327 34.27 -28.43 19.04
CA TRP B 327 32.99 -29.11 18.90
C TRP B 327 33.06 -30.51 19.51
N ARG B 328 34.16 -31.21 19.24
CA ARG B 328 34.39 -32.56 19.75
C ARG B 328 34.48 -32.49 21.27
N ALA B 329 35.16 -31.45 21.76
CA ALA B 329 35.32 -31.23 23.19
C ALA B 329 33.93 -31.13 23.82
N PHE B 330 33.12 -30.21 23.30
CA PHE B 330 31.76 -29.96 23.75
C PHE B 330 30.96 -31.26 23.91
N LEU B 331 30.99 -32.10 22.88
CA LEU B 331 30.28 -33.37 22.87
C LEU B 331 30.81 -34.38 23.88
N ALA B 332 31.88 -34.02 24.57
CA ALA B 332 32.46 -34.92 25.57
C ALA B 332 32.62 -34.20 26.91
N MET C 1 -35.09 -21.66 -12.71
CA MET C 1 -34.45 -22.98 -12.96
C MET C 1 -33.69 -23.45 -11.72
N ILE C 2 -33.14 -24.65 -11.77
CA ILE C 2 -32.40 -25.18 -10.62
C ILE C 2 -30.97 -24.62 -10.51
N ASP C 3 -30.74 -23.86 -9.44
CA ASP C 3 -29.45 -23.20 -9.19
C ASP C 3 -28.64 -23.91 -8.12
N LEU C 4 -27.52 -24.51 -8.48
CA LEU C 4 -26.73 -25.22 -7.50
C LEU C 4 -25.29 -24.76 -7.46
N ARG C 5 -25.04 -23.61 -8.06
CA ARG C 5 -23.69 -23.09 -8.07
C ARG C 5 -23.31 -22.65 -6.65
N SER C 6 -24.25 -22.09 -5.93
CA SER C 6 -23.96 -21.63 -4.58
C SER C 6 -25.21 -21.26 -3.81
N ASP C 7 -25.08 -21.06 -2.50
CA ASP C 7 -26.23 -20.66 -1.70
C ASP C 7 -26.38 -19.14 -1.72
N THR C 8 -25.45 -18.47 -2.39
CA THR C 8 -25.49 -17.01 -2.51
C THR C 8 -26.67 -16.60 -3.42
N VAL C 9 -27.19 -17.56 -4.19
CA VAL C 9 -28.28 -17.26 -5.12
C VAL C 9 -29.68 -17.17 -4.52
N THR C 10 -29.82 -17.52 -3.25
CA THR C 10 -31.11 -17.48 -2.58
C THR C 10 -31.79 -16.14 -2.79
N ARG C 11 -33.12 -16.14 -2.99
CA ARG C 11 -33.86 -14.90 -3.21
C ARG C 11 -34.78 -14.53 -2.04
N PRO C 12 -35.08 -13.23 -1.85
CA PRO C 12 -35.95 -12.76 -0.75
C PRO C 12 -37.33 -13.41 -0.77
N SER C 13 -37.78 -13.92 0.37
CA SER C 13 -39.11 -14.51 0.41
C SER C 13 -40.15 -13.40 0.63
N ARG C 14 -41.42 -13.73 0.39
CA ARG C 14 -42.50 -12.76 0.57
C ARG C 14 -42.40 -12.06 1.93
N ALA C 15 -42.40 -12.88 2.97
CA ALA C 15 -42.32 -12.42 4.33
C ALA C 15 -41.08 -11.56 4.57
N MET C 16 -39.95 -11.96 4.00
CA MET C 16 -38.72 -11.19 4.17
C MET C 16 -38.83 -9.83 3.51
N LEU C 17 -39.45 -9.81 2.34
CA LEU C 17 -39.62 -8.55 1.63
C LEU C 17 -40.53 -7.62 2.42
N GLU C 18 -41.62 -8.15 2.93
CA GLU C 18 -42.55 -7.36 3.73
C GLU C 18 -41.79 -6.69 4.86
N ALA C 19 -40.94 -7.46 5.54
CA ALA C 19 -40.14 -6.90 6.63
C ALA C 19 -39.31 -5.76 6.07
N MET C 20 -38.76 -5.95 4.88
CA MET C 20 -37.94 -4.91 4.26
C MET C 20 -38.76 -3.65 3.95
N MET C 21 -39.87 -3.80 3.23
CA MET C 21 -40.67 -2.64 2.88
C MET C 21 -41.18 -1.88 4.11
N ALA C 22 -41.40 -2.59 5.20
CA ALA C 22 -41.91 -1.97 6.43
C ALA C 22 -40.85 -1.36 7.35
N ALA C 23 -39.59 -1.70 7.14
CA ALA C 23 -38.51 -1.21 8.00
C ALA C 23 -38.34 0.29 8.13
N PRO C 24 -38.06 0.75 9.35
CA PRO C 24 -37.84 2.17 9.67
C PRO C 24 -36.38 2.45 9.35
N VAL C 25 -36.10 3.52 8.62
CA VAL C 25 -34.72 3.82 8.28
C VAL C 25 -34.20 5.16 8.78
N GLY C 26 -32.88 5.27 8.82
CA GLY C 26 -32.23 6.49 9.23
C GLY C 26 -31.03 6.68 8.30
N ASP C 27 -30.11 7.56 8.66
CA ASP C 27 -28.92 7.78 7.84
C ASP C 27 -27.77 7.10 8.60
N ASP C 28 -27.46 5.85 8.22
CA ASP C 28 -26.43 5.07 8.90
C ASP C 28 -25.08 5.76 9.12
N VAL C 29 -24.74 6.73 8.29
CA VAL C 29 -23.47 7.42 8.47
C VAL C 29 -23.55 8.31 9.71
N TYR C 30 -24.71 8.92 9.92
CA TYR C 30 -24.93 9.76 11.09
C TYR C 30 -25.17 8.81 12.25
N GLY C 31 -25.67 7.62 11.90
CA GLY C 31 -25.98 6.62 12.92
C GLY C 31 -27.46 6.66 13.28
N ASP C 32 -28.28 7.14 12.35
CA ASP C 32 -29.71 7.27 12.55
C ASP C 32 -30.57 6.13 12.06
N ASP C 33 -29.96 5.04 11.63
CA ASP C 33 -30.80 3.95 11.18
C ASP C 33 -31.07 3.02 12.34
N PRO C 34 -32.33 2.99 12.80
CA PRO C 34 -32.74 2.16 13.92
C PRO C 34 -32.67 0.68 13.57
N THR C 35 -33.12 0.34 12.37
CA THR C 35 -33.10 -1.07 11.97
C THR C 35 -31.65 -1.58 11.82
N VAL C 36 -30.77 -0.75 11.28
CA VAL C 36 -29.38 -1.19 11.20
C VAL C 36 -28.90 -1.36 12.65
N ASN C 37 -29.17 -0.36 13.49
CA ASN C 37 -28.75 -0.44 14.89
C ASN C 37 -29.30 -1.70 15.56
N ALA C 38 -30.53 -2.04 15.24
CA ALA C 38 -31.16 -3.22 15.83
C ALA C 38 -30.43 -4.51 15.44
N LEU C 39 -30.20 -4.68 14.14
CA LEU C 39 -29.52 -5.88 13.65
C LEU C 39 -28.19 -6.07 14.33
N GLN C 40 -27.43 -4.99 14.38
CA GLN C 40 -26.12 -5.03 15.00
C GLN C 40 -26.20 -5.38 16.46
N ASP C 41 -27.16 -4.79 17.17
CA ASP C 41 -27.31 -5.07 18.60
C ASP C 41 -27.72 -6.51 18.84
N TYR C 42 -28.74 -6.96 18.09
CA TYR C 42 -29.19 -8.34 18.23
C TYR C 42 -27.97 -9.29 18.10
N ALA C 43 -27.31 -9.23 16.95
CA ALA C 43 -26.14 -10.06 16.71
C ALA C 43 -25.13 -10.01 17.83
N ALA C 44 -24.74 -8.80 18.26
CA ALA C 44 -23.74 -8.67 19.34
C ALA C 44 -24.17 -9.42 20.59
N GLU C 45 -25.37 -9.12 21.04
CA GLU C 45 -25.93 -9.76 22.22
C GLU C 45 -26.04 -11.28 22.03
N LEU C 46 -26.48 -11.70 20.87
CA LEU C 46 -26.63 -13.11 20.58
C LEU C 46 -25.33 -13.92 20.68
N SER C 47 -24.20 -13.26 20.44
CA SER C 47 -22.90 -13.94 20.50
C SER C 47 -22.06 -13.60 21.70
N GLY C 48 -22.59 -12.75 22.57
CA GLY C 48 -21.82 -12.40 23.74
C GLY C 48 -20.70 -11.44 23.43
N LYS C 49 -20.91 -10.58 22.42
CA LYS C 49 -19.90 -9.61 22.04
C LYS C 49 -20.47 -8.23 22.31
N GLU C 50 -19.58 -7.25 22.42
CA GLU C 50 -19.97 -5.88 22.71
C GLU C 50 -20.56 -5.14 21.53
N ALA C 51 -20.04 -5.40 20.33
CA ALA C 51 -20.55 -4.68 19.18
C ALA C 51 -20.61 -5.48 17.90
N ALA C 52 -21.23 -4.86 16.91
CA ALA C 52 -21.39 -5.46 15.59
C ALA C 52 -21.59 -4.34 14.60
N ILE C 53 -21.09 -4.55 13.40
CA ILE C 53 -21.21 -3.56 12.34
C ILE C 53 -21.71 -4.27 11.06
N PHE C 54 -22.58 -3.60 10.33
CA PHE C 54 -23.17 -4.13 9.10
C PHE C 54 -22.34 -3.68 7.87
N LEU C 55 -22.03 -4.62 6.99
CA LEU C 55 -21.27 -4.33 5.78
C LEU C 55 -21.98 -4.91 4.53
N PRO C 56 -21.72 -4.31 3.35
CA PRO C 56 -22.30 -4.72 2.08
C PRO C 56 -22.10 -6.19 1.70
N THR C 57 -20.93 -6.73 2.05
CA THR C 57 -20.63 -8.09 1.67
C THR C 57 -19.76 -8.80 2.71
N GLY C 58 -19.56 -10.10 2.50
CA GLY C 58 -18.72 -10.87 3.40
C GLY C 58 -17.26 -10.52 3.15
N THR C 59 -16.96 -10.19 1.90
CA THR C 59 -15.60 -9.82 1.51
C THR C 59 -15.19 -8.55 2.24
N GLN C 60 -16.04 -7.52 2.21
CA GLN C 60 -15.62 -6.33 2.92
C GLN C 60 -15.58 -6.59 4.41
N ALA C 61 -16.41 -7.53 4.86
CA ALA C 61 -16.43 -7.85 6.28
C ALA C 61 -15.05 -8.29 6.75
N ASN C 62 -14.44 -9.20 5.98
CA ASN C 62 -13.11 -9.76 6.25
C ASN C 62 -12.01 -8.75 6.02
N LEU C 63 -12.14 -7.96 4.95
CA LEU C 63 -11.16 -6.94 4.64
C LEU C 63 -11.08 -5.96 5.83
N VAL C 64 -12.26 -5.55 6.30
CA VAL C 64 -12.34 -4.63 7.43
C VAL C 64 -11.82 -5.27 8.72
N ALA C 65 -12.10 -6.56 8.94
CA ALA C 65 -11.62 -7.25 10.13
C ALA C 65 -10.08 -7.37 10.10
N LEU C 66 -9.52 -7.79 8.96
CA LEU C 66 -8.06 -7.93 8.88
C LEU C 66 -7.34 -6.57 9.06
N LEU C 67 -7.94 -5.48 8.58
CA LEU C 67 -7.33 -4.14 8.73
C LEU C 67 -7.44 -3.65 10.17
N SER C 68 -8.53 -4.02 10.84
CA SER C 68 -8.77 -3.63 12.21
C SER C 68 -7.81 -4.36 13.16
N HIS C 69 -7.42 -5.59 12.81
CA HIS C 69 -6.49 -6.38 13.64
C HIS C 69 -5.00 -6.14 13.39
N CYS C 70 -4.64 -5.97 12.12
CA CYS C 70 -3.23 -5.83 11.73
C CYS C 70 -2.77 -4.49 11.21
N GLU C 71 -1.65 -4.02 11.74
CA GLU C 71 -1.05 -2.75 11.33
C GLU C 71 -0.28 -2.99 10.03
N ARG C 72 0.13 -1.90 9.38
CA ARG C 72 0.95 -2.02 8.16
C ARG C 72 2.16 -2.81 8.64
N GLY C 73 2.53 -3.88 7.95
CA GLY C 73 3.69 -4.65 8.38
C GLY C 73 3.39 -5.83 9.30
N GLU C 74 2.16 -5.95 9.76
CA GLU C 74 1.86 -7.12 10.57
C GLU C 74 1.41 -8.22 9.63
N GLU C 75 1.31 -9.44 10.14
CA GLU C 75 0.97 -10.61 9.32
C GLU C 75 -0.10 -11.54 9.94
N TYR C 76 -0.90 -12.18 9.08
CA TYR C 76 -1.90 -13.09 9.59
C TYR C 76 -1.69 -14.51 9.08
N ILE C 77 -1.84 -15.49 9.95
CA ILE C 77 -1.69 -16.87 9.54
C ILE C 77 -3.07 -17.31 9.07
N VAL C 78 -3.12 -17.85 7.86
CA VAL C 78 -4.39 -18.22 7.29
C VAL C 78 -4.29 -19.43 6.36
N GLY C 79 -5.43 -20.03 6.03
CA GLY C 79 -5.47 -21.18 5.15
C GLY C 79 -5.20 -20.86 3.69
N GLN C 80 -4.41 -21.72 3.05
CA GLN C 80 -4.07 -21.57 1.64
C GLN C 80 -5.33 -21.51 0.81
N ALA C 81 -6.39 -22.15 1.31
CA ALA C 81 -7.64 -22.20 0.58
C ALA C 81 -8.77 -21.37 1.20
N ALA C 82 -8.45 -20.62 2.25
CA ALA C 82 -9.42 -19.78 2.97
C ALA C 82 -9.86 -18.57 2.18
N HIS C 83 -11.15 -18.28 2.24
CA HIS C 83 -11.70 -17.15 1.51
C HIS C 83 -10.95 -15.84 1.72
N ASN C 84 -10.47 -15.56 2.94
CA ASN C 84 -9.81 -14.26 3.14
C ASN C 84 -8.33 -14.17 2.79
N TYR C 85 -7.84 -15.18 2.08
CA TYR C 85 -6.48 -15.20 1.58
C TYR C 85 -6.57 -15.37 0.05
N LEU C 86 -7.24 -16.44 -0.36
CA LEU C 86 -7.38 -16.81 -1.75
C LEU C 86 -8.52 -16.18 -2.57
N PHE C 87 -9.72 -16.12 -2.00
CA PHE C 87 -10.87 -15.59 -2.74
C PHE C 87 -11.22 -14.13 -2.62
N GLU C 88 -10.27 -13.32 -2.17
CA GLU C 88 -10.55 -11.89 -2.04
C GLU C 88 -9.53 -11.00 -2.78
N ALA C 89 -8.94 -11.59 -3.82
CA ALA C 89 -7.99 -10.95 -4.71
C ALA C 89 -6.72 -10.39 -4.04
N GLY C 90 -6.44 -10.84 -2.83
CA GLY C 90 -5.25 -10.41 -2.12
C GLY C 90 -5.38 -9.07 -1.45
N GLY C 91 -6.62 -8.65 -1.22
CA GLY C 91 -6.89 -7.38 -0.57
C GLY C 91 -6.11 -7.07 0.70
N ALA C 92 -5.92 -8.06 1.58
CA ALA C 92 -5.17 -7.85 2.81
C ALA C 92 -3.79 -7.24 2.44
N ALA C 93 -3.08 -7.93 1.56
CA ALA C 93 -1.77 -7.48 1.10
C ALA C 93 -1.81 -6.22 0.22
N VAL C 94 -2.61 -6.29 -0.84
CA VAL C 94 -2.73 -5.21 -1.80
C VAL C 94 -3.24 -3.92 -1.26
N LEU C 95 -4.39 -3.96 -0.62
CA LEU C 95 -5.02 -2.76 -0.09
C LEU C 95 -4.61 -2.42 1.32
N GLY C 96 -4.38 -3.44 2.14
CA GLY C 96 -4.04 -3.20 3.54
C GLY C 96 -2.59 -3.20 3.99
N SER C 97 -1.68 -3.61 3.10
CA SER C 97 -0.27 -3.66 3.42
C SER C 97 -0.02 -4.69 4.52
N ILE C 98 -0.77 -5.79 4.50
CA ILE C 98 -0.62 -6.85 5.50
C ILE C 98 0.03 -8.05 4.86
N GLN C 99 0.94 -8.68 5.58
CA GLN C 99 1.64 -9.86 5.06
C GLN C 99 0.85 -11.11 5.40
N PRO C 100 0.47 -11.91 4.39
CA PRO C 100 -0.30 -13.15 4.59
C PRO C 100 0.63 -14.37 4.70
N GLN C 101 0.35 -15.26 5.66
CA GLN C 101 1.14 -16.47 5.87
C GLN C 101 0.22 -17.66 5.73
N PRO C 102 -0.04 -18.06 4.49
CA PRO C 102 -0.95 -19.20 4.36
C PRO C 102 -0.30 -20.56 4.58
N ILE C 103 -1.06 -21.47 5.18
CA ILE C 103 -0.60 -22.84 5.38
C ILE C 103 -1.75 -23.77 4.98
N ASP C 104 -1.44 -25.04 4.70
CA ASP C 104 -2.50 -25.95 4.31
C ASP C 104 -3.28 -26.42 5.53
N ALA C 105 -4.59 -26.33 5.44
CA ALA C 105 -5.45 -26.79 6.52
C ALA C 105 -5.39 -28.32 6.51
N ALA C 106 -5.81 -28.93 7.62
CA ALA C 106 -5.85 -30.38 7.77
C ALA C 106 -7.11 -30.86 7.03
N ALA C 107 -7.30 -32.17 6.95
CA ALA C 107 -8.45 -32.70 6.26
C ALA C 107 -9.78 -32.34 6.89
N ASP C 108 -9.78 -32.10 8.21
CA ASP C 108 -11.03 -31.76 8.88
C ASP C 108 -11.36 -30.27 8.75
N GLY C 109 -10.49 -29.54 8.07
CA GLY C 109 -10.74 -28.13 7.85
C GLY C 109 -10.02 -27.21 8.82
N THR C 110 -9.28 -27.82 9.75
CA THR C 110 -8.53 -27.07 10.77
C THR C 110 -7.10 -26.79 10.32
N LEU C 111 -6.53 -25.70 10.84
CA LEU C 111 -5.14 -25.35 10.55
C LEU C 111 -4.38 -25.92 11.72
N PRO C 112 -3.62 -27.00 11.49
CA PRO C 112 -2.85 -27.64 12.56
C PRO C 112 -2.07 -26.62 13.41
N LEU C 113 -2.36 -26.58 14.71
CA LEU C 113 -1.69 -25.65 15.60
C LEU C 113 -0.18 -25.86 15.66
N ASP C 114 0.28 -27.08 15.43
CA ASP C 114 1.73 -27.29 15.41
C ASP C 114 2.31 -26.60 14.17
N LYS C 115 1.55 -26.59 13.08
CA LYS C 115 2.02 -25.93 11.87
C LYS C 115 1.96 -24.41 12.08
N VAL C 116 0.87 -23.95 12.69
CA VAL C 116 0.69 -22.51 12.95
C VAL C 116 1.85 -22.00 13.76
N ALA C 117 2.13 -22.69 14.88
CA ALA C 117 3.22 -22.34 15.78
C ALA C 117 4.54 -22.18 15.05
N MET C 118 4.80 -23.06 14.09
CA MET C 118 6.05 -23.00 13.31
C MET C 118 6.07 -21.79 12.39
N LYS C 119 4.91 -21.21 12.12
CA LYS C 119 4.86 -20.06 11.25
C LYS C 119 4.87 -18.73 11.99
N ILE C 120 4.91 -18.79 13.32
CA ILE C 120 4.94 -17.57 14.13
C ILE C 120 6.37 -17.00 14.07
N LYS C 121 6.49 -15.84 13.43
CA LYS C 121 7.78 -15.18 13.25
C LYS C 121 8.45 -14.64 14.50
N PRO C 122 9.77 -14.85 14.60
CA PRO C 122 10.53 -14.37 15.75
C PRO C 122 10.46 -12.86 15.71
N ASP C 123 10.83 -12.21 16.81
CA ASP C 123 10.81 -10.74 16.86
C ASP C 123 12.12 -10.29 16.25
N ASP C 124 12.20 -10.39 14.93
CA ASP C 124 13.39 -10.05 14.19
C ASP C 124 13.06 -9.19 12.96
N ILE C 125 13.80 -8.10 12.77
CA ILE C 125 13.54 -7.20 11.66
C ILE C 125 13.52 -7.85 10.27
N HIS C 126 13.92 -9.11 10.18
CA HIS C 126 13.92 -9.82 8.91
C HIS C 126 12.52 -10.32 8.55
N PHE C 127 11.67 -10.46 9.56
CA PHE C 127 10.32 -10.99 9.38
C PHE C 127 9.17 -10.03 9.57
N ALA C 128 8.02 -10.43 9.05
CA ALA C 128 6.80 -9.68 9.20
C ALA C 128 6.47 -9.96 10.66
N ARG C 129 5.60 -9.15 11.26
CA ARG C 129 5.23 -9.34 12.65
C ARG C 129 3.91 -10.09 12.69
N THR C 130 3.96 -11.38 13.03
CA THR C 130 2.75 -12.23 13.10
C THR C 130 1.80 -11.64 14.14
N LYS C 131 0.54 -11.42 13.75
CA LYS C 131 -0.39 -10.79 14.66
C LYS C 131 -1.72 -11.46 14.87
N LEU C 132 -2.22 -12.13 13.83
CA LEU C 132 -3.53 -12.74 13.86
C LEU C 132 -3.58 -14.12 13.24
N LEU C 133 -4.52 -14.94 13.71
CA LEU C 133 -4.73 -16.29 13.19
C LEU C 133 -6.14 -16.29 12.63
N SER C 134 -6.29 -16.46 11.32
CA SER C 134 -7.64 -16.48 10.78
C SER C 134 -8.15 -17.90 10.54
N LEU C 135 -9.36 -18.17 11.03
CA LEU C 135 -10.01 -19.46 10.85
C LEU C 135 -11.27 -19.24 10.04
N GLU C 136 -11.86 -20.34 9.60
CA GLU C 136 -13.08 -20.29 8.80
C GLU C 136 -13.97 -21.45 9.25
N ASN C 137 -15.10 -21.16 9.91
CA ASN C 137 -15.91 -22.28 10.35
C ASN C 137 -17.03 -22.57 9.38
N THR C 138 -16.85 -23.78 8.84
CA THR C 138 -17.59 -24.43 7.80
C THR C 138 -16.66 -23.89 6.74
N HIS C 139 -15.66 -24.71 6.44
CA HIS C 139 -14.65 -24.41 5.44
C HIS C 139 -14.99 -25.38 4.32
N ASN C 140 -15.55 -24.87 3.23
CA ASN C 140 -15.97 -25.71 2.12
C ASN C 140 -16.94 -26.76 2.66
N GLY C 141 -17.93 -26.30 3.43
CA GLY C 141 -18.91 -27.19 4.01
C GLY C 141 -18.50 -27.86 5.31
N LYS C 142 -17.20 -28.15 5.46
CA LYS C 142 -16.65 -28.81 6.64
C LYS C 142 -16.86 -28.09 7.97
N VAL C 143 -17.45 -28.77 8.94
CA VAL C 143 -17.66 -28.18 10.24
C VAL C 143 -16.45 -28.50 11.09
N LEU C 144 -15.83 -27.44 11.60
CA LEU C 144 -14.64 -27.57 12.43
C LEU C 144 -14.96 -28.27 13.77
N PRO C 145 -14.07 -29.17 14.21
CA PRO C 145 -14.29 -29.87 15.49
C PRO C 145 -14.42 -28.81 16.61
N ARG C 146 -15.45 -28.91 17.45
CA ARG C 146 -15.62 -27.94 18.52
C ARG C 146 -14.42 -27.88 19.47
N GLU C 147 -13.86 -29.03 19.84
CA GLU C 147 -12.70 -29.05 20.72
C GLU C 147 -11.57 -28.23 20.08
N TYR C 148 -11.48 -28.28 18.75
CA TYR C 148 -10.47 -27.51 18.05
C TYR C 148 -10.66 -26.02 18.34
N LEU C 149 -11.91 -25.59 18.22
CA LEU C 149 -12.27 -24.20 18.45
C LEU C 149 -11.81 -23.70 19.81
N LYS C 150 -11.54 -24.61 20.75
CA LYS C 150 -11.12 -24.19 22.08
C LYS C 150 -9.60 -24.18 22.21
N GLU C 151 -8.92 -25.12 21.58
CA GLU C 151 -7.48 -25.11 21.66
C GLU C 151 -6.95 -23.89 20.91
N ALA C 152 -7.55 -23.61 19.75
CA ALA C 152 -7.17 -22.46 18.90
C ALA C 152 -7.23 -21.16 19.70
N TRP C 153 -8.33 -20.98 20.41
CA TRP C 153 -8.53 -19.82 21.25
C TRP C 153 -7.47 -19.82 22.36
N GLU C 154 -7.27 -20.97 23.01
CA GLU C 154 -6.26 -21.07 24.08
C GLU C 154 -4.86 -20.79 23.53
N PHE C 155 -4.54 -21.44 22.42
CA PHE C 155 -3.25 -21.30 21.74
C PHE C 155 -2.92 -19.83 21.46
N THR C 156 -3.86 -19.10 20.88
CA THR C 156 -3.64 -17.69 20.57
C THR C 156 -3.47 -16.82 21.81
N ARG C 157 -4.23 -17.09 22.88
CA ARG C 157 -4.07 -16.30 24.11
C ARG C 157 -2.67 -16.54 24.65
N LYS C 158 -2.28 -17.81 24.82
CA LYS C 158 -0.94 -18.09 25.33
C LYS C 158 0.13 -17.37 24.50
N ARG C 159 -0.13 -17.15 23.22
CA ARG C 159 0.88 -16.54 22.36
C ARG C 159 0.58 -15.11 21.90
N ASN C 160 -0.32 -14.45 22.61
CA ASN C 160 -0.69 -13.08 22.31
C ASN C 160 -1.08 -12.82 20.86
N LEU C 161 -1.91 -13.68 20.31
CA LEU C 161 -2.38 -13.51 18.94
C LEU C 161 -3.88 -13.32 18.91
N ALA C 162 -4.35 -12.46 18.03
CA ALA C 162 -5.79 -12.25 17.91
C ALA C 162 -6.27 -13.47 17.15
N LEU C 163 -7.56 -13.77 17.26
CA LEU C 163 -8.13 -14.92 16.55
C LEU C 163 -9.42 -14.44 15.97
N HIS C 164 -9.56 -14.60 14.67
CA HIS C 164 -10.75 -14.16 13.97
C HIS C 164 -11.34 -15.33 13.22
N VAL C 165 -12.66 -15.44 13.26
CA VAL C 165 -13.31 -16.54 12.56
C VAL C 165 -14.18 -16.04 11.41
N ASP C 166 -13.91 -16.51 10.20
CA ASP C 166 -14.70 -16.15 9.01
C ASP C 166 -15.95 -17.02 9.10
N GLY C 167 -17.07 -16.46 9.53
CA GLY C 167 -18.27 -17.26 9.67
C GLY C 167 -19.33 -17.11 8.60
N ALA C 168 -18.91 -16.99 7.35
CA ALA C 168 -19.87 -16.86 6.25
C ALA C 168 -21.00 -17.88 6.45
N ARG C 169 -20.60 -19.11 6.76
CA ARG C 169 -21.56 -20.18 7.00
C ARG C 169 -21.47 -20.67 8.45
N ILE C 170 -21.24 -19.76 9.39
CA ILE C 170 -21.14 -20.17 10.79
C ILE C 170 -22.42 -20.82 11.34
N PHE C 171 -23.59 -20.45 10.82
CA PHE C 171 -24.83 -21.06 11.30
C PHE C 171 -25.01 -22.51 10.84
N ASN C 172 -24.44 -22.87 9.70
CA ASN C 172 -24.54 -24.26 9.25
C ASN C 172 -23.73 -25.06 10.27
N ALA C 173 -22.68 -24.43 10.78
CA ALA C 173 -21.83 -25.06 11.78
C ALA C 173 -22.63 -25.15 13.09
N VAL C 174 -23.22 -24.03 13.49
CA VAL C 174 -24.03 -23.97 14.70
C VAL C 174 -25.16 -25.02 14.63
N VAL C 175 -25.98 -24.96 13.58
CA VAL C 175 -27.07 -25.92 13.45
C VAL C 175 -26.51 -27.33 13.55
N ALA C 176 -25.34 -27.53 12.98
CA ALA C 176 -24.69 -28.83 12.97
C ALA C 176 -24.26 -29.26 14.36
N TYR C 177 -23.71 -28.33 15.14
CA TYR C 177 -23.24 -28.62 16.49
C TYR C 177 -24.42 -28.93 17.40
N GLY C 178 -25.47 -28.13 17.28
CA GLY C 178 -26.64 -28.30 18.14
C GLY C 178 -26.41 -27.48 19.39
N CYS C 179 -25.90 -26.26 19.20
CA CYS C 179 -25.61 -25.40 20.32
C CYS C 179 -25.90 -23.97 19.96
N GLU C 180 -25.82 -23.10 20.96
CA GLU C 180 -26.08 -21.69 20.74
C GLU C 180 -24.80 -21.08 20.16
N LEU C 181 -24.95 -19.97 19.45
CA LEU C 181 -23.81 -19.31 18.85
C LEU C 181 -22.74 -18.93 19.87
N LYS C 182 -23.19 -18.47 21.04
CA LYS C 182 -22.30 -18.07 22.13
C LYS C 182 -21.24 -19.14 22.44
N GLU C 183 -21.66 -20.39 22.46
CA GLU C 183 -20.79 -21.50 22.79
C GLU C 183 -19.53 -21.62 21.94
N ILE C 184 -19.58 -21.17 20.69
CA ILE C 184 -18.40 -21.25 19.85
C ILE C 184 -17.77 -19.89 19.63
N THR C 185 -18.59 -18.84 19.70
CA THR C 185 -18.12 -17.48 19.51
C THR C 185 -17.35 -16.97 20.72
N GLN C 186 -17.60 -17.59 21.87
CA GLN C 186 -16.90 -17.21 23.09
C GLN C 186 -15.42 -17.43 22.87
N TYR C 187 -15.11 -18.32 21.91
CA TYR C 187 -13.73 -18.66 21.58
C TYR C 187 -13.06 -17.88 20.48
N CYS C 188 -13.39 -16.59 20.33
CA CYS C 188 -12.75 -15.75 19.31
C CYS C 188 -12.88 -14.25 19.65
N ASP C 189 -11.88 -13.45 19.27
CA ASP C 189 -11.91 -12.01 19.52
C ASP C 189 -12.90 -11.35 18.58
N SER C 190 -12.99 -11.89 17.37
CA SER C 190 -13.90 -11.36 16.35
C SER C 190 -14.31 -12.45 15.35
N PHE C 191 -15.51 -12.33 14.81
CA PHE C 191 -15.98 -13.31 13.84
C PHE C 191 -16.84 -12.60 12.81
N THR C 192 -17.34 -13.34 11.83
CA THR C 192 -18.16 -12.71 10.81
C THR C 192 -19.42 -13.52 10.54
N ILE C 193 -20.51 -12.84 10.14
CA ILE C 193 -21.77 -13.49 9.82
C ILE C 193 -22.23 -13.07 8.43
N CYS C 194 -22.62 -14.04 7.62
CA CYS C 194 -23.08 -13.76 6.28
C CYS C 194 -24.59 -13.97 6.22
N LEU C 195 -25.29 -12.95 5.76
CA LEU C 195 -26.74 -13.01 5.68
C LEU C 195 -27.23 -13.39 4.29
N SER C 196 -26.46 -12.99 3.27
CA SER C 196 -26.83 -13.21 1.87
C SER C 196 -26.74 -14.62 1.27
N GLY C 198 -26.85 -18.86 2.88
CA GLY C 198 -27.80 -19.81 3.46
C GLY C 198 -29.00 -19.18 4.12
N LEU C 199 -28.77 -18.08 4.83
CA LEU C 199 -29.82 -17.37 5.54
C LEU C 199 -30.79 -16.58 4.67
N GLY C 200 -30.67 -16.72 3.35
CA GLY C 200 -31.59 -16.05 2.43
C GLY C 200 -31.64 -14.54 2.21
N THR C 201 -30.84 -13.75 2.90
CA THR C 201 -30.86 -12.29 2.70
C THR C 201 -30.34 -11.87 1.30
N PRO C 202 -30.81 -10.75 0.74
CA PRO C 202 -30.36 -10.30 -0.60
C PRO C 202 -28.94 -9.74 -0.63
N VAL C 203 -28.50 -9.18 0.49
CA VAL C 203 -27.17 -8.59 0.60
C VAL C 203 -26.77 -8.51 2.07
N GLY C 204 -25.48 -8.40 2.37
CA GLY C 204 -25.13 -8.20 3.77
C GLY C 204 -24.35 -9.18 4.62
N SER C 205 -23.43 -8.63 5.39
CA SER C 205 -22.58 -9.39 6.32
C SER C 205 -22.43 -8.58 7.59
N LEU C 206 -22.05 -9.27 8.68
CA LEU C 206 -21.85 -8.60 9.94
C LEU C 206 -20.49 -8.98 10.48
N LEU C 207 -19.74 -7.97 10.94
CA LEU C 207 -18.42 -8.14 11.55
C LEU C 207 -18.73 -7.91 13.03
N VAL C 208 -18.37 -8.87 13.88
CA VAL C 208 -18.67 -8.81 15.31
C VAL C 208 -17.48 -8.91 16.24
N GLY C 209 -17.43 -8.07 17.26
CA GLY C 209 -16.31 -8.10 18.18
C GLY C 209 -16.34 -7.11 19.34
N ASN C 210 -15.16 -6.67 19.76
CA ASN C 210 -15.08 -5.74 20.88
C ASN C 210 -15.45 -4.34 20.43
N ARG C 211 -15.91 -3.53 21.39
CA ARG C 211 -16.33 -2.16 21.13
C ARG C 211 -15.24 -1.33 20.47
N ASP C 212 -14.05 -1.32 21.08
CA ASP C 212 -12.92 -0.53 20.57
C ASP C 212 -12.43 -1.06 19.23
N TYR C 213 -12.58 -2.36 19.03
CA TYR C 213 -12.18 -2.98 17.79
C TYR C 213 -13.21 -2.62 16.70
N ILE C 214 -14.49 -2.74 17.02
CA ILE C 214 -15.52 -2.39 16.05
C ILE C 214 -15.47 -0.89 15.75
N LYS C 215 -14.96 -0.10 16.68
CA LYS C 215 -14.90 1.34 16.41
C LYS C 215 -13.90 1.61 15.27
N ARG C 216 -12.76 0.90 15.27
CA ARG C 216 -11.77 1.07 14.19
C ARG C 216 -12.38 0.56 12.88
N ALA C 217 -13.08 -0.57 12.95
CA ALA C 217 -13.73 -1.16 11.80
C ALA C 217 -14.62 -0.14 11.07
N ILE C 218 -15.24 0.76 11.81
CA ILE C 218 -16.07 1.77 11.18
C ILE C 218 -15.22 2.69 10.30
N ARG C 219 -14.05 3.12 10.80
CA ARG C 219 -13.18 3.97 9.97
C ARG C 219 -12.77 3.19 8.72
N TRP C 220 -12.32 1.93 8.88
CA TRP C 220 -11.95 1.13 7.72
C TRP C 220 -13.16 0.80 6.81
N ARG C 221 -14.36 0.77 7.38
CA ARG C 221 -15.54 0.48 6.57
C ARG C 221 -15.88 1.69 5.72
N LYS C 222 -15.75 2.87 6.31
CA LYS C 222 -16.03 4.11 5.59
C LYS C 222 -15.07 4.19 4.43
N MET C 223 -13.78 4.00 4.73
CA MET C 223 -12.73 4.12 3.72
C MET C 223 -12.85 3.18 2.54
N THR C 224 -13.19 1.92 2.79
CA THR C 224 -13.33 0.96 1.72
C THR C 224 -14.66 1.13 1.01
N GLY C 225 -15.37 2.19 1.39
CA GLY C 225 -16.64 2.54 0.77
C GLY C 225 -17.88 1.75 1.13
N GLY C 226 -17.96 1.23 2.36
CA GLY C 226 -19.12 0.45 2.72
C GLY C 226 -20.08 1.15 3.67
N GLY C 227 -19.86 2.43 3.95
CA GLY C 227 -20.74 3.15 4.86
C GLY C 227 -21.96 3.68 4.13
N MET C 228 -23.03 2.91 4.10
CA MET C 228 -24.22 3.33 3.37
C MET C 228 -25.20 4.19 4.15
N ARG C 229 -26.19 4.71 3.42
CA ARG C 229 -27.23 5.60 3.96
C ARG C 229 -28.42 4.93 4.66
N GLN C 230 -29.56 4.86 3.97
CA GLN C 230 -30.75 4.25 4.53
C GLN C 230 -30.70 2.74 4.36
N SER C 231 -29.65 2.10 4.87
CA SER C 231 -29.52 0.65 4.72
C SER C 231 -30.37 -0.23 5.66
N GLY C 232 -31.06 0.39 6.60
CA GLY C 232 -31.90 -0.38 7.51
C GLY C 232 -32.84 -1.33 6.78
N ILE C 233 -33.23 -0.92 5.59
CA ILE C 233 -34.10 -1.73 4.77
C ILE C 233 -33.40 -3.06 4.48
N LEU C 234 -32.09 -3.02 4.23
CA LEU C 234 -31.34 -4.25 3.97
C LEU C 234 -31.18 -4.96 5.29
N ALA C 235 -30.91 -4.20 6.34
CA ALA C 235 -30.70 -4.79 7.66
C ALA C 235 -31.98 -5.48 8.11
N ALA C 236 -33.13 -4.96 7.66
CA ALA C 236 -34.40 -5.57 8.01
C ALA C 236 -34.34 -7.06 7.64
N ALA C 237 -34.00 -7.37 6.39
CA ALA C 237 -33.93 -8.76 5.96
C ALA C 237 -32.99 -9.60 6.85
N GLY C 238 -32.01 -8.94 7.48
CA GLY C 238 -31.09 -9.65 8.34
C GLY C 238 -31.79 -10.14 9.58
N MET C 239 -32.60 -9.28 10.21
CA MET C 239 -33.35 -9.66 11.41
C MET C 239 -34.28 -10.82 11.12
N TYR C 240 -34.99 -10.73 9.99
CA TYR C 240 -35.91 -11.77 9.61
C TYR C 240 -35.21 -13.10 9.47
N ALA C 241 -34.03 -13.08 8.88
CA ALA C 241 -33.26 -14.29 8.65
C ALA C 241 -32.73 -14.89 9.94
N LEU C 242 -32.04 -14.07 10.73
CA LEU C 242 -31.48 -14.55 11.98
C LEU C 242 -32.53 -15.14 12.91
N LYS C 243 -33.76 -14.66 12.78
CA LYS C 243 -34.85 -15.13 13.62
C LYS C 243 -35.70 -16.24 13.00
N ASN C 244 -35.67 -16.42 11.68
CA ASN C 244 -36.51 -17.42 11.06
C ASN C 244 -35.85 -18.47 10.14
N ASN C 245 -34.68 -18.15 9.60
CA ASN C 245 -34.03 -19.06 8.67
C ASN C 245 -32.80 -19.79 9.16
N VAL C 246 -32.65 -19.90 10.47
CA VAL C 246 -31.51 -20.62 11.01
C VAL C 246 -31.86 -22.09 11.14
N ALA C 247 -33.01 -22.38 11.74
CA ALA C 247 -33.45 -23.74 11.96
C ALA C 247 -33.53 -24.59 10.69
N ARG C 248 -34.14 -24.07 9.63
CA ARG C 248 -34.27 -24.83 8.39
C ARG C 248 -32.97 -25.11 7.64
N LEU C 249 -31.84 -24.71 8.22
CA LEU C 249 -30.56 -24.96 7.58
C LEU C 249 -30.40 -26.47 7.60
N GLN C 250 -31.06 -27.07 8.59
CA GLN C 250 -31.04 -28.51 8.78
C GLN C 250 -31.69 -29.18 7.55
N GLU C 251 -32.65 -28.49 6.95
CA GLU C 251 -33.36 -28.99 5.78
C GLU C 251 -32.36 -29.04 4.61
N ASP C 252 -31.44 -28.09 4.59
CA ASP C 252 -30.47 -28.05 3.51
C ASP C 252 -29.47 -29.17 3.69
N HIS C 253 -29.03 -29.39 4.91
CA HIS C 253 -28.07 -30.43 5.19
C HIS C 253 -28.64 -31.81 4.86
N ASP C 254 -29.92 -32.04 5.17
CA ASP C 254 -30.53 -33.35 4.88
C ASP C 254 -30.69 -33.53 3.37
N ASN C 255 -31.03 -32.45 2.66
CA ASN C 255 -31.19 -32.49 1.21
C ASN C 255 -29.89 -32.79 0.50
N THR C 256 -28.78 -32.49 1.17
CA THR C 256 -27.44 -32.70 0.63
C THR C 256 -26.93 -34.11 0.81
N ALA C 257 -27.23 -34.69 1.97
CA ALA C 257 -26.79 -36.05 2.25
C ALA C 257 -27.58 -36.97 1.32
N TRP C 258 -28.86 -36.68 1.18
CA TRP C 258 -29.74 -37.46 0.34
C TRP C 258 -29.32 -37.39 -1.14
N MET C 259 -28.82 -36.23 -1.56
CA MET C 259 -28.41 -36.05 -2.96
C MET C 259 -27.10 -36.81 -3.19
N ALA C 260 -26.29 -36.91 -2.14
CA ALA C 260 -25.01 -37.59 -2.22
C ALA C 260 -25.24 -39.09 -2.44
N GLU C 261 -26.29 -39.61 -1.82
CA GLU C 261 -26.63 -41.02 -1.97
C GLU C 261 -27.31 -41.28 -3.32
N GLN C 262 -27.98 -40.28 -3.86
CA GLN C 262 -28.63 -40.43 -5.16
C GLN C 262 -27.63 -40.39 -6.30
N LEU C 263 -26.61 -39.54 -6.18
CA LEU C 263 -25.61 -39.45 -7.24
C LEU C 263 -24.72 -40.67 -7.20
N ARG C 264 -24.66 -41.30 -6.04
CA ARG C 264 -23.85 -42.49 -5.92
C ARG C 264 -24.57 -43.56 -6.72
N GLU C 265 -25.82 -43.82 -6.34
CA GLU C 265 -26.63 -44.84 -7.02
C GLU C 265 -26.65 -44.60 -8.53
N ALA C 266 -26.49 -43.34 -8.94
CA ALA C 266 -26.49 -42.98 -10.36
C ALA C 266 -25.10 -43.23 -10.93
N GLY C 267 -24.25 -43.84 -10.12
CA GLY C 267 -22.91 -44.13 -10.59
C GLY C 267 -21.89 -43.02 -10.48
N ALA C 268 -22.33 -41.82 -10.11
CA ALA C 268 -21.39 -40.71 -9.99
C ALA C 268 -20.47 -40.98 -8.81
N ASP C 269 -19.27 -40.42 -8.85
CA ASP C 269 -18.30 -40.60 -7.77
C ASP C 269 -18.27 -39.44 -6.77
N VAL C 270 -19.06 -39.57 -5.71
CA VAL C 270 -19.13 -38.54 -4.70
C VAL C 270 -17.86 -38.56 -3.85
N MET C 271 -17.12 -37.47 -3.87
CA MET C 271 -15.87 -37.36 -3.11
C MET C 271 -16.09 -37.15 -1.62
N ARG C 272 -17.16 -36.41 -1.29
CA ARG C 272 -17.52 -36.14 0.09
C ARG C 272 -18.61 -35.09 0.18
N GLN C 273 -19.31 -35.08 1.31
CA GLN C 273 -20.37 -34.10 1.54
C GLN C 273 -20.35 -33.66 2.99
N ASP C 274 -20.51 -32.36 3.22
CA ASP C 274 -20.50 -31.76 4.55
C ASP C 274 -21.54 -30.64 4.60
N THR C 275 -22.51 -30.79 5.50
CA THR C 275 -23.61 -29.84 5.64
C THR C 275 -24.29 -29.56 4.29
N ASN C 276 -24.30 -28.31 3.81
CA ASN C 276 -24.99 -28.00 2.56
C ASN C 276 -24.13 -28.07 1.30
N MET C 277 -23.11 -28.92 1.31
CA MET C 277 -22.20 -29.05 0.16
C MET C 277 -21.73 -30.48 -0.10
N LEU C 278 -21.43 -30.79 -1.35
CA LEU C 278 -20.87 -32.09 -1.73
C LEU C 278 -20.06 -31.85 -2.99
N PHE C 279 -19.08 -32.70 -3.23
CA PHE C 279 -18.21 -32.53 -4.39
C PHE C 279 -18.15 -33.83 -5.16
N VAL C 280 -18.34 -33.74 -6.48
CA VAL C 280 -18.33 -34.93 -7.33
C VAL C 280 -17.12 -34.95 -8.26
N ARG C 281 -16.50 -36.12 -8.40
CA ARG C 281 -15.32 -36.23 -9.26
C ARG C 281 -15.77 -36.45 -10.70
N VAL C 282 -15.91 -35.35 -11.45
CA VAL C 282 -16.36 -35.39 -12.83
C VAL C 282 -15.30 -35.75 -13.86
N GLY C 283 -14.13 -35.10 -13.78
CA GLY C 283 -13.08 -35.36 -14.75
C GLY C 283 -12.88 -34.20 -15.73
N GLU C 284 -11.70 -34.12 -16.33
CA GLU C 284 -11.40 -33.07 -17.29
C GLU C 284 -12.15 -33.31 -18.58
N GLU C 285 -12.43 -34.58 -18.85
CA GLU C 285 -13.11 -34.96 -20.06
C GLU C 285 -14.59 -34.58 -20.10
N ASN C 286 -15.30 -34.76 -18.99
CA ASN C 286 -16.73 -34.42 -18.97
C ASN C 286 -17.01 -33.08 -18.35
N ALA C 287 -16.04 -32.57 -17.60
CA ALA C 287 -16.20 -31.28 -16.90
C ALA C 287 -17.07 -30.30 -17.64
N ALA C 288 -16.59 -29.86 -18.79
CA ALA C 288 -17.29 -28.85 -19.59
C ALA C 288 -18.56 -29.29 -20.32
N ALA C 289 -18.65 -30.57 -20.66
CA ALA C 289 -19.83 -31.07 -21.35
C ALA C 289 -20.99 -31.21 -20.36
N LEU C 290 -20.65 -31.61 -19.14
CA LEU C 290 -21.62 -31.80 -18.06
C LEU C 290 -22.32 -30.53 -17.65
N GLY C 291 -21.56 -29.43 -17.54
CA GLY C 291 -22.15 -28.18 -17.15
C GLY C 291 -23.08 -27.74 -18.26
N GLU C 292 -22.69 -28.09 -19.48
CA GLU C 292 -23.46 -27.74 -20.66
C GLU C 292 -24.74 -28.58 -20.66
N TYR C 293 -24.56 -29.87 -20.44
CA TYR C 293 -25.67 -30.80 -20.40
C TYR C 293 -26.70 -30.30 -19.36
N MET C 294 -26.21 -30.01 -18.16
CA MET C 294 -27.09 -29.53 -17.10
C MET C 294 -27.71 -28.18 -17.41
N LYS C 295 -26.98 -27.30 -18.09
CA LYS C 295 -27.51 -25.99 -18.40
C LYS C 295 -28.64 -26.05 -19.44
N ALA C 296 -28.55 -27.01 -20.35
CA ALA C 296 -29.55 -27.19 -21.40
C ALA C 296 -30.83 -27.75 -20.80
N ARG C 297 -30.69 -28.34 -19.63
CA ARG C 297 -31.82 -28.93 -18.91
C ARG C 297 -32.27 -28.03 -17.76
N ASN C 298 -31.79 -26.78 -17.74
CA ASN C 298 -32.17 -25.83 -16.71
C ASN C 298 -31.52 -26.06 -15.35
N VAL C 299 -30.35 -26.68 -15.35
CA VAL C 299 -29.64 -26.93 -14.11
C VAL C 299 -28.32 -26.17 -14.15
N LEU C 300 -28.22 -25.10 -13.35
CA LEU C 300 -26.99 -24.33 -13.32
C LEU C 300 -26.00 -24.90 -12.29
N ILE C 301 -24.81 -25.27 -12.73
CA ILE C 301 -23.81 -25.76 -11.79
C ILE C 301 -22.45 -25.26 -12.25
N ASN C 302 -21.56 -25.03 -11.30
CA ASN C 302 -20.22 -24.58 -11.63
C ASN C 302 -19.46 -25.79 -12.19
N ALA C 303 -19.39 -25.86 -13.51
CA ALA C 303 -18.71 -26.95 -14.20
C ALA C 303 -17.23 -26.90 -13.85
N SER C 304 -16.67 -28.07 -13.53
CA SER C 304 -15.27 -28.14 -13.15
C SER C 304 -14.88 -29.61 -12.98
N PRO C 305 -13.57 -29.92 -13.13
CA PRO C 305 -13.14 -31.32 -12.96
C PRO C 305 -13.76 -31.91 -11.71
N ILE C 306 -13.87 -31.10 -10.66
CA ILE C 306 -14.51 -31.53 -9.43
C ILE C 306 -15.68 -30.57 -9.23
N VAL C 307 -16.87 -31.11 -9.16
CA VAL C 307 -18.06 -30.29 -9.04
C VAL C 307 -18.62 -30.17 -7.63
N ARG C 308 -18.75 -28.94 -7.15
CA ARG C 308 -19.31 -28.67 -5.84
C ARG C 308 -20.76 -28.30 -6.05
N LEU C 309 -21.66 -29.04 -5.42
CA LEU C 309 -23.08 -28.75 -5.50
C LEU C 309 -23.37 -28.18 -4.12
N VAL C 310 -24.10 -27.07 -4.07
CA VAL C 310 -24.45 -26.40 -2.82
C VAL C 310 -25.97 -26.32 -2.73
N THR C 311 -26.55 -26.72 -1.59
CA THR C 311 -28.00 -26.68 -1.42
C THR C 311 -28.42 -25.49 -0.55
N HIS C 312 -29.61 -24.98 -0.80
CA HIS C 312 -30.11 -23.83 -0.07
C HIS C 312 -31.63 -23.79 -0.18
N LEU C 313 -32.25 -22.79 0.45
CA LEU C 313 -33.71 -22.68 0.46
C LEU C 313 -34.45 -22.52 -0.87
N ASP C 314 -33.74 -22.25 -1.96
CA ASP C 314 -34.45 -22.13 -3.23
C ASP C 314 -34.29 -23.38 -4.10
N VAL C 315 -33.89 -24.48 -3.46
CA VAL C 315 -33.73 -25.74 -4.17
C VAL C 315 -34.30 -26.88 -3.33
N SER C 316 -35.39 -27.47 -3.82
CA SER C 316 -36.13 -28.55 -3.17
C SER C 316 -35.56 -29.95 -3.43
N ARG C 317 -36.08 -30.96 -2.73
CA ARG C 317 -35.60 -32.33 -2.93
C ARG C 317 -36.09 -32.87 -4.26
N ALA C 318 -37.30 -32.43 -4.64
CA ALA C 318 -37.90 -32.86 -5.90
C ALA C 318 -36.94 -32.42 -6.99
N GLN C 319 -36.57 -31.14 -6.95
CA GLN C 319 -35.66 -30.58 -7.93
C GLN C 319 -34.35 -31.34 -7.91
N LEU C 320 -33.86 -31.61 -6.71
CA LEU C 320 -32.62 -32.36 -6.55
C LEU C 320 -32.79 -33.72 -7.22
N ALA C 321 -33.93 -34.36 -6.97
CA ALA C 321 -34.21 -35.67 -7.55
C ALA C 321 -33.98 -35.65 -9.07
N GLU C 322 -34.53 -34.66 -9.76
CA GLU C 322 -34.37 -34.54 -11.20
C GLU C 322 -32.91 -34.41 -11.64
N VAL C 323 -32.11 -33.70 -10.84
CA VAL C 323 -30.69 -33.52 -11.12
C VAL C 323 -30.00 -34.89 -11.04
N ALA C 324 -30.47 -35.73 -10.14
CA ALA C 324 -29.90 -37.06 -9.99
C ALA C 324 -30.20 -37.85 -11.25
N ALA C 325 -31.41 -37.64 -11.78
CA ALA C 325 -31.86 -38.33 -12.99
C ALA C 325 -31.06 -37.90 -14.20
N HIS C 326 -30.85 -36.59 -14.33
CA HIS C 326 -30.10 -36.06 -15.45
C HIS C 326 -28.68 -36.55 -15.36
N TRP C 327 -28.13 -36.49 -14.15
CA TRP C 327 -26.76 -36.93 -13.95
C TRP C 327 -26.63 -38.40 -14.40
N ARG C 328 -27.55 -39.24 -13.96
CA ARG C 328 -27.51 -40.65 -14.32
C ARG C 328 -27.54 -40.86 -15.84
N ALA C 329 -28.43 -40.12 -16.52
CA ALA C 329 -28.55 -40.22 -17.96
C ALA C 329 -27.41 -39.51 -18.69
N PHE C 330 -26.58 -38.77 -17.96
CA PHE C 330 -25.45 -38.08 -18.56
C PHE C 330 -24.28 -39.04 -18.65
N LEU C 331 -24.30 -40.03 -17.76
CA LEU C 331 -23.25 -41.04 -17.70
C LEU C 331 -23.48 -42.16 -18.71
N ALA C 332 -24.57 -42.05 -19.47
CA ALA C 332 -24.92 -43.03 -20.49
C ALA C 332 -24.38 -42.59 -21.85
N MET D 1 -40.59 17.07 11.20
CA MET D 1 -39.12 16.83 11.21
C MET D 1 -38.40 17.38 9.97
N ILE D 2 -37.91 18.59 10.10
CA ILE D 2 -37.22 19.26 9.03
C ILE D 2 -35.72 18.97 9.15
N ASP D 3 -35.22 18.17 8.20
CA ASP D 3 -33.81 17.76 8.18
C ASP D 3 -33.05 18.55 7.10
N LEU D 4 -32.20 19.47 7.54
CA LEU D 4 -31.45 20.31 6.60
C LEU D 4 -29.96 20.04 6.58
N ARG D 5 -29.55 18.98 7.26
CA ARG D 5 -28.16 18.62 7.35
C ARG D 5 -27.49 18.30 6.03
N SER D 6 -28.20 17.55 5.19
CA SER D 6 -27.67 17.12 3.91
C SER D 6 -28.81 16.53 3.10
N ASP D 7 -28.55 16.21 1.83
CA ASP D 7 -29.59 15.62 1.00
C ASP D 7 -29.46 14.10 1.04
N THR D 8 -28.53 13.61 1.85
CA THR D 8 -28.32 12.19 1.97
C THR D 8 -29.44 11.58 2.80
N VAL D 9 -30.15 12.42 3.55
CA VAL D 9 -31.23 11.96 4.42
C VAL D 9 -32.55 11.69 3.72
N THR D 10 -32.59 11.95 2.41
CA THR D 10 -33.80 11.73 1.61
C THR D 10 -34.23 10.28 1.80
N ARG D 11 -35.54 10.04 1.79
CA ARG D 11 -36.08 8.71 1.99
C ARG D 11 -36.91 8.22 0.82
N PRO D 12 -37.03 6.90 0.68
CA PRO D 12 -37.79 6.24 -0.39
C PRO D 12 -39.26 6.65 -0.45
N SER D 13 -39.72 7.08 -1.62
CA SER D 13 -41.12 7.44 -1.80
C SER D 13 -41.87 6.11 -1.86
N ARG D 14 -43.20 6.18 -1.89
CA ARG D 14 -44.02 4.98 -1.97
C ARG D 14 -43.84 4.35 -3.33
N ALA D 15 -43.91 5.19 -4.37
CA ALA D 15 -43.73 4.68 -5.73
C ALA D 15 -42.38 3.94 -5.80
N MET D 16 -41.36 4.54 -5.21
CA MET D 16 -40.04 3.91 -5.20
C MET D 16 -40.08 2.56 -4.50
N LEU D 17 -40.51 2.54 -3.24
CA LEU D 17 -40.60 1.26 -2.51
C LEU D 17 -41.27 0.14 -3.30
N GLU D 18 -42.40 0.45 -3.93
CA GLU D 18 -43.12 -0.54 -4.72
C GLU D 18 -42.25 -1.11 -5.84
N ALA D 19 -41.58 -0.25 -6.58
CA ALA D 19 -40.74 -0.72 -7.67
C ALA D 19 -39.69 -1.68 -7.12
N MET D 20 -39.07 -1.29 -6.02
CA MET D 20 -38.03 -2.08 -5.39
C MET D 20 -38.55 -3.44 -5.06
N MET D 21 -39.69 -3.50 -4.37
CA MET D 21 -40.26 -4.79 -4.00
C MET D 21 -40.57 -5.65 -5.22
N ALA D 22 -40.94 -5.01 -6.33
CA ALA D 22 -41.29 -5.70 -7.57
C ALA D 22 -40.10 -6.12 -8.46
N ALA D 23 -39.00 -5.39 -8.36
CA ALA D 23 -37.83 -5.67 -9.18
C ALA D 23 -37.40 -7.13 -9.21
N PRO D 24 -37.18 -7.66 -10.41
CA PRO D 24 -36.74 -9.06 -10.46
C PRO D 24 -35.23 -9.00 -10.14
N VAL D 25 -34.68 -10.01 -9.46
CA VAL D 25 -33.25 -9.97 -9.11
C VAL D 25 -32.44 -11.24 -9.43
N GLY D 26 -31.15 -11.19 -9.19
CA GLY D 26 -30.29 -12.33 -9.43
C GLY D 26 -29.03 -12.21 -8.61
N ASP D 27 -27.93 -12.81 -9.07
CA ASP D 27 -26.66 -12.73 -8.35
C ASP D 27 -25.70 -11.89 -9.20
N ASP D 28 -25.48 -10.66 -8.78
CA ASP D 28 -24.62 -9.72 -9.50
C ASP D 28 -23.15 -10.16 -9.65
N VAL D 29 -22.67 -11.03 -8.78
CA VAL D 29 -21.31 -11.49 -8.92
C VAL D 29 -21.30 -12.35 -10.20
N TYR D 30 -22.40 -13.06 -10.43
CA TYR D 30 -22.52 -13.90 -11.63
C TYR D 30 -23.06 -13.07 -12.77
N GLY D 31 -23.54 -11.87 -12.45
CA GLY D 31 -24.08 -10.97 -13.46
C GLY D 31 -25.51 -11.32 -13.81
N ASP D 32 -26.15 -12.10 -12.95
CA ASP D 32 -27.53 -12.56 -13.14
C ASP D 32 -28.63 -11.61 -12.71
N ASP D 33 -28.28 -10.39 -12.31
CA ASP D 33 -29.33 -9.49 -11.86
C ASP D 33 -29.84 -8.55 -12.96
N PRO D 34 -31.00 -8.88 -13.52
CA PRO D 34 -31.63 -8.10 -14.58
C PRO D 34 -31.77 -6.62 -14.24
N THR D 35 -32.17 -6.31 -13.00
CA THR D 35 -32.37 -4.91 -12.61
C THR D 35 -31.05 -4.15 -12.58
N VAL D 36 -30.02 -4.75 -11.98
CA VAL D 36 -28.72 -4.09 -11.96
C VAL D 36 -28.28 -3.87 -13.42
N ASN D 37 -28.31 -4.95 -14.21
CA ASN D 37 -27.93 -4.86 -15.62
C ASN D 37 -28.71 -3.75 -16.29
N ALA D 38 -30.01 -3.70 -16.03
CA ALA D 38 -30.86 -2.68 -16.62
C ALA D 38 -30.43 -1.30 -16.17
N LEU D 39 -30.09 -1.16 -14.89
CA LEU D 39 -29.69 0.13 -14.35
C LEU D 39 -28.41 0.60 -15.02
N GLN D 40 -27.39 -0.25 -14.98
CA GLN D 40 -26.12 0.09 -15.59
C GLN D 40 -26.23 0.42 -17.08
N ASP D 41 -27.09 -0.29 -17.80
CA ASP D 41 -27.27 -0.06 -19.23
C ASP D 41 -27.96 1.26 -19.56
N TYR D 42 -28.85 1.71 -18.69
CA TYR D 42 -29.54 2.97 -18.91
C TYR D 42 -28.60 4.14 -18.65
N ALA D 43 -27.90 4.10 -17.52
CA ALA D 43 -26.97 5.17 -17.15
C ALA D 43 -25.89 5.35 -18.21
N ALA D 44 -25.36 4.24 -18.71
CA ALA D 44 -24.33 4.31 -19.75
C ALA D 44 -24.89 4.97 -21.02
N GLU D 45 -26.05 4.50 -21.47
CA GLU D 45 -26.68 5.01 -22.68
C GLU D 45 -27.06 6.49 -22.56
N LEU D 46 -27.55 6.87 -21.39
CA LEU D 46 -27.98 8.23 -21.13
C LEU D 46 -26.82 9.21 -21.17
N SER D 47 -25.62 8.73 -20.94
CA SER D 47 -24.45 9.60 -20.93
C SER D 47 -23.58 9.42 -22.16
N GLY D 48 -23.93 8.47 -23.02
CA GLY D 48 -23.16 8.23 -24.21
C GLY D 48 -21.85 7.51 -23.90
N LYS D 49 -21.83 6.77 -22.79
CA LYS D 49 -20.66 6.00 -22.35
C LYS D 49 -20.93 4.52 -22.63
N GLU D 50 -19.87 3.72 -22.62
CA GLU D 50 -19.98 2.31 -22.94
C GLU D 50 -20.54 1.40 -21.87
N ALA D 51 -20.05 1.54 -20.63
CA ALA D 51 -20.51 0.68 -19.54
C ALA D 51 -20.68 1.43 -18.21
N ALA D 52 -21.26 0.75 -17.24
CA ALA D 52 -21.47 1.35 -15.94
C ALA D 52 -21.45 0.27 -14.88
N ILE D 53 -21.13 0.64 -13.65
CA ILE D 53 -21.07 -0.32 -12.58
C ILE D 53 -21.74 0.30 -11.34
N PHE D 54 -22.62 -0.47 -10.71
CA PHE D 54 -23.36 -0.05 -9.51
C PHE D 54 -22.54 -0.33 -8.25
N LEU D 55 -22.31 0.70 -7.44
CA LEU D 55 -21.55 0.53 -6.20
C LEU D 55 -22.39 0.85 -4.95
N PRO D 56 -21.96 0.32 -3.80
CA PRO D 56 -22.67 0.55 -2.54
C PRO D 56 -22.75 2.05 -2.17
N THR D 57 -21.64 2.76 -2.35
CA THR D 57 -21.56 4.19 -1.98
C THR D 57 -20.74 5.01 -2.98
N GLY D 58 -20.80 6.33 -2.81
CA GLY D 58 -20.06 7.21 -3.68
C GLY D 58 -18.58 7.10 -3.38
N THR D 59 -18.24 6.96 -2.10
CA THR D 59 -16.86 6.84 -1.71
C THR D 59 -16.22 5.67 -2.47
N GLN D 60 -16.90 4.52 -2.52
CA GLN D 60 -16.35 3.39 -3.23
C GLN D 60 -16.36 3.63 -4.74
N ALA D 61 -17.33 4.38 -5.23
CA ALA D 61 -17.38 4.64 -6.66
C ALA D 61 -16.12 5.46 -7.08
N ASN D 62 -15.72 6.39 -6.22
CA ASN D 62 -14.53 7.20 -6.48
C ASN D 62 -13.25 6.43 -6.19
N LEU D 63 -13.24 5.67 -5.11
CA LEU D 63 -12.06 4.89 -4.79
C LEU D 63 -11.82 3.93 -5.96
N VAL D 64 -12.88 3.27 -6.44
CA VAL D 64 -12.71 2.37 -7.58
C VAL D 64 -12.33 3.18 -8.82
N ALA D 65 -12.97 4.35 -8.97
CA ALA D 65 -12.65 5.22 -10.09
C ALA D 65 -11.13 5.49 -10.10
N LEU D 66 -10.57 5.92 -8.97
CA LEU D 66 -9.15 6.24 -8.89
C LEU D 66 -8.24 5.03 -9.07
N LEU D 67 -8.60 3.88 -8.49
CA LEU D 67 -7.80 2.66 -8.66
C LEU D 67 -7.71 2.28 -10.14
N SER D 68 -8.85 2.28 -10.82
CA SER D 68 -8.95 1.91 -12.24
C SER D 68 -8.23 2.87 -13.19
N HIS D 69 -7.92 4.06 -12.70
CA HIS D 69 -7.23 5.07 -13.48
C HIS D 69 -5.74 5.18 -13.19
N CYS D 70 -5.35 5.10 -11.92
CA CYS D 70 -3.96 5.27 -11.56
C CYS D 70 -3.28 4.04 -10.97
N GLU D 71 -2.18 3.64 -11.60
CA GLU D 71 -1.40 2.51 -11.12
C GLU D 71 -0.62 2.95 -9.89
N ARG D 72 0.02 1.99 -9.26
CA ARG D 72 0.83 2.22 -8.09
C ARG D 72 1.93 3.20 -8.51
N GLY D 73 2.01 4.36 -7.89
CA GLY D 73 3.07 5.27 -8.26
C GLY D 73 2.60 6.40 -9.14
N GLU D 74 1.39 6.28 -9.69
CA GLU D 74 0.90 7.37 -10.53
C GLU D 74 0.27 8.46 -9.68
N GLU D 75 -0.19 9.53 -10.30
CA GLU D 75 -0.73 10.63 -9.54
C GLU D 75 -1.99 11.25 -10.08
N TYR D 76 -2.80 11.79 -9.16
CA TYR D 76 -4.01 12.50 -9.58
C TYR D 76 -4.06 13.91 -8.99
N ILE D 77 -4.20 14.90 -9.86
CA ILE D 77 -4.31 16.30 -9.46
C ILE D 77 -5.79 16.46 -9.02
N VAL D 78 -6.02 17.13 -7.89
CA VAL D 78 -7.37 17.26 -7.37
C VAL D 78 -7.53 18.48 -6.47
N GLY D 79 -8.76 18.85 -6.17
CA GLY D 79 -9.01 20.00 -5.30
C GLY D 79 -8.71 19.70 -3.84
N GLN D 80 -8.25 20.71 -3.09
CA GLN D 80 -7.92 20.53 -1.67
C GLN D 80 -9.16 20.19 -0.86
N ALA D 81 -10.29 20.75 -1.27
CA ALA D 81 -11.56 20.52 -0.60
C ALA D 81 -12.42 19.48 -1.31
N ALA D 82 -11.85 18.79 -2.31
CA ALA D 82 -12.62 17.80 -3.07
C ALA D 82 -12.90 16.53 -2.28
N HIS D 83 -14.08 15.96 -2.48
CA HIS D 83 -14.46 14.79 -1.75
C HIS D 83 -13.53 13.58 -1.92
N ASN D 84 -12.97 13.33 -3.11
CA ASN D 84 -12.07 12.18 -3.23
C ASN D 84 -10.62 12.48 -2.79
N TYR D 85 -10.40 13.64 -2.18
CA TYR D 85 -9.06 13.88 -1.63
C TYR D 85 -9.19 14.04 -0.12
N LEU D 86 -10.08 14.94 0.30
CA LEU D 86 -10.27 15.25 1.70
C LEU D 86 -11.24 14.38 2.48
N PHE D 87 -12.33 13.99 1.84
CA PHE D 87 -13.40 13.23 2.50
C PHE D 87 -13.51 11.71 2.40
N GLU D 88 -12.49 11.02 1.90
CA GLU D 88 -12.55 9.57 1.86
C GLU D 88 -11.33 9.02 2.61
N ALA D 89 -10.95 9.76 3.65
CA ALA D 89 -9.80 9.43 4.50
C ALA D 89 -8.50 9.14 3.76
N GLY D 90 -8.40 9.60 2.51
CA GLY D 90 -7.20 9.39 1.73
C GLY D 90 -6.97 7.97 1.31
N GLY D 91 -8.05 7.25 1.06
CA GLY D 91 -7.94 5.87 0.66
C GLY D 91 -7.18 5.71 -0.64
N ALA D 92 -7.32 6.67 -1.55
CA ALA D 92 -6.62 6.58 -2.82
C ALA D 92 -5.15 6.32 -2.49
N ALA D 93 -4.62 7.09 -1.55
CA ALA D 93 -3.22 6.95 -1.14
C ALA D 93 -2.98 5.80 -0.18
N VAL D 94 -3.86 5.67 0.81
CA VAL D 94 -3.72 4.62 1.84
C VAL D 94 -3.97 3.21 1.34
N LEU D 95 -4.99 3.06 0.50
CA LEU D 95 -5.34 1.75 -0.06
C LEU D 95 -4.76 1.45 -1.43
N GLY D 96 -4.80 2.44 -2.31
CA GLY D 96 -4.34 2.26 -3.67
C GLY D 96 -2.93 2.65 -4.05
N SER D 97 -2.16 3.17 -3.10
CA SER D 97 -0.77 3.59 -3.36
C SER D 97 -0.72 4.62 -4.50
N ILE D 98 -1.65 5.57 -4.49
CA ILE D 98 -1.71 6.63 -5.49
C ILE D 98 -1.27 7.94 -4.82
N GLN D 99 -0.44 8.74 -5.48
CA GLN D 99 0.00 10.02 -4.89
C GLN D 99 -1.01 11.12 -5.23
N PRO D 100 -1.53 11.84 -4.20
CA PRO D 100 -2.50 12.91 -4.48
C PRO D 100 -1.80 14.26 -4.60
N GLN D 101 -2.20 15.05 -5.60
CA GLN D 101 -1.60 16.38 -5.81
C GLN D 101 -2.73 17.42 -5.80
N PRO D 102 -3.05 17.95 -4.62
CA PRO D 102 -4.12 18.93 -4.55
C PRO D 102 -3.64 20.35 -4.66
N ILE D 103 -4.50 21.18 -5.22
CA ILE D 103 -4.24 22.61 -5.37
C ILE D 103 -5.57 23.20 -4.98
N ASP D 104 -5.62 24.50 -4.77
CA ASP D 104 -6.87 25.12 -4.40
C ASP D 104 -7.73 25.38 -5.63
N ALA D 105 -9.04 25.46 -5.43
CA ALA D 105 -9.94 25.72 -6.54
C ALA D 105 -10.20 27.22 -6.59
N ALA D 106 -10.71 27.71 -7.71
CA ALA D 106 -11.04 29.13 -7.82
C ALA D 106 -12.39 29.30 -7.13
N ALA D 107 -12.89 30.53 -7.09
CA ALA D 107 -14.17 30.78 -6.45
C ALA D 107 -15.31 30.01 -7.14
N ASP D 108 -15.25 29.88 -8.46
CA ASP D 108 -16.30 29.16 -9.21
C ASP D 108 -16.29 27.65 -8.94
N GLY D 109 -15.27 27.16 -8.26
CA GLY D 109 -15.20 25.75 -7.96
C GLY D 109 -14.37 24.93 -8.95
N THR D 110 -13.81 25.60 -9.95
CA THR D 110 -13.00 24.92 -10.97
C THR D 110 -11.56 24.92 -10.51
N LEU D 111 -10.77 24.00 -11.08
CA LEU D 111 -9.33 23.91 -10.78
C LEU D 111 -8.60 24.66 -11.88
N PRO D 112 -8.07 25.85 -11.56
CA PRO D 112 -7.34 26.67 -12.53
C PRO D 112 -6.40 25.81 -13.38
N LEU D 113 -6.66 25.78 -14.68
CA LEU D 113 -5.85 24.96 -15.58
C LEU D 113 -4.39 25.37 -15.62
N ASP D 114 -4.08 26.65 -15.46
CA ASP D 114 -2.68 27.06 -15.50
C ASP D 114 -2.00 26.46 -14.28
N LYS D 115 -2.78 26.32 -13.22
CA LYS D 115 -2.34 25.74 -11.95
C LYS D 115 -2.15 24.24 -12.08
N VAL D 116 -2.99 23.59 -12.88
CA VAL D 116 -2.87 22.16 -13.08
C VAL D 116 -1.61 21.90 -13.90
N ALA D 117 -1.42 22.67 -14.98
CA ALA D 117 -0.23 22.49 -15.81
C ALA D 117 1.04 22.58 -14.98
N MET D 118 1.05 23.53 -14.03
CA MET D 118 2.20 23.70 -13.16
C MET D 118 2.47 22.51 -12.25
N LYS D 119 1.47 21.66 -12.06
CA LYS D 119 1.61 20.47 -11.20
C LYS D 119 1.84 19.19 -11.97
N ILE D 120 1.85 19.26 -13.29
CA ILE D 120 2.07 18.05 -14.09
C ILE D 120 3.56 17.80 -13.99
N LYS D 121 3.90 16.69 -13.33
CA LYS D 121 5.29 16.32 -13.08
C LYS D 121 6.04 15.93 -14.33
N PRO D 122 7.30 16.37 -14.44
CA PRO D 122 8.19 16.07 -15.57
C PRO D 122 8.51 14.59 -15.50
N ASP D 123 8.83 13.97 -16.63
CA ASP D 123 9.15 12.55 -16.62
C ASP D 123 10.53 12.33 -15.99
N ASP D 124 10.63 12.59 -14.68
CA ASP D 124 11.89 12.46 -13.95
C ASP D 124 11.67 11.52 -12.76
N ILE D 125 12.69 10.72 -12.40
CA ILE D 125 12.54 9.74 -11.33
C ILE D 125 12.28 10.24 -9.91
N HIS D 126 12.37 11.56 -9.74
CA HIS D 126 12.12 12.19 -8.45
C HIS D 126 10.62 12.39 -8.23
N PHE D 127 9.87 12.50 -9.32
CA PHE D 127 8.45 12.76 -9.22
C PHE D 127 7.52 11.59 -9.41
N ALA D 128 6.28 11.77 -8.94
CA ALA D 128 5.25 10.77 -9.11
C ALA D 128 4.80 11.05 -10.55
N ARG D 129 4.17 10.06 -11.19
CA ARG D 129 3.73 10.17 -12.58
C ARG D 129 2.29 10.67 -12.75
N THR D 130 2.13 11.98 -12.95
CA THR D 130 0.79 12.57 -13.12
C THR D 130 0.03 11.84 -14.19
N LYS D 131 -1.20 11.43 -13.89
CA LYS D 131 -2.00 10.65 -14.82
C LYS D 131 -3.46 11.11 -15.01
N LEU D 132 -4.04 11.61 -13.93
CA LEU D 132 -5.45 11.98 -13.95
C LEU D 132 -5.80 13.29 -13.30
N LEU D 133 -6.80 13.94 -13.87
CA LEU D 133 -7.30 15.19 -13.32
C LEU D 133 -8.71 14.89 -12.85
N SER D 134 -8.95 15.13 -11.56
CA SER D 134 -10.26 14.89 -10.99
C SER D 134 -10.97 16.22 -10.72
N LEU D 135 -12.21 16.35 -11.21
CA LEU D 135 -13.00 17.57 -10.99
C LEU D 135 -14.22 17.11 -10.18
N GLU D 136 -15.00 18.06 -9.69
CA GLU D 136 -16.17 17.72 -8.90
C GLU D 136 -17.30 18.62 -9.36
N ASN D 137 -18.22 18.10 -10.17
CA ASN D 137 -19.28 18.98 -10.64
C ASN D 137 -20.48 19.02 -9.77
N THR D 138 -20.58 20.23 -9.22
CA THR D 138 -21.50 20.72 -8.23
C THR D 138 -20.53 20.37 -7.15
N HIS D 139 -19.75 21.38 -6.80
CA HIS D 139 -18.76 21.29 -5.76
C HIS D 139 -19.36 22.19 -4.71
N ASN D 140 -19.89 21.57 -3.66
CA ASN D 140 -20.56 22.28 -2.59
C ASN D 140 -21.63 23.17 -3.21
N GLY D 141 -22.49 22.54 -4.02
CA GLY D 141 -23.55 23.28 -4.67
C GLY D 141 -23.13 24.00 -5.93
N LYS D 142 -21.87 24.47 -5.97
CA LYS D 142 -21.36 25.19 -7.13
C LYS D 142 -21.41 24.47 -8.47
N VAL D 143 -21.96 25.13 -9.48
CA VAL D 143 -22.04 24.58 -10.81
C VAL D 143 -20.83 25.09 -11.56
N LEU D 144 -20.02 24.18 -12.11
CA LEU D 144 -18.84 24.55 -12.87
C LEU D 144 -19.29 25.15 -14.20
N PRO D 145 -18.59 26.21 -14.66
CA PRO D 145 -18.96 26.84 -15.93
C PRO D 145 -18.80 25.78 -17.02
N ARG D 146 -19.75 25.73 -17.96
CA ARG D 146 -19.69 24.74 -19.04
C ARG D 146 -18.45 24.84 -19.92
N GLU D 147 -18.06 26.07 -20.26
CA GLU D 147 -16.89 26.27 -21.10
C GLU D 147 -15.66 25.65 -20.47
N TYR D 148 -15.56 25.79 -19.15
CA TYR D 148 -14.43 25.25 -18.42
C TYR D 148 -14.41 23.72 -18.55
N LEU D 149 -15.58 23.11 -18.61
CA LEU D 149 -15.69 21.67 -18.75
C LEU D 149 -15.08 21.21 -20.06
N LYS D 150 -15.24 22.03 -21.10
CA LYS D 150 -14.68 21.68 -22.41
C LYS D 150 -13.19 21.96 -22.41
N GLU D 151 -12.82 23.13 -21.88
CA GLU D 151 -11.42 23.51 -21.80
C GLU D 151 -10.60 22.48 -21.03
N ALA D 152 -11.15 21.95 -19.95
CA ALA D 152 -10.45 20.95 -19.16
C ALA D 152 -10.36 19.62 -19.92
N TRP D 153 -11.36 19.37 -20.76
CA TRP D 153 -11.34 18.15 -21.54
C TRP D 153 -10.27 18.27 -22.61
N GLU D 154 -10.18 19.44 -23.25
CA GLU D 154 -9.18 19.69 -24.30
C GLU D 154 -7.79 19.72 -23.67
N PHE D 155 -7.70 20.30 -22.48
CA PHE D 155 -6.44 20.39 -21.77
C PHE D 155 -5.89 18.99 -21.48
N THR D 156 -6.76 18.09 -21.04
CA THR D 156 -6.29 16.73 -20.75
C THR D 156 -6.03 15.92 -22.03
N ARG D 157 -6.73 16.23 -23.12
CA ARG D 157 -6.46 15.50 -24.36
C ARG D 157 -5.07 15.92 -24.81
N LYS D 158 -4.79 17.23 -24.71
CA LYS D 158 -3.51 17.78 -25.11
C LYS D 158 -2.36 17.18 -24.32
N ARG D 159 -2.38 17.31 -22.99
CA ARG D 159 -1.31 16.80 -22.14
C ARG D 159 -1.44 15.33 -21.75
N ASN D 160 -2.23 14.60 -22.54
CA ASN D 160 -2.51 13.18 -22.34
C ASN D 160 -2.80 12.71 -20.91
N LEU D 161 -3.83 13.28 -20.30
CA LEU D 161 -4.21 12.89 -18.94
C LEU D 161 -5.64 12.37 -18.95
N ALA D 162 -5.96 11.47 -18.03
CA ALA D 162 -7.31 10.97 -17.94
C ALA D 162 -8.12 12.06 -17.25
N LEU D 163 -9.41 12.13 -17.52
CA LEU D 163 -10.25 13.13 -16.88
C LEU D 163 -11.47 12.45 -16.28
N HIS D 164 -11.59 12.60 -14.97
CA HIS D 164 -12.67 12.01 -14.21
C HIS D 164 -13.46 13.09 -13.48
N VAL D 165 -14.78 12.91 -13.41
CA VAL D 165 -15.66 13.87 -12.75
C VAL D 165 -16.46 13.18 -11.64
N ASP D 166 -16.36 13.71 -10.42
CA ASP D 166 -17.11 13.19 -9.27
C ASP D 166 -18.43 13.90 -9.45
N GLY D 167 -19.46 13.14 -9.84
CA GLY D 167 -20.76 13.75 -10.07
C GLY D 167 -21.82 13.33 -9.07
N ALA D 168 -21.48 13.36 -7.79
CA ALA D 168 -22.45 12.98 -6.76
C ALA D 168 -23.75 13.79 -6.94
N ARG D 169 -23.61 15.03 -7.39
CA ARG D 169 -24.76 15.90 -7.62
C ARG D 169 -24.65 16.45 -9.04
N ILE D 170 -24.33 15.57 -9.98
CA ILE D 170 -24.16 16.00 -11.37
C ILE D 170 -25.50 16.41 -11.98
N PHE D 171 -26.58 15.82 -11.49
CA PHE D 171 -27.91 16.14 -11.99
C PHE D 171 -28.36 17.52 -11.50
N ASN D 172 -27.81 17.96 -10.38
CA ASN D 172 -28.15 19.29 -9.88
C ASN D 172 -27.51 20.27 -10.85
N ALA D 173 -26.36 19.88 -11.38
CA ALA D 173 -25.65 20.72 -12.32
C ALA D 173 -26.34 20.73 -13.69
N VAL D 174 -26.74 19.55 -14.16
CA VAL D 174 -27.43 19.40 -15.46
C VAL D 174 -28.72 20.23 -15.48
N VAL D 175 -29.54 20.07 -14.45
CA VAL D 175 -30.79 20.83 -14.35
C VAL D 175 -30.48 22.33 -14.30
N ALA D 176 -29.33 22.69 -13.75
CA ALA D 176 -28.96 24.09 -13.68
C ALA D 176 -28.56 24.57 -15.08
N TYR D 177 -27.80 23.74 -15.79
CA TYR D 177 -27.34 24.05 -17.14
C TYR D 177 -28.52 24.14 -18.09
N GLY D 178 -29.47 23.25 -17.89
CA GLY D 178 -30.65 23.21 -18.73
C GLY D 178 -30.39 22.41 -20.00
N CYS D 179 -29.37 21.57 -19.97
CA CYS D 179 -29.00 20.77 -21.13
C CYS D 179 -29.22 19.29 -20.86
N GLU D 180 -28.75 18.44 -21.77
CA GLU D 180 -28.87 17.01 -21.58
C GLU D 180 -27.59 16.53 -20.90
N LEU D 181 -27.67 15.38 -20.24
CA LEU D 181 -26.50 14.85 -19.56
C LEU D 181 -25.35 14.54 -20.52
N LYS D 182 -25.67 14.02 -21.70
CA LYS D 182 -24.59 13.68 -22.63
C LYS D 182 -23.76 14.88 -23.08
N GLU D 183 -24.33 16.08 -23.04
CA GLU D 183 -23.61 17.28 -23.47
C GLU D 183 -22.47 17.71 -22.54
N ILE D 184 -22.47 17.23 -21.31
CA ILE D 184 -21.37 17.57 -20.40
C ILE D 184 -20.54 16.32 -20.11
N THR D 185 -21.18 15.17 -20.11
CA THR D 185 -20.47 13.93 -19.83
C THR D 185 -19.54 13.56 -21.01
N GLN D 186 -19.76 14.19 -22.15
CA GLN D 186 -18.94 13.94 -23.32
C GLN D 186 -17.57 14.56 -23.09
N TYR D 187 -17.45 15.34 -22.01
CA TYR D 187 -16.20 16.01 -21.68
C TYR D 187 -15.40 15.38 -20.54
N CYS D 188 -15.54 14.08 -20.34
CA CYS D 188 -14.81 13.36 -19.30
C CYS D 188 -14.63 11.93 -19.77
N ASP D 189 -13.71 11.21 -19.13
CA ASP D 189 -13.44 9.83 -19.49
C ASP D 189 -14.29 8.91 -18.61
N SER D 190 -14.63 9.42 -17.43
CA SER D 190 -15.42 8.67 -16.46
C SER D 190 -16.06 9.68 -15.52
N PHE D 191 -17.22 9.32 -14.99
CA PHE D 191 -17.91 10.18 -14.04
C PHE D 191 -18.69 9.23 -13.15
N THR D 192 -19.05 9.72 -11.97
CA THR D 192 -19.82 8.94 -11.01
C THR D 192 -21.18 9.59 -10.89
N ILE D 193 -22.11 8.86 -10.30
CA ILE D 193 -23.46 9.38 -10.03
C ILE D 193 -23.92 8.86 -8.67
N CYS D 194 -24.34 9.76 -7.78
CA CYS D 194 -24.89 9.29 -6.51
C CYS D 194 -26.39 9.34 -6.67
N LEU D 195 -27.02 8.22 -6.32
CA LEU D 195 -28.45 8.06 -6.42
C LEU D 195 -29.13 8.26 -5.09
N SER D 196 -28.35 8.21 -4.03
CA SER D 196 -28.83 8.33 -2.65
C SER D 196 -28.92 9.73 -2.06
N GLY D 198 -29.93 13.89 -3.70
CA GLY D 198 -31.08 14.54 -4.31
C GLY D 198 -32.01 13.58 -5.05
N LEU D 199 -31.46 12.56 -5.69
CA LEU D 199 -32.28 11.61 -6.43
C LEU D 199 -33.11 10.75 -5.48
N GLY D 200 -32.68 10.74 -4.22
CA GLY D 200 -33.39 10.04 -3.17
C GLY D 200 -33.58 8.54 -3.12
N THR D 201 -32.51 7.76 -3.29
CA THR D 201 -32.68 6.31 -3.16
C THR D 201 -32.07 6.03 -1.79
N PRO D 202 -32.25 4.81 -1.26
CA PRO D 202 -31.69 4.48 0.05
C PRO D 202 -30.20 4.25 -0.05
N VAL D 203 -29.80 3.62 -1.14
CA VAL D 203 -28.41 3.28 -1.37
C VAL D 203 -28.01 3.43 -2.84
N GLY D 204 -26.70 3.56 -3.08
CA GLY D 204 -26.25 3.60 -4.45
C GLY D 204 -25.59 4.76 -5.16
N SER D 205 -24.59 4.37 -5.95
CA SER D 205 -23.82 5.24 -6.82
C SER D 205 -23.44 4.43 -8.07
N LEU D 206 -23.10 5.14 -9.12
CA LEU D 206 -22.69 4.46 -10.34
C LEU D 206 -21.39 5.09 -10.83
N LEU D 207 -20.52 4.27 -11.40
CA LEU D 207 -19.26 4.76 -11.99
C LEU D 207 -19.50 4.45 -13.47
N VAL D 208 -19.30 5.41 -14.35
CA VAL D 208 -19.58 5.19 -15.74
C VAL D 208 -18.39 5.49 -16.66
N GLY D 209 -18.09 4.57 -17.59
CA GLY D 209 -16.98 4.79 -18.51
C GLY D 209 -16.83 3.79 -19.65
N ASN D 210 -15.64 3.76 -20.26
CA ASN D 210 -15.34 2.82 -21.35
C ASN D 210 -15.45 1.42 -20.76
N ARG D 211 -15.83 0.45 -21.59
CA ARG D 211 -16.01 -0.91 -21.14
C ARG D 211 -14.77 -1.57 -20.55
N ASP D 212 -13.59 -1.30 -21.10
CA ASP D 212 -12.38 -1.91 -20.56
C ASP D 212 -12.03 -1.27 -19.19
N TYR D 213 -12.19 0.05 -19.09
CA TYR D 213 -11.94 0.78 -17.86
C TYR D 213 -12.88 0.24 -16.77
N ILE D 214 -14.16 0.12 -17.12
CA ILE D 214 -15.14 -0.41 -16.18
C ILE D 214 -14.86 -1.87 -15.85
N LYS D 215 -14.19 -2.59 -16.75
CA LYS D 215 -13.88 -3.99 -16.46
C LYS D 215 -12.88 -4.06 -15.33
N ARG D 216 -11.94 -3.13 -15.28
CA ARG D 216 -10.95 -3.12 -14.21
C ARG D 216 -11.72 -2.79 -12.93
N ALA D 217 -12.61 -1.80 -13.03
CA ALA D 217 -13.44 -1.34 -11.91
C ALA D 217 -14.17 -2.49 -11.25
N ILE D 218 -14.75 -3.38 -12.05
CA ILE D 218 -15.43 -4.53 -11.48
C ILE D 218 -14.47 -5.28 -10.59
N ARG D 219 -13.22 -5.46 -11.05
CA ARG D 219 -12.21 -6.14 -10.25
C ARG D 219 -11.93 -5.38 -8.95
N TRP D 220 -11.72 -4.08 -9.06
CA TRP D 220 -11.44 -3.25 -7.89
C TRP D 220 -12.64 -3.23 -6.94
N ARG D 221 -13.85 -3.28 -7.50
CA ARG D 221 -15.07 -3.28 -6.69
C ARG D 221 -15.16 -4.55 -5.82
N LYS D 222 -14.83 -5.69 -6.39
CA LYS D 222 -14.86 -6.95 -5.65
C LYS D 222 -13.86 -6.89 -4.50
N MET D 223 -12.64 -6.48 -4.83
CA MET D 223 -11.60 -6.39 -3.83
C MET D 223 -11.90 -5.42 -2.68
N THR D 224 -12.57 -4.31 -3.00
CA THR D 224 -12.92 -3.32 -1.99
C THR D 224 -14.21 -3.71 -1.26
N GLY D 225 -14.75 -4.88 -1.61
CA GLY D 225 -15.94 -5.39 -0.97
C GLY D 225 -17.31 -4.89 -1.41
N GLY D 226 -17.44 -4.48 -2.68
CA GLY D 226 -18.71 -3.97 -3.19
C GLY D 226 -19.46 -4.89 -4.13
N GLY D 227 -19.07 -6.16 -4.14
CA GLY D 227 -19.71 -7.13 -5.01
C GLY D 227 -20.90 -7.78 -4.36
N MET D 228 -22.05 -7.13 -4.49
CA MET D 228 -23.26 -7.66 -3.87
C MET D 228 -23.97 -8.77 -4.62
N ARG D 229 -24.88 -9.42 -3.92
CA ARG D 229 -25.63 -10.53 -4.51
C ARG D 229 -26.89 -10.11 -5.23
N GLN D 230 -28.02 -10.08 -4.53
CA GLN D 230 -29.28 -9.70 -5.16
C GLN D 230 -29.49 -8.19 -5.01
N SER D 231 -28.56 -7.39 -5.54
CA SER D 231 -28.67 -5.93 -5.43
C SER D 231 -29.68 -5.27 -6.36
N GLY D 232 -30.39 -6.08 -7.15
CA GLY D 232 -31.40 -5.52 -8.02
C GLY D 232 -32.46 -4.78 -7.21
N ILE D 233 -32.63 -5.15 -5.94
CA ILE D 233 -33.61 -4.50 -5.09
C ILE D 233 -33.25 -3.01 -5.02
N LEU D 234 -31.97 -2.73 -4.81
CA LEU D 234 -31.44 -1.38 -4.70
C LEU D 234 -31.39 -0.69 -6.06
N ALA D 235 -30.97 -1.40 -7.10
CA ALA D 235 -30.89 -0.84 -8.45
C ALA D 235 -32.26 -0.38 -8.99
N ALA D 236 -33.35 -1.05 -8.60
CA ALA D 236 -34.67 -0.61 -9.07
C ALA D 236 -34.94 0.82 -8.56
N ALA D 237 -34.49 1.11 -7.34
CA ALA D 237 -34.68 2.45 -6.79
C ALA D 237 -33.99 3.43 -7.71
N GLY D 238 -32.83 3.02 -8.20
CA GLY D 238 -32.03 3.85 -9.09
C GLY D 238 -32.73 4.18 -10.40
N MET D 239 -33.34 3.19 -11.03
CA MET D 239 -34.06 3.41 -12.29
C MET D 239 -35.21 4.35 -12.04
N TYR D 240 -36.04 4.02 -11.06
CA TYR D 240 -37.16 4.88 -10.72
C TYR D 240 -36.67 6.32 -10.59
N ALA D 241 -35.65 6.53 -9.78
CA ALA D 241 -35.10 7.85 -9.54
C ALA D 241 -34.62 8.59 -10.79
N LEU D 242 -33.97 7.88 -11.70
CA LEU D 242 -33.51 8.53 -12.90
C LEU D 242 -34.69 8.86 -13.82
N LYS D 243 -35.76 8.10 -13.70
CA LYS D 243 -36.95 8.31 -14.51
C LYS D 243 -37.82 9.42 -13.96
N ASN D 244 -38.05 9.40 -12.65
CA ASN D 244 -38.93 10.35 -12.03
C ASN D 244 -38.37 11.47 -11.15
N ASN D 245 -37.15 11.32 -10.62
CA ASN D 245 -36.63 12.33 -9.72
C ASN D 245 -35.60 13.34 -10.21
N VAL D 246 -35.35 13.39 -11.51
CA VAL D 246 -34.38 14.33 -12.00
C VAL D 246 -34.98 15.73 -12.14
N ALA D 247 -36.04 15.84 -12.92
CA ALA D 247 -36.68 17.13 -13.17
C ALA D 247 -37.00 17.96 -11.94
N ARG D 248 -37.47 17.30 -10.89
CA ARG D 248 -37.83 18.03 -9.70
C ARG D 248 -36.70 18.68 -8.95
N LEU D 249 -35.46 18.37 -9.30
CA LEU D 249 -34.33 18.97 -8.59
C LEU D 249 -34.44 20.49 -8.69
N GLN D 250 -35.18 20.95 -9.69
CA GLN D 250 -35.37 22.38 -9.87
C GLN D 250 -36.11 22.97 -8.65
N GLU D 251 -36.95 22.15 -8.04
CA GLU D 251 -37.75 22.55 -6.89
C GLU D 251 -36.86 22.85 -5.68
N ASP D 252 -35.87 21.99 -5.44
CA ASP D 252 -34.96 22.21 -4.31
C ASP D 252 -34.14 23.46 -4.59
N HIS D 253 -33.89 23.72 -5.87
CA HIS D 253 -33.12 24.90 -6.22
C HIS D 253 -33.92 26.12 -5.88
N ASP D 254 -35.16 26.20 -6.38
CA ASP D 254 -36.04 27.33 -6.10
C ASP D 254 -36.28 27.51 -4.61
N ASN D 255 -36.29 26.40 -3.87
CA ASN D 255 -36.51 26.50 -2.43
C ASN D 255 -35.29 27.13 -1.77
N THR D 256 -34.09 26.79 -2.26
CA THR D 256 -32.88 27.35 -1.70
C THR D 256 -32.84 28.82 -2.02
N ALA D 257 -33.17 29.16 -3.26
CA ALA D 257 -33.18 30.54 -3.67
C ALA D 257 -34.11 31.29 -2.71
N TRP D 258 -35.33 30.77 -2.55
CA TRP D 258 -36.33 31.37 -1.68
C TRP D 258 -35.81 31.58 -0.26
N MET D 259 -35.41 30.48 0.36
CA MET D 259 -34.90 30.50 1.71
C MET D 259 -33.80 31.56 1.91
N ALA D 260 -32.84 31.60 0.99
CA ALA D 260 -31.73 32.56 1.08
C ALA D 260 -32.22 33.99 1.20
N GLU D 261 -33.28 34.33 0.49
CA GLU D 261 -33.84 35.67 0.53
C GLU D 261 -34.44 35.91 1.91
N GLN D 262 -35.20 34.93 2.39
CA GLN D 262 -35.83 35.05 3.68
C GLN D 262 -34.81 35.33 4.78
N LEU D 263 -33.85 34.42 4.92
CA LEU D 263 -32.84 34.58 5.96
C LEU D 263 -32.16 35.93 5.80
N ARG D 264 -32.04 36.38 4.55
CA ARG D 264 -31.42 37.64 4.28
C ARG D 264 -32.16 38.75 4.99
N GLU D 265 -33.45 38.88 4.67
CA GLU D 265 -34.31 39.91 5.25
C GLU D 265 -34.49 39.75 6.76
N ALA D 266 -34.35 38.52 7.25
CA ALA D 266 -34.47 38.27 8.68
C ALA D 266 -33.20 38.70 9.41
N GLY D 267 -32.31 39.36 8.67
CA GLY D 267 -31.07 39.82 9.27
C GLY D 267 -29.99 38.76 9.32
N ALA D 268 -30.14 37.69 8.55
CA ALA D 268 -29.11 36.66 8.55
C ALA D 268 -28.05 37.00 7.52
N ASP D 269 -26.81 36.57 7.79
CA ASP D 269 -25.69 36.82 6.90
C ASP D 269 -25.48 35.63 5.95
N VAL D 270 -26.26 35.61 4.88
CA VAL D 270 -26.16 34.55 3.90
C VAL D 270 -24.89 34.76 3.08
N MET D 271 -23.91 33.87 3.25
CA MET D 271 -22.66 33.99 2.52
C MET D 271 -22.73 33.62 1.05
N ARG D 272 -23.39 32.52 0.75
CA ARG D 272 -23.46 32.06 -0.63
C ARG D 272 -24.65 31.11 -0.83
N GLN D 273 -25.23 31.16 -2.03
CA GLN D 273 -26.35 30.29 -2.37
C GLN D 273 -26.08 29.66 -3.73
N ASP D 274 -26.07 28.34 -3.78
CA ASP D 274 -25.81 27.60 -5.01
C ASP D 274 -26.64 26.34 -5.08
N THR D 275 -27.35 26.18 -6.18
CA THR D 275 -28.26 25.04 -6.41
C THR D 275 -29.08 24.69 -5.16
N ASN D 276 -28.86 23.52 -4.57
CA ASN D 276 -29.65 23.17 -3.39
C ASN D 276 -28.92 23.42 -2.08
N MET D 277 -28.06 24.43 -2.04
CA MET D 277 -27.31 24.70 -0.82
C MET D 277 -27.14 26.17 -0.51
N LEU D 278 -27.01 26.50 0.76
CA LEU D 278 -26.78 27.88 1.16
C LEU D 278 -26.03 27.89 2.49
N PHE D 279 -25.06 28.78 2.58
CA PHE D 279 -24.22 28.91 3.76
C PHE D 279 -24.53 30.22 4.46
N VAL D 280 -24.53 30.15 5.78
CA VAL D 280 -24.85 31.28 6.63
C VAL D 280 -23.76 31.49 7.65
N ARG D 281 -23.30 32.73 7.80
CA ARG D 281 -22.30 32.99 8.82
C ARG D 281 -23.06 33.15 10.14
N VAL D 282 -22.85 32.24 11.07
CA VAL D 282 -23.55 32.29 12.34
C VAL D 282 -22.61 32.68 13.50
N GLY D 283 -21.33 32.32 13.38
CA GLY D 283 -20.36 32.66 14.40
C GLY D 283 -20.06 31.63 15.46
N GLU D 284 -18.89 31.75 16.08
CA GLU D 284 -18.49 30.80 17.13
C GLU D 284 -19.39 30.97 18.36
N GLU D 285 -19.92 32.18 18.52
CA GLU D 285 -20.77 32.51 19.65
C GLU D 285 -22.19 32.00 19.58
N ASN D 286 -22.68 31.72 18.38
CA ASN D 286 -24.06 31.25 18.23
C ASN D 286 -24.13 29.81 17.72
N ALA D 287 -23.01 29.32 17.21
CA ALA D 287 -22.97 27.97 16.66
C ALA D 287 -23.85 27.04 17.47
N ALA D 288 -23.41 26.72 18.69
CA ALA D 288 -24.15 25.81 19.56
C ALA D 288 -25.60 26.25 19.84
N ALA D 289 -25.76 27.50 20.25
CA ALA D 289 -27.06 28.04 20.54
C ALA D 289 -28.08 27.70 19.45
N LEU D 290 -27.77 28.11 18.23
CA LEU D 290 -28.63 27.90 17.07
C LEU D 290 -29.00 26.43 16.86
N GLY D 291 -28.01 25.55 16.87
CA GLY D 291 -28.31 24.15 16.68
C GLY D 291 -29.33 23.64 17.68
N GLU D 292 -29.11 23.96 18.97
CA GLU D 292 -30.00 23.52 20.02
C GLU D 292 -31.39 24.08 19.83
N TYR D 293 -31.44 25.39 19.61
CA TYR D 293 -32.68 26.10 19.38
C TYR D 293 -33.48 25.38 18.29
N MET D 294 -32.84 25.21 17.14
CA MET D 294 -33.52 24.53 16.03
C MET D 294 -33.92 23.12 16.41
N LYS D 295 -33.08 22.42 17.16
CA LYS D 295 -33.39 21.04 17.53
C LYS D 295 -34.64 20.94 18.38
N ALA D 296 -34.80 21.86 19.33
CA ALA D 296 -35.97 21.86 20.19
C ALA D 296 -37.22 22.04 19.33
N ARG D 297 -37.04 22.61 18.16
CA ARG D 297 -38.17 22.83 17.25
C ARG D 297 -38.29 21.77 16.17
N ASN D 298 -37.62 20.65 16.38
CA ASN D 298 -37.66 19.56 15.43
C ASN D 298 -36.94 19.90 14.11
N VAL D 299 -36.00 20.84 14.14
CA VAL D 299 -35.25 21.20 12.92
C VAL D 299 -33.78 20.80 13.06
N LEU D 300 -33.38 19.84 12.23
CA LEU D 300 -32.03 19.31 12.22
C LEU D 300 -31.06 20.04 11.29
N ILE D 301 -30.00 20.59 11.87
CA ILE D 301 -29.00 21.27 11.07
C ILE D 301 -27.65 20.97 11.67
N ASN D 302 -26.61 21.07 10.85
CA ASN D 302 -25.24 20.83 11.29
C ASN D 302 -24.68 22.17 11.80
N ALA D 303 -24.74 22.35 13.11
CA ALA D 303 -24.26 23.59 13.71
C ALA D 303 -22.75 23.81 13.52
N SER D 304 -22.37 25.07 13.38
CA SER D 304 -20.97 25.46 13.21
C SER D 304 -20.92 26.96 12.88
N PRO D 305 -19.75 27.59 13.03
CA PRO D 305 -19.65 29.03 12.74
C PRO D 305 -20.28 29.36 11.39
N ILE D 306 -20.21 28.43 10.44
CA ILE D 306 -20.83 28.61 9.12
C ILE D 306 -21.74 27.40 8.86
N VAL D 307 -23.03 27.64 8.91
CA VAL D 307 -23.98 26.57 8.71
C VAL D 307 -24.32 26.36 7.26
N ARG D 308 -24.35 25.09 6.86
CA ARG D 308 -24.71 24.72 5.50
C ARG D 308 -26.09 24.11 5.54
N LEU D 309 -27.03 24.72 4.84
CA LEU D 309 -28.38 24.17 4.77
C LEU D 309 -28.50 23.55 3.38
N VAL D 310 -28.98 22.30 3.31
CA VAL D 310 -29.17 21.63 2.02
C VAL D 310 -30.65 21.31 1.84
N THR D 311 -31.21 21.58 0.66
CA THR D 311 -32.62 21.30 0.39
C THR D 311 -32.74 20.01 -0.45
N HIS D 312 -33.85 19.31 -0.31
CA HIS D 312 -34.06 18.05 -1.01
C HIS D 312 -35.55 17.71 -1.14
N LEU D 313 -35.86 16.56 -1.74
CA LEU D 313 -37.26 16.18 -1.91
C LEU D 313 -38.03 15.99 -0.61
N ASP D 314 -37.34 15.87 0.52
CA ASP D 314 -38.01 15.70 1.80
C ASP D 314 -38.16 16.99 2.61
N VAL D 315 -37.98 18.14 1.97
CA VAL D 315 -38.13 19.43 2.64
C VAL D 315 -39.01 20.26 1.72
N SER D 316 -40.18 20.65 2.20
CA SER D 316 -41.12 21.44 1.40
C SER D 316 -40.85 22.92 1.63
N ARG D 317 -41.42 23.78 0.79
CA ARG D 317 -41.22 25.20 1.01
C ARG D 317 -41.88 25.57 2.33
N ALA D 318 -43.06 25.01 2.56
CA ALA D 318 -43.81 25.29 3.77
C ALA D 318 -42.98 25.11 5.03
N GLN D 319 -42.16 24.06 5.08
CA GLN D 319 -41.34 23.82 6.27
C GLN D 319 -40.24 24.87 6.37
N LEU D 320 -39.69 25.26 5.22
CA LEU D 320 -38.64 26.26 5.17
C LEU D 320 -39.20 27.57 5.69
N ALA D 321 -40.48 27.78 5.44
CA ALA D 321 -41.16 28.98 5.90
C ALA D 321 -41.06 28.99 7.44
N GLU D 322 -41.17 27.81 8.04
CA GLU D 322 -41.09 27.67 9.48
C GLU D 322 -39.67 28.01 9.94
N VAL D 323 -38.69 27.38 9.31
CA VAL D 323 -37.28 27.60 9.65
C VAL D 323 -36.89 29.09 9.65
N ALA D 324 -37.27 29.80 8.58
CA ALA D 324 -36.93 31.22 8.46
C ALA D 324 -37.54 31.99 9.64
N ALA D 325 -38.74 31.61 10.03
CA ALA D 325 -39.44 32.25 11.14
C ALA D 325 -38.64 32.10 12.44
N HIS D 326 -38.19 30.88 12.70
CA HIS D 326 -37.41 30.57 13.89
C HIS D 326 -36.06 31.27 13.90
N TRP D 327 -35.39 31.27 12.75
CA TRP D 327 -34.09 31.90 12.62
C TRP D 327 -34.23 33.39 12.98
N ARG D 328 -35.28 34.02 12.46
CA ARG D 328 -35.51 35.44 12.74
C ARG D 328 -35.59 35.56 14.26
N ALA D 329 -36.55 34.86 14.84
CA ALA D 329 -36.75 34.84 16.29
C ALA D 329 -35.38 34.69 16.98
N PHE D 330 -34.60 33.71 16.52
CA PHE D 330 -33.29 33.44 17.08
C PHE D 330 -32.40 34.70 17.10
N LEU D 331 -32.46 35.48 16.03
CA LEU D 331 -31.64 36.67 15.94
C LEU D 331 -32.24 37.82 16.72
N ALA D 332 -33.41 37.60 17.30
CA ALA D 332 -34.04 38.64 18.11
C ALA D 332 -33.85 38.37 19.61
#